data_4C8R
#
_entry.id   4C8R
#
_cell.length_a   195.744
_cell.length_b   91.659
_cell.length_c   167.132
_cell.angle_alpha   90.00
_cell.angle_beta   90.00
_cell.angle_gamma   90.00
#
_symmetry.space_group_name_H-M   'P 21 21 21'
#
loop_
_entity.id
_entity.type
_entity.pdbx_description
1 polymer 'GAMMA-BUTYROBETAINE DIOXYGENASE'
2 non-polymer 'NICKEL (II) ION'
3 non-polymer 'ZINC ION'
4 non-polymer N-(3-hydroxypicolinoyl)-S-(pyridin-2-ylmethyl)-L-cysteine
5 non-polymer 1,2-ETHANEDIOL
6 water water
#
_entity_poly.entity_id   1
_entity_poly.type   'polypeptide(L)'
_entity_poly.pdbx_seq_one_letter_code
;SMACTIQKAEALDGAHLMQILWYDEEESLYPAVWLRDNCPCSDCYLDSAKARKLLVEALDVNIGIKGLIFDRKKVYITWP
DEHYSEFQADWLKKRCFSKQARAKLQRELFFPECQYWGSELQLPTLDFEDVLRYDEHAYKWLSTLKKVGIVRLTGASDKP
GEVSKLGKRMGFLYLTFYGHTWQVQDKIDANNVAYTTGKLSFHTDYPALHHPPGVQLLHCIKQTVTGGDSEIVDGFNVCQ
KLKKNNPQAFQILSSTFVDFTDIGVDYCDFSVQSKHKIIELDDKGQVVRINFNNATRDTIFDVPVERVQPFYAALKEFVD
LMNSKESKFTFKMNPGDVITFDNWRLLHGRRSYEAGTEISRHLEGAYADWDVVMSRLRILRQRVENGN
;
_entity_poly.pdbx_strand_id   A,B,C,D,E,F
#
# COMPACT_ATOMS: atom_id res chain seq x y z
N MET A 2 13.15 49.78 -0.18
CA MET A 2 14.48 49.14 -0.46
C MET A 2 14.33 47.69 -0.92
N ALA A 3 13.28 47.02 -0.46
CA ALA A 3 13.05 45.64 -0.82
C ALA A 3 12.48 45.58 -2.24
N CYS A 4 11.94 46.71 -2.68
CA CYS A 4 11.35 46.83 -4.00
C CYS A 4 12.34 47.55 -4.90
N THR A 5 13.62 47.57 -4.50
CA THR A 5 14.66 48.23 -5.28
C THR A 5 15.60 47.18 -5.87
N ILE A 6 15.72 47.18 -7.19
CA ILE A 6 16.57 46.23 -7.87
C ILE A 6 18.01 46.67 -7.93
N GLN A 7 18.91 45.79 -7.53
CA GLN A 7 20.33 46.10 -7.58
C GLN A 7 20.89 45.46 -8.83
N LYS A 8 20.49 44.22 -9.09
CA LYS A 8 20.93 43.51 -10.29
C LYS A 8 19.83 42.58 -10.82
N ALA A 9 19.73 42.50 -12.14
CA ALA A 9 18.74 41.66 -12.79
C ALA A 9 19.36 41.12 -14.06
N GLU A 10 19.40 39.80 -14.16
CA GLU A 10 20.00 39.14 -15.31
C GLU A 10 19.11 38.02 -15.84
N ALA A 11 19.35 37.66 -17.08
CA ALA A 11 18.59 36.58 -17.69
C ALA A 11 19.54 35.38 -17.73
N LEU A 12 19.48 34.54 -16.69
CA LEU A 12 20.34 33.36 -16.60
C LEU A 12 20.37 32.57 -17.90
N ASP A 13 21.51 31.90 -18.15
CA ASP A 13 21.68 31.11 -19.37
C ASP A 13 20.44 30.31 -19.75
N GLY A 14 20.14 30.27 -21.04
CA GLY A 14 18.96 29.56 -21.48
C GLY A 14 17.91 30.62 -21.67
N ALA A 15 18.05 31.72 -20.93
CA ALA A 15 17.11 32.84 -21.01
C ALA A 15 15.68 32.44 -20.66
N HIS A 16 15.54 31.29 -19.99
CA HIS A 16 14.23 30.76 -19.60
C HIS A 16 13.85 31.16 -18.18
N LEU A 17 14.71 31.96 -17.56
CA LEU A 17 14.50 32.40 -16.19
C LEU A 17 15.20 33.76 -15.98
N MET A 18 14.65 34.57 -15.11
CA MET A 18 15.23 35.88 -14.81
C MET A 18 15.58 35.95 -13.33
N GLN A 19 16.84 36.22 -13.01
CA GLN A 19 17.22 36.31 -11.61
C GLN A 19 17.37 37.77 -11.22
N ILE A 20 16.78 38.15 -10.09
CA ILE A 20 16.85 39.53 -9.64
C ILE A 20 17.29 39.56 -8.19
N LEU A 21 18.23 40.47 -7.91
CA LEU A 21 18.78 40.66 -6.58
C LEU A 21 18.42 42.08 -6.10
N TRP A 22 17.68 42.16 -5.00
CA TRP A 22 17.23 43.42 -4.42
C TRP A 22 18.31 44.03 -3.52
N TYR A 23 18.22 45.33 -3.26
CA TYR A 23 19.21 45.98 -2.39
C TYR A 23 19.26 45.39 -0.99
N ASP A 24 18.31 44.53 -0.67
CA ASP A 24 18.20 43.88 0.65
C ASP A 24 18.84 42.51 0.66
N GLU A 25 19.58 42.18 -0.39
CA GLU A 25 20.23 40.86 -0.43
C GLU A 25 19.46 39.59 -0.74
N GLU A 26 18.25 39.67 -1.19
CA GLU A 26 17.40 38.50 -1.43
C GLU A 26 17.35 38.35 -2.96
N GLU A 27 17.33 37.11 -3.45
CA GLU A 27 17.28 36.85 -4.89
C GLU A 27 15.98 36.15 -5.29
N SER A 28 15.25 36.80 -6.21
CA SER A 28 13.96 36.28 -6.70
C SER A 28 14.05 35.73 -8.11
N LEU A 29 13.47 34.56 -8.34
CA LEU A 29 13.48 33.95 -9.67
C LEU A 29 12.15 34.09 -10.40
N TYR A 30 12.20 34.27 -11.71
CA TYR A 30 10.98 34.41 -12.50
C TYR A 30 11.11 33.69 -13.83
N PRO A 31 10.15 32.80 -14.14
CA PRO A 31 10.19 32.06 -15.41
C PRO A 31 9.86 32.98 -16.60
N ALA A 32 10.60 32.84 -17.70
CA ALA A 32 10.39 33.67 -18.89
C ALA A 32 8.97 33.61 -19.44
N VAL A 33 8.42 32.40 -19.50
CA VAL A 33 7.09 32.22 -20.04
C VAL A 33 6.05 32.97 -19.20
N TRP A 34 6.28 33.04 -17.90
CA TRP A 34 5.34 33.75 -17.02
C TRP A 34 5.38 35.25 -17.27
N LEU A 35 6.59 35.79 -17.36
CA LEU A 35 6.81 37.20 -17.63
C LEU A 35 6.14 37.54 -18.95
N ARG A 36 6.42 36.74 -19.97
CA ARG A 36 5.84 37.01 -21.28
C ARG A 36 4.32 36.91 -21.27
N ASP A 37 3.74 36.08 -20.40
CA ASP A 37 2.28 35.88 -20.30
C ASP A 37 1.58 37.05 -19.62
N ASN A 38 2.26 37.64 -18.66
CA ASN A 38 1.66 38.75 -17.94
C ASN A 38 2.28 40.10 -18.30
N CYS A 39 2.56 40.29 -19.59
CA CYS A 39 3.13 41.54 -20.09
C CYS A 39 2.13 42.68 -19.88
N PRO A 40 2.56 43.77 -19.21
CA PRO A 40 1.74 44.94 -18.91
C PRO A 40 1.30 45.77 -20.12
N CYS A 41 2.04 45.64 -21.23
CA CYS A 41 1.79 46.37 -22.46
C CYS A 41 0.32 46.33 -22.86
N SER A 42 -0.22 47.49 -23.25
CA SER A 42 -1.63 47.60 -23.63
C SER A 42 -2.06 46.57 -24.65
N ASP A 43 -1.13 46.15 -25.48
CA ASP A 43 -1.42 45.19 -26.54
C ASP A 43 -1.70 43.80 -25.97
N CYS A 44 -1.23 43.56 -24.75
CA CYS A 44 -1.39 42.27 -24.08
C CYS A 44 -2.30 42.28 -22.87
N TYR A 45 -2.23 43.36 -22.11
CA TYR A 45 -3.02 43.48 -20.90
C TYR A 45 -4.01 44.61 -20.98
N LEU A 46 -5.13 44.45 -20.28
CA LEU A 46 -6.17 45.45 -20.25
C LEU A 46 -6.19 46.01 -18.84
N ASP A 47 -5.32 46.99 -18.60
CA ASP A 47 -5.20 47.61 -17.28
C ASP A 47 -6.51 47.95 -16.57
N SER A 48 -7.34 48.80 -17.21
CA SER A 48 -8.62 49.24 -16.66
C SER A 48 -9.49 48.13 -16.07
N ALA A 49 -9.49 46.98 -16.73
CA ALA A 49 -10.27 45.83 -16.31
C ALA A 49 -9.45 44.77 -15.56
N LYS A 50 -8.13 44.88 -15.63
CA LYS A 50 -7.24 43.93 -14.99
C LYS A 50 -7.41 42.54 -15.60
N ALA A 51 -7.72 42.52 -16.89
CA ALA A 51 -7.92 41.28 -17.62
C ALA A 51 -6.86 41.08 -18.70
N ARG A 52 -6.49 39.82 -18.93
CA ARG A 52 -5.49 39.49 -19.93
C ARG A 52 -6.15 39.45 -21.31
N LYS A 53 -5.55 40.11 -22.28
CA LYS A 53 -6.12 40.09 -23.62
C LYS A 53 -5.28 39.26 -24.57
N LEU A 54 -4.14 38.81 -24.06
CA LEU A 54 -3.22 37.97 -24.82
C LEU A 54 -3.72 36.53 -24.87
N LEU A 55 -3.84 35.96 -26.06
CA LEU A 55 -4.29 34.57 -26.19
C LEU A 55 -3.20 33.56 -25.92
N VAL A 56 -3.60 32.40 -25.41
CA VAL A 56 -2.69 31.32 -25.10
C VAL A 56 -2.05 30.82 -26.38
N GLU A 57 -2.81 30.87 -27.46
CA GLU A 57 -2.31 30.42 -28.75
C GLU A 57 -1.11 31.25 -29.21
N ALA A 58 -0.99 32.46 -28.67
CA ALA A 58 0.09 33.36 -29.03
C ALA A 58 1.27 33.32 -28.06
N LEU A 59 1.21 32.39 -27.12
CA LEU A 59 2.25 32.29 -26.13
C LEU A 59 3.14 31.08 -26.36
N ASP A 60 4.43 31.30 -26.63
CA ASP A 60 5.35 30.18 -26.83
C ASP A 60 5.82 29.72 -25.45
N VAL A 61 5.43 28.51 -25.07
CA VAL A 61 5.82 27.97 -23.78
C VAL A 61 7.31 27.71 -23.71
N ASN A 62 8.00 27.82 -24.83
CA ASN A 62 9.44 27.56 -24.83
C ASN A 62 10.24 28.82 -25.08
N ILE A 63 9.59 29.95 -24.84
CA ILE A 63 10.20 31.25 -25.04
C ILE A 63 11.26 31.60 -23.98
N GLY A 64 12.18 32.48 -24.38
CA GLY A 64 13.23 32.92 -23.49
C GLY A 64 13.42 34.41 -23.69
N ILE A 65 14.17 35.02 -22.79
CA ILE A 65 14.45 36.47 -22.86
C ILE A 65 15.58 36.73 -23.87
N LYS A 66 15.35 37.64 -24.81
CA LYS A 66 16.37 37.97 -25.80
C LYS A 66 17.42 38.89 -25.16
N GLY A 67 16.94 39.94 -24.51
CA GLY A 67 17.85 40.86 -23.85
C GLY A 67 17.08 41.65 -22.80
N LEU A 68 17.79 42.27 -21.88
CA LEU A 68 17.14 43.07 -20.84
C LEU A 68 18.06 44.09 -20.17
N ILE A 69 17.48 45.20 -19.75
CA ILE A 69 18.21 46.27 -19.06
C ILE A 69 17.31 46.65 -17.89
N PHE A 70 17.82 47.43 -16.94
CA PHE A 70 17.02 47.77 -15.77
C PHE A 70 17.56 48.95 -15.01
N ASP A 71 16.76 49.47 -14.08
CA ASP A 71 17.18 50.55 -13.20
C ASP A 71 16.74 50.12 -11.80
N ARG A 72 16.68 51.03 -10.84
CA ARG A 72 16.28 50.62 -9.49
C ARG A 72 14.80 50.26 -9.33
N LYS A 73 13.94 50.68 -10.25
CA LYS A 73 12.52 50.40 -10.08
C LYS A 73 11.80 49.80 -11.29
N LYS A 74 12.54 49.22 -12.22
CA LYS A 74 11.93 48.65 -13.41
C LYS A 74 12.87 47.72 -14.22
N VAL A 75 12.28 46.82 -15.01
CA VAL A 75 13.04 45.88 -15.85
C VAL A 75 12.49 45.99 -17.27
N TYR A 76 13.36 46.07 -18.26
CA TYR A 76 12.91 46.20 -19.64
C TYR A 76 13.34 44.95 -20.42
N ILE A 77 12.38 44.21 -20.94
CA ILE A 77 12.73 43.01 -21.66
C ILE A 77 12.27 42.91 -23.11
N THR A 78 13.15 42.47 -23.99
CA THR A 78 12.81 42.28 -25.40
C THR A 78 12.71 40.79 -25.64
N TRP A 79 11.75 40.40 -26.47
CA TRP A 79 11.56 39.00 -26.80
C TRP A 79 12.02 38.69 -28.22
N PRO A 80 12.28 37.41 -28.52
CA PRO A 80 12.73 36.95 -29.83
C PRO A 80 11.86 37.49 -30.96
N ASP A 81 10.54 37.38 -30.81
CA ASP A 81 9.59 37.89 -31.81
C ASP A 81 9.50 39.42 -31.74
N GLU A 82 10.58 40.03 -31.25
CA GLU A 82 10.73 41.47 -31.12
C GLU A 82 9.58 42.18 -30.40
N HIS A 83 9.05 41.53 -29.37
CA HIS A 83 7.99 42.14 -28.59
C HIS A 83 8.67 42.87 -27.43
N TYR A 84 8.09 43.96 -26.95
CA TYR A 84 8.72 44.71 -25.87
C TYR A 84 7.88 44.71 -24.59
N SER A 85 8.56 44.70 -23.44
CA SER A 85 7.92 44.68 -22.13
C SER A 85 8.60 45.52 -21.05
N GLU A 86 7.80 46.01 -20.09
CA GLU A 86 8.27 46.78 -18.95
C GLU A 86 7.63 46.23 -17.69
N PHE A 87 8.44 46.03 -16.65
CA PHE A 87 7.92 45.52 -15.40
C PHE A 87 8.29 46.45 -14.25
N GLN A 88 7.34 46.63 -13.32
CA GLN A 88 7.52 47.45 -12.13
C GLN A 88 8.19 46.55 -11.08
N ALA A 89 9.21 47.06 -10.40
CA ALA A 89 9.91 46.26 -9.37
C ALA A 89 9.00 45.82 -8.19
N ASP A 90 8.26 46.76 -7.60
CA ASP A 90 7.38 46.42 -6.50
C ASP A 90 6.31 45.47 -6.99
N TRP A 91 6.04 45.47 -8.29
CA TRP A 91 5.04 44.57 -8.83
C TRP A 91 5.58 43.16 -8.88
N LEU A 92 6.87 43.06 -9.20
CA LEU A 92 7.56 41.77 -9.29
C LEU A 92 7.86 41.25 -7.91
N LYS A 93 8.21 42.16 -7.01
CA LYS A 93 8.54 41.80 -5.65
C LYS A 93 7.34 41.12 -4.99
N LYS A 94 6.15 41.57 -5.36
CA LYS A 94 4.93 41.02 -4.81
C LYS A 94 4.69 39.58 -5.26
N ARG A 95 4.87 39.34 -6.55
CA ARG A 95 4.63 38.04 -7.17
C ARG A 95 5.78 37.03 -7.20
N CYS A 96 6.79 37.26 -6.37
CA CYS A 96 7.95 36.39 -6.23
C CYS A 96 7.47 34.97 -5.98
N PHE A 97 8.11 34.00 -6.62
CA PHE A 97 7.72 32.61 -6.47
C PHE A 97 8.27 31.90 -5.22
N SER A 98 8.98 32.62 -4.36
CA SER A 98 9.50 32.02 -3.15
C SER A 98 8.33 31.49 -2.34
N LYS A 99 8.64 30.63 -1.38
CA LYS A 99 7.59 30.08 -0.56
C LYS A 99 6.93 31.18 0.28
N GLN A 100 7.74 31.99 0.98
CA GLN A 100 7.26 33.08 1.82
C GLN A 100 6.41 34.10 1.08
N ALA A 101 6.97 34.65 0.01
CA ALA A 101 6.24 35.65 -0.75
C ALA A 101 4.84 35.13 -1.10
N ARG A 102 4.79 33.94 -1.70
CA ARG A 102 3.52 33.34 -2.09
C ARG A 102 2.53 33.23 -0.93
N ALA A 103 3.01 32.68 0.19
CA ALA A 103 2.21 32.51 1.40
C ALA A 103 1.77 33.86 1.96
N LYS A 104 2.62 34.87 1.76
CA LYS A 104 2.34 36.21 2.22
C LYS A 104 1.20 36.81 1.43
N LEU A 105 1.40 36.87 0.11
CA LEU A 105 0.41 37.44 -0.79
C LEU A 105 -0.94 36.74 -0.66
N GLN A 106 -0.89 35.44 -0.38
CA GLN A 106 -2.09 34.62 -0.20
C GLN A 106 -2.87 35.13 1.00
N ARG A 107 -2.15 35.39 2.09
CA ARG A 107 -2.75 35.93 3.30
C ARG A 107 -3.45 37.26 3.00
N GLU A 108 -2.83 38.10 2.18
CA GLU A 108 -3.43 39.39 1.86
C GLU A 108 -4.71 39.22 1.05
N LEU A 109 -4.77 38.16 0.25
CA LEU A 109 -5.92 37.88 -0.58
C LEU A 109 -7.11 37.17 0.04
N PHE A 110 -6.86 36.20 0.91
CA PHE A 110 -7.97 35.43 1.47
C PHE A 110 -8.21 35.48 2.98
N PHE A 111 -7.43 36.31 3.68
CA PHE A 111 -7.54 36.44 5.14
C PHE A 111 -7.76 35.05 5.72
N PRO A 112 -6.70 34.23 5.73
CA PRO A 112 -6.81 32.86 6.26
C PRO A 112 -6.86 32.75 7.80
N GLU A 113 -6.31 33.76 8.49
CA GLU A 113 -6.27 33.76 9.96
C GLU A 113 -7.61 33.50 10.62
N CYS A 114 -7.57 32.88 11.79
CA CYS A 114 -8.80 32.58 12.52
C CYS A 114 -8.50 31.93 13.85
N GLN A 115 -9.17 32.40 14.91
CA GLN A 115 -8.94 31.84 16.22
C GLN A 115 -9.99 30.82 16.62
N TYR A 116 -9.53 29.61 16.95
CA TYR A 116 -10.42 28.54 17.40
C TYR A 116 -10.90 28.92 18.79
N TRP A 117 -12.09 28.45 19.16
CA TRP A 117 -12.61 28.77 20.46
C TRP A 117 -13.43 27.65 21.08
N GLY A 118 -13.92 27.88 22.29
CA GLY A 118 -14.70 26.89 23.00
C GLY A 118 -15.65 27.59 23.96
N SER A 119 -15.93 26.97 25.09
CA SER A 119 -16.84 27.58 26.06
C SER A 119 -16.29 28.92 26.54
N GLU A 120 -14.96 29.03 26.54
CA GLU A 120 -14.32 30.25 26.99
C GLU A 120 -14.30 31.36 25.93
N LEU A 121 -15.27 31.35 25.02
CA LEU A 121 -15.32 32.37 23.98
C LEU A 121 -15.89 33.72 24.45
N GLN A 122 -15.35 34.80 23.92
CA GLN A 122 -15.89 36.10 24.28
C GLN A 122 -16.51 36.65 23.00
N LEU A 123 -17.84 36.62 22.94
CA LEU A 123 -18.61 37.06 21.78
C LEU A 123 -18.32 38.47 21.27
N PRO A 124 -17.79 38.60 20.04
CA PRO A 124 -17.51 39.94 19.53
C PRO A 124 -18.82 40.70 19.34
N THR A 125 -18.80 41.99 19.65
CA THR A 125 -20.00 42.81 19.54
C THR A 125 -19.70 44.14 18.86
N LEU A 126 -20.70 44.67 18.18
CA LEU A 126 -20.58 45.95 17.51
C LEU A 126 -21.96 46.58 17.41
N ASP A 127 -21.98 47.88 17.15
CA ASP A 127 -23.26 48.55 17.03
C ASP A 127 -23.79 48.51 15.61
N PHE A 128 -25.04 48.08 15.44
CA PHE A 128 -25.68 47.98 14.12
C PHE A 128 -25.52 49.21 13.22
N GLU A 129 -25.92 50.36 13.73
CA GLU A 129 -25.84 51.61 12.99
C GLU A 129 -24.42 52.07 12.66
N ASP A 130 -23.48 51.74 13.53
CA ASP A 130 -22.09 52.13 13.30
C ASP A 130 -21.54 51.34 12.12
N VAL A 131 -21.97 50.09 12.01
CA VAL A 131 -21.55 49.21 10.92
C VAL A 131 -22.13 49.78 9.63
N LEU A 132 -23.38 50.22 9.68
CA LEU A 132 -24.01 50.77 8.48
C LEU A 132 -23.37 52.06 7.97
N ARG A 133 -22.94 52.93 8.86
CA ARG A 133 -22.35 54.18 8.40
C ARG A 133 -20.83 54.21 8.27
N TYR A 134 -20.11 53.64 9.23
CA TYR A 134 -18.64 53.68 9.21
C TYR A 134 -17.91 52.49 8.58
N ASP A 135 -17.01 52.75 7.65
CA ASP A 135 -16.30 51.64 7.02
C ASP A 135 -15.34 50.93 7.99
N GLU A 136 -14.85 51.65 9.00
CA GLU A 136 -13.96 51.08 10.00
C GLU A 136 -14.73 50.03 10.79
N HIS A 137 -15.96 50.36 11.19
CA HIS A 137 -16.77 49.41 11.94
C HIS A 137 -17.23 48.26 11.05
N ALA A 138 -17.39 48.50 9.75
CA ALA A 138 -17.79 47.45 8.81
C ALA A 138 -16.62 46.48 8.60
N TYR A 139 -15.41 47.03 8.56
CA TYR A 139 -14.19 46.22 8.39
C TYR A 139 -14.01 45.36 9.64
N LYS A 140 -14.23 45.97 10.80
CA LYS A 140 -14.13 45.29 12.08
C LYS A 140 -15.21 44.19 12.13
N TRP A 141 -16.35 44.46 11.54
CA TRP A 141 -17.44 43.48 11.54
C TRP A 141 -17.12 42.23 10.74
N LEU A 142 -16.66 42.42 9.50
CA LEU A 142 -16.35 41.30 8.60
C LEU A 142 -15.07 40.54 8.91
N SER A 143 -14.00 41.28 9.19
CA SER A 143 -12.72 40.67 9.51
C SER A 143 -12.89 39.77 10.74
N THR A 144 -13.67 40.23 11.71
CA THR A 144 -13.87 39.42 12.88
C THR A 144 -14.72 38.21 12.50
N LEU A 145 -15.79 38.45 11.74
CA LEU A 145 -16.66 37.38 11.31
C LEU A 145 -15.83 36.28 10.65
N LYS A 146 -14.95 36.68 9.74
CA LYS A 146 -14.10 35.71 9.06
C LYS A 146 -13.21 35.04 10.10
N LYS A 147 -12.50 35.85 10.86
CA LYS A 147 -11.56 35.38 11.87
C LYS A 147 -12.16 34.57 13.01
N VAL A 148 -13.20 35.07 13.66
CA VAL A 148 -13.79 34.37 14.79
C VAL A 148 -14.93 33.43 14.45
N GLY A 149 -15.61 33.72 13.36
CA GLY A 149 -16.73 32.89 12.97
C GLY A 149 -18.05 33.54 13.34
N ILE A 150 -18.04 34.44 14.31
CA ILE A 150 -19.31 35.06 14.69
C ILE A 150 -19.15 36.47 15.20
N VAL A 151 -20.21 37.26 15.03
CA VAL A 151 -20.24 38.64 15.48
C VAL A 151 -21.67 39.04 15.76
N ARG A 152 -21.88 39.62 16.93
CA ARG A 152 -23.20 40.06 17.36
C ARG A 152 -23.36 41.56 17.25
N LEU A 153 -24.26 41.98 16.36
CA LEU A 153 -24.53 43.40 16.18
C LEU A 153 -25.64 43.74 17.16
N THR A 154 -25.65 44.95 17.70
CA THR A 154 -26.69 45.37 18.65
C THR A 154 -27.24 46.76 18.31
N GLY A 155 -28.54 46.95 18.52
CA GLY A 155 -29.11 48.26 18.23
C GLY A 155 -30.09 48.30 17.06
N ALA A 156 -30.22 47.20 16.33
CA ALA A 156 -31.16 47.16 15.21
C ALA A 156 -32.57 47.54 15.71
N SER A 157 -33.42 48.01 14.81
CA SER A 157 -34.78 48.39 15.18
C SER A 157 -35.59 47.16 15.61
N ASP A 158 -36.86 47.39 15.94
CA ASP A 158 -37.76 46.31 16.36
C ASP A 158 -38.74 45.96 15.26
N LYS A 159 -38.43 46.38 14.04
CA LYS A 159 -39.28 46.11 12.89
C LYS A 159 -38.44 45.40 11.83
N PRO A 160 -39.08 44.58 10.99
CA PRO A 160 -38.39 43.84 9.93
C PRO A 160 -37.67 44.78 8.98
N GLY A 161 -36.86 44.20 8.10
CA GLY A 161 -36.13 44.99 7.12
C GLY A 161 -34.70 45.42 7.49
N GLU A 162 -34.19 44.90 8.59
CA GLU A 162 -32.85 45.24 9.07
C GLU A 162 -31.77 44.42 8.40
N VAL A 163 -31.95 43.10 8.39
CA VAL A 163 -30.99 42.20 7.76
C VAL A 163 -30.86 42.53 6.27
N SER A 164 -31.83 43.28 5.74
CA SER A 164 -31.79 43.70 4.35
C SER A 164 -30.78 44.85 4.23
N LYS A 165 -30.75 45.72 5.24
CA LYS A 165 -29.82 46.85 5.23
C LYS A 165 -28.38 46.31 5.30
N LEU A 166 -28.18 45.23 6.06
CA LEU A 166 -26.87 44.64 6.17
C LEU A 166 -26.48 44.04 4.82
N GLY A 167 -27.46 43.43 4.14
CA GLY A 167 -27.21 42.81 2.86
C GLY A 167 -26.70 43.82 1.86
N LYS A 168 -27.36 44.97 1.83
CA LYS A 168 -26.97 46.04 0.93
C LYS A 168 -25.63 46.63 1.36
N ARG A 169 -25.19 46.35 2.58
CA ARG A 169 -23.94 46.86 3.07
C ARG A 169 -22.78 45.98 2.59
N MET A 170 -23.04 44.67 2.53
CA MET A 170 -22.04 43.71 2.07
C MET A 170 -22.00 43.69 0.53
N GLY A 171 -23.18 43.71 -0.08
CA GLY A 171 -23.28 43.67 -1.53
C GLY A 171 -24.69 43.27 -1.93
N PHE A 172 -25.07 42.04 -1.61
CA PHE A 172 -26.42 41.59 -1.87
C PHE A 172 -26.62 40.26 -1.20
N LEU A 173 -27.84 39.99 -0.75
CA LEU A 173 -28.14 38.74 -0.09
C LEU A 173 -28.14 37.55 -1.04
N TYR A 174 -28.12 36.36 -0.46
CA TYR A 174 -28.11 35.10 -1.20
C TYR A 174 -29.49 34.49 -1.22
N LEU A 175 -30.15 34.58 -2.37
CA LEU A 175 -31.50 34.05 -2.54
C LEU A 175 -31.56 32.53 -2.60
N THR A 176 -32.41 31.95 -1.76
CA THR A 176 -32.61 30.51 -1.71
C THR A 176 -34.10 30.21 -1.93
N PHE A 177 -34.50 28.98 -1.63
CA PHE A 177 -35.88 28.58 -1.80
C PHE A 177 -36.78 29.14 -0.70
N TYR A 178 -36.18 29.89 0.22
CA TYR A 178 -36.95 30.50 1.30
C TYR A 178 -37.02 32.02 1.12
N GLY A 179 -36.95 32.46 -0.13
CA GLY A 179 -37.01 33.89 -0.42
C GLY A 179 -35.70 34.59 -0.14
N HIS A 180 -35.73 35.92 -0.10
CA HIS A 180 -34.50 36.65 0.17
C HIS A 180 -34.30 36.67 1.69
N THR A 181 -35.42 36.65 2.40
CA THR A 181 -35.43 36.66 3.86
C THR A 181 -36.60 35.81 4.33
N TRP A 182 -36.45 35.18 5.48
CA TRP A 182 -37.50 34.34 6.04
C TRP A 182 -37.81 34.89 7.42
N GLN A 183 -38.98 34.55 7.95
CA GLN A 183 -39.37 35.01 9.28
C GLN A 183 -39.85 33.87 10.13
N VAL A 184 -39.63 33.98 11.43
CA VAL A 184 -40.05 32.97 12.37
C VAL A 184 -40.87 33.67 13.43
N GLN A 185 -42.12 33.27 13.58
CA GLN A 185 -43.01 33.85 14.59
C GLN A 185 -43.65 32.75 15.43
N ASP A 186 -43.22 32.67 16.69
CA ASP A 186 -43.73 31.68 17.63
C ASP A 186 -44.52 32.42 18.72
N LYS A 187 -45.66 31.86 19.11
CA LYS A 187 -46.45 32.50 20.14
C LYS A 187 -47.24 31.48 20.95
N ILE A 188 -46.57 30.71 21.79
CA ILE A 188 -47.29 29.73 22.59
C ILE A 188 -47.74 30.42 23.86
N ASP A 189 -49.02 30.31 24.18
CA ASP A 189 -49.56 30.95 25.37
C ASP A 189 -48.86 30.61 26.68
N ALA A 190 -49.26 31.32 27.73
CA ALA A 190 -48.51 31.29 29.01
C ALA A 190 -48.25 29.97 29.74
N ASN A 191 -49.25 29.09 29.87
CA ASN A 191 -49.00 27.80 30.51
C ASN A 191 -49.84 26.77 29.81
N ASN A 192 -49.38 26.36 28.63
CA ASN A 192 -50.10 25.36 27.86
C ASN A 192 -49.63 23.94 28.21
N VAL A 193 -50.59 23.10 28.57
CA VAL A 193 -50.32 21.71 28.95
C VAL A 193 -50.20 20.76 27.76
N ALA A 194 -50.98 21.02 26.71
CA ALA A 194 -50.98 20.18 25.53
C ALA A 194 -49.89 20.49 24.50
N TYR A 195 -48.72 20.87 24.97
CA TYR A 195 -47.62 21.19 24.05
C TYR A 195 -46.27 21.12 24.76
N THR A 196 -45.27 20.61 24.06
CA THR A 196 -43.92 20.53 24.61
C THR A 196 -42.92 21.09 23.61
N THR A 197 -41.82 21.63 24.13
CA THR A 197 -40.77 22.22 23.30
C THR A 197 -39.43 21.54 23.58
N GLY A 198 -38.95 20.76 22.62
CA GLY A 198 -37.68 20.09 22.79
C GLY A 198 -36.52 21.02 22.47
N LYS A 199 -35.32 20.46 22.37
CA LYS A 199 -34.14 21.26 22.05
C LYS A 199 -33.73 21.07 20.58
N LEU A 200 -32.87 21.97 20.09
CA LEU A 200 -32.37 21.87 18.71
C LEU A 200 -30.92 21.36 18.76
N SER A 201 -30.64 20.25 18.10
CA SER A 201 -29.29 19.75 18.13
C SER A 201 -28.38 20.61 17.26
N PHE A 202 -27.06 20.54 17.50
CA PHE A 202 -26.13 21.32 16.70
C PHE A 202 -26.31 21.02 15.22
N HIS A 203 -26.10 22.03 14.39
CA HIS A 203 -26.24 21.83 12.95
C HIS A 203 -25.85 23.05 12.15
N THR A 204 -25.69 22.86 10.85
CA THR A 204 -25.39 23.95 9.93
C THR A 204 -26.68 24.04 9.13
N ASP A 205 -26.93 25.16 8.48
CA ASP A 205 -28.16 25.28 7.72
C ASP A 205 -28.04 25.02 6.24
N TYR A 206 -29.06 24.38 5.69
CA TYR A 206 -29.16 24.10 4.27
C TYR A 206 -28.11 23.20 3.62
N PRO A 207 -27.82 22.05 4.24
CA PRO A 207 -26.82 21.14 3.67
C PRO A 207 -27.38 20.51 2.39
N ALA A 208 -28.68 20.68 2.16
CA ALA A 208 -29.32 20.09 0.98
C ALA A 208 -28.91 20.73 -0.36
N LEU A 209 -28.21 21.85 -0.29
CA LEU A 209 -27.69 22.58 -1.45
C LEU A 209 -26.23 22.15 -1.65
N HIS A 210 -25.75 22.10 -2.89
CA HIS A 210 -24.38 21.70 -3.08
C HIS A 210 -23.45 22.81 -2.65
N HIS A 211 -23.97 24.03 -2.71
CA HIS A 211 -23.23 25.20 -2.29
C HIS A 211 -24.06 25.83 -1.18
N PRO A 212 -23.90 25.33 0.07
CA PRO A 212 -24.65 25.86 1.22
C PRO A 212 -24.35 27.31 1.52
N PRO A 213 -25.30 28.01 2.16
CA PRO A 213 -25.12 29.43 2.51
C PRO A 213 -23.86 29.63 3.35
N GLY A 214 -23.03 30.58 2.95
CA GLY A 214 -21.78 30.83 3.66
C GLY A 214 -21.90 31.55 4.97
N VAL A 215 -22.69 32.61 4.99
CA VAL A 215 -22.89 33.43 6.20
C VAL A 215 -24.39 33.56 6.51
N GLN A 216 -24.77 33.46 7.79
CA GLN A 216 -26.16 33.61 8.15
C GLN A 216 -26.40 34.87 8.97
N LEU A 217 -27.50 35.57 8.69
CA LEU A 217 -27.86 36.79 9.41
C LEU A 217 -29.16 36.54 10.16
N LEU A 218 -29.14 36.67 11.48
CA LEU A 218 -30.34 36.42 12.26
C LEU A 218 -30.74 37.62 13.12
N HIS A 219 -31.87 38.23 12.77
CA HIS A 219 -32.33 39.39 13.51
C HIS A 219 -33.38 39.00 14.54
N CYS A 220 -33.15 39.46 15.78
CA CYS A 220 -34.07 39.19 16.87
C CYS A 220 -34.98 40.38 17.00
N ILE A 221 -36.13 40.30 16.37
CA ILE A 221 -37.10 41.38 16.38
C ILE A 221 -37.80 41.48 17.72
N LYS A 222 -38.36 40.35 18.14
CA LYS A 222 -39.07 40.29 19.41
C LYS A 222 -38.93 38.91 20.00
N GLN A 223 -38.47 38.86 21.25
CA GLN A 223 -38.30 37.60 21.93
C GLN A 223 -38.66 37.70 23.40
N THR A 224 -39.71 36.98 23.78
CA THR A 224 -40.15 36.94 25.17
C THR A 224 -40.19 35.47 25.54
N VAL A 225 -39.07 34.96 26.07
CA VAL A 225 -38.97 33.55 26.46
C VAL A 225 -38.12 33.32 27.70
N THR A 226 -38.35 32.19 28.37
CA THR A 226 -37.59 31.82 29.54
C THR A 226 -36.87 30.51 29.19
N GLY A 227 -35.54 30.55 29.13
CA GLY A 227 -34.79 29.37 28.76
C GLY A 227 -34.52 29.36 27.26
N GLY A 228 -34.30 28.19 26.68
CA GLY A 228 -34.04 28.10 25.26
C GLY A 228 -32.90 28.98 24.77
N ASP A 229 -31.78 28.93 25.49
CA ASP A 229 -30.60 29.71 25.14
C ASP A 229 -29.95 29.17 23.87
N SER A 230 -29.37 30.05 23.06
CA SER A 230 -28.70 29.68 21.82
C SER A 230 -27.36 29.01 22.12
N GLU A 231 -27.00 27.98 21.36
CA GLU A 231 -25.74 27.32 21.60
C GLU A 231 -24.97 27.18 20.29
N ILE A 232 -23.78 27.77 20.24
CA ILE A 232 -22.98 27.66 19.03
C ILE A 232 -21.68 26.97 19.36
N VAL A 233 -21.10 26.34 18.35
CA VAL A 233 -19.86 25.63 18.53
C VAL A 233 -18.96 25.85 17.34
N ASP A 234 -17.66 25.86 17.58
CA ASP A 234 -16.67 26.09 16.55
C ASP A 234 -16.24 24.77 15.89
N GLY A 235 -16.92 24.43 14.80
CA GLY A 235 -16.66 23.21 14.06
C GLY A 235 -15.21 22.95 13.70
N PHE A 236 -14.48 23.99 13.33
CA PHE A 236 -13.07 23.82 12.99
C PHE A 236 -12.31 23.28 14.20
N ASN A 237 -12.48 23.97 15.35
CA ASN A 237 -11.83 23.56 16.59
C ASN A 237 -12.21 22.11 16.87
N VAL A 238 -13.50 21.85 16.86
CA VAL A 238 -13.99 20.50 17.12
C VAL A 238 -13.35 19.48 16.20
N CYS A 239 -13.44 19.71 14.90
CA CYS A 239 -12.88 18.76 13.95
C CYS A 239 -11.45 18.44 14.25
N GLN A 240 -10.74 19.43 14.76
CA GLN A 240 -9.35 19.20 15.07
C GLN A 240 -9.23 18.32 16.30
N LYS A 241 -9.99 18.64 17.34
CA LYS A 241 -9.94 17.84 18.55
C LYS A 241 -10.33 16.40 18.26
N LEU A 242 -11.25 16.22 17.33
CA LEU A 242 -11.67 14.86 16.96
C LEU A 242 -10.48 14.13 16.35
N LYS A 243 -9.91 14.67 15.29
CA LYS A 243 -8.77 14.04 14.62
C LYS A 243 -7.73 13.59 15.64
N LYS A 244 -7.64 14.35 16.72
CA LYS A 244 -6.69 14.09 17.79
C LYS A 244 -7.13 12.91 18.66
N ASN A 245 -8.38 12.92 19.09
CA ASN A 245 -8.90 11.87 19.94
C ASN A 245 -9.42 10.63 19.24
N ASN A 246 -9.96 10.78 18.03
CA ASN A 246 -10.50 9.63 17.31
C ASN A 246 -10.25 9.71 15.81
N PRO A 247 -9.01 9.48 15.40
CA PRO A 247 -8.60 9.52 13.98
C PRO A 247 -9.49 8.70 13.06
N GLN A 248 -10.08 7.63 13.58
CA GLN A 248 -10.94 6.78 12.77
C GLN A 248 -12.26 7.46 12.49
N ALA A 249 -12.88 7.97 13.55
CA ALA A 249 -14.13 8.68 13.41
C ALA A 249 -13.90 9.79 12.39
N PHE A 250 -12.87 10.60 12.64
CA PHE A 250 -12.51 11.71 11.75
C PHE A 250 -12.30 11.26 10.31
N GLN A 251 -11.51 10.21 10.15
CA GLN A 251 -11.22 9.66 8.84
C GLN A 251 -12.51 9.28 8.10
N ILE A 252 -13.43 8.63 8.81
CA ILE A 252 -14.71 8.20 8.26
C ILE A 252 -15.61 9.37 7.87
N LEU A 253 -15.86 10.23 8.85
CA LEU A 253 -16.70 11.39 8.60
C LEU A 253 -16.13 12.27 7.50
N SER A 254 -14.80 12.35 7.37
CA SER A 254 -14.23 13.21 6.32
C SER A 254 -13.99 12.53 4.99
N SER A 255 -14.55 11.34 4.83
CA SER A 255 -14.37 10.57 3.61
C SER A 255 -15.64 9.85 3.16
N THR A 256 -16.71 9.95 3.93
CA THR A 256 -17.95 9.29 3.52
C THR A 256 -18.90 10.34 2.99
N PHE A 257 -19.60 10.04 1.91
CA PHE A 257 -20.56 11.00 1.35
C PHE A 257 -21.95 10.66 1.86
N VAL A 258 -22.52 11.54 2.66
CA VAL A 258 -23.86 11.31 3.17
C VAL A 258 -24.87 12.15 2.36
N ASP A 259 -26.07 11.61 2.15
CA ASP A 259 -27.11 12.31 1.38
C ASP A 259 -27.98 13.26 2.21
N PHE A 260 -28.30 14.41 1.64
CA PHE A 260 -29.15 15.41 2.30
C PHE A 260 -30.29 15.76 1.38
N THR A 261 -31.48 15.92 1.94
CA THR A 261 -32.61 16.19 1.09
C THR A 261 -33.57 17.24 1.66
N ASP A 262 -34.36 17.85 0.80
CA ASP A 262 -35.31 18.82 1.28
C ASP A 262 -36.37 19.11 0.23
N ILE A 263 -37.62 18.83 0.56
CA ILE A 263 -38.69 19.08 -0.37
C ILE A 263 -39.73 20.00 0.28
N GLY A 264 -40.36 20.86 -0.52
CA GLY A 264 -41.37 21.74 0.05
C GLY A 264 -41.83 22.84 -0.88
N VAL A 265 -42.50 23.84 -0.32
CA VAL A 265 -42.81 25.06 -1.06
C VAL A 265 -42.66 26.32 -0.18
N ASP A 266 -41.91 27.32 -0.67
CA ASP A 266 -41.81 28.60 0.03
C ASP A 266 -41.81 29.79 -0.94
N TYR A 267 -40.69 29.92 -1.66
CA TYR A 267 -40.48 30.93 -2.69
C TYR A 267 -41.01 30.31 -3.98
N CYS A 268 -41.10 28.99 -3.95
CA CYS A 268 -41.63 28.14 -5.03
C CYS A 268 -41.42 26.68 -4.59
N ASP A 269 -42.13 25.74 -5.24
CA ASP A 269 -41.99 24.33 -4.89
C ASP A 269 -40.55 23.89 -5.17
N PHE A 270 -40.10 22.84 -4.50
CA PHE A 270 -38.75 22.38 -4.70
C PHE A 270 -38.47 21.00 -4.17
N SER A 271 -37.43 20.40 -4.70
CA SER A 271 -37.07 19.09 -4.27
C SER A 271 -35.57 19.06 -4.50
N VAL A 272 -34.81 19.61 -3.54
CA VAL A 272 -33.34 19.64 -3.61
C VAL A 272 -32.72 18.40 -3.01
N GLN A 273 -31.69 17.89 -3.66
CA GLN A 273 -31.00 16.70 -3.18
C GLN A 273 -29.50 16.92 -3.34
N SER A 274 -28.70 16.41 -2.42
CA SER A 274 -27.25 16.58 -2.51
C SER A 274 -26.47 15.56 -1.69
N LYS A 275 -25.16 15.50 -1.95
CA LYS A 275 -24.23 14.59 -1.25
C LYS A 275 -23.06 15.41 -0.66
N HIS A 276 -22.72 15.12 0.59
CA HIS A 276 -21.65 15.82 1.30
C HIS A 276 -20.92 14.99 2.31
N LYS A 277 -19.64 15.31 2.49
CA LYS A 277 -18.82 14.65 3.50
C LYS A 277 -19.04 15.58 4.68
N ILE A 278 -19.62 15.09 5.75
CA ILE A 278 -19.86 15.94 6.92
C ILE A 278 -18.64 16.81 7.28
N ILE A 279 -17.44 16.25 7.15
CA ILE A 279 -16.23 17.01 7.44
C ILE A 279 -15.55 17.23 6.08
N GLU A 280 -15.65 18.44 5.53
CA GLU A 280 -15.05 18.73 4.22
C GLU A 280 -13.64 19.25 4.34
N LEU A 281 -12.73 18.58 3.64
CA LEU A 281 -11.33 19.00 3.70
C LEU A 281 -10.85 19.45 2.32
N ASP A 282 -9.88 20.34 2.27
CA ASP A 282 -9.35 20.79 0.97
C ASP A 282 -8.42 19.70 0.45
N ASP A 283 -7.61 20.02 -0.56
CA ASP A 283 -6.69 19.03 -1.09
C ASP A 283 -5.41 18.92 -0.26
N LYS A 284 -5.39 19.59 0.89
CA LYS A 284 -4.23 19.55 1.77
C LYS A 284 -4.61 19.03 3.16
N GLY A 285 -5.76 18.35 3.21
CA GLY A 285 -6.25 17.77 4.45
C GLY A 285 -6.72 18.75 5.51
N GLN A 286 -6.94 20.00 5.11
CA GLN A 286 -7.40 21.01 6.07
C GLN A 286 -8.93 21.15 6.09
N VAL A 287 -9.52 21.19 7.26
CA VAL A 287 -10.96 21.31 7.31
C VAL A 287 -11.36 22.69 6.82
N VAL A 288 -12.14 22.74 5.73
CA VAL A 288 -12.57 24.02 5.15
C VAL A 288 -14.07 24.31 5.27
N ARG A 289 -14.85 23.30 5.67
CA ARG A 289 -16.30 23.43 5.83
C ARG A 289 -16.91 22.18 6.44
N ILE A 290 -18.00 22.35 7.19
CA ILE A 290 -18.73 21.24 7.82
C ILE A 290 -20.13 21.23 7.25
N ASN A 291 -20.69 20.07 6.96
CA ASN A 291 -22.04 20.02 6.41
C ASN A 291 -22.85 19.10 7.28
N PHE A 292 -23.69 19.65 8.16
CA PHE A 292 -24.46 18.75 9.01
C PHE A 292 -25.78 19.30 9.52
N ASN A 293 -26.83 18.52 9.34
CA ASN A 293 -28.16 18.87 9.80
C ASN A 293 -28.88 17.55 9.76
N ASN A 294 -28.93 16.90 10.93
CA ASN A 294 -29.57 15.59 11.10
C ASN A 294 -31.01 15.52 10.60
N ALA A 295 -31.72 16.64 10.65
CA ALA A 295 -33.10 16.67 10.20
C ALA A 295 -33.18 16.40 8.70
N THR A 296 -32.41 17.14 7.91
CA THR A 296 -32.40 17.02 6.44
C THR A 296 -31.44 16.00 5.84
N ARG A 297 -30.93 15.10 6.68
CA ARG A 297 -30.03 14.03 6.22
C ARG A 297 -30.95 12.90 5.74
N ASP A 298 -30.92 12.64 4.43
CA ASP A 298 -31.76 11.63 3.81
C ASP A 298 -31.73 10.20 4.40
N THR A 299 -32.85 9.46 4.27
CA THR A 299 -32.93 8.07 4.76
C THR A 299 -32.17 7.16 3.77
N ILE A 300 -31.86 7.74 2.62
CA ILE A 300 -31.12 7.07 1.57
C ILE A 300 -29.66 7.17 1.98
N PHE A 301 -28.92 6.07 1.91
CA PHE A 301 -27.53 6.09 2.30
C PHE A 301 -26.71 5.22 1.33
N ASP A 302 -26.11 5.84 0.32
CA ASP A 302 -25.30 5.15 -0.70
C ASP A 302 -23.91 4.81 -0.21
N VAL A 303 -23.81 3.66 0.45
CA VAL A 303 -22.56 3.21 0.99
C VAL A 303 -22.74 1.73 1.27
N PRO A 304 -21.68 0.94 1.05
CA PRO A 304 -21.74 -0.50 1.30
C PRO A 304 -22.09 -0.76 2.77
N VAL A 305 -22.97 -1.72 2.99
CA VAL A 305 -23.47 -2.07 4.32
C VAL A 305 -22.41 -2.12 5.41
N GLU A 306 -21.28 -2.73 5.12
CA GLU A 306 -20.21 -2.84 6.11
C GLU A 306 -19.74 -1.49 6.62
N ARG A 307 -20.06 -0.42 5.90
CA ARG A 307 -19.62 0.89 6.32
C ARG A 307 -20.64 1.61 7.18
N VAL A 308 -21.87 1.13 7.14
CA VAL A 308 -22.96 1.77 7.87
C VAL A 308 -22.79 1.90 9.38
N GLN A 309 -22.67 0.80 10.09
CA GLN A 309 -22.55 0.89 11.53
C GLN A 309 -21.36 1.77 11.95
N PRO A 310 -20.17 1.53 11.36
CA PRO A 310 -18.96 2.31 11.67
C PRO A 310 -19.26 3.82 11.52
N PHE A 311 -19.96 4.19 10.43
CA PHE A 311 -20.35 5.59 10.19
C PHE A 311 -21.22 6.14 11.34
N TYR A 312 -22.27 5.40 11.69
CA TYR A 312 -23.17 5.82 12.76
C TYR A 312 -22.40 5.94 14.07
N ALA A 313 -21.48 5.01 14.28
CA ALA A 313 -20.65 5.02 15.50
C ALA A 313 -19.77 6.26 15.51
N ALA A 314 -19.19 6.59 14.35
CA ALA A 314 -18.33 7.74 14.22
C ALA A 314 -19.05 9.08 14.30
N LEU A 315 -20.33 9.12 13.94
CA LEU A 315 -21.06 10.38 13.99
C LEU A 315 -21.42 10.67 15.46
N LYS A 316 -21.80 9.62 16.17
CA LYS A 316 -22.14 9.74 17.59
C LYS A 316 -20.95 10.38 18.30
N GLU A 317 -19.73 9.97 17.94
CA GLU A 317 -18.51 10.53 18.53
C GLU A 317 -18.49 12.05 18.32
N PHE A 318 -18.65 12.43 17.06
CA PHE A 318 -18.64 13.82 16.64
C PHE A 318 -19.67 14.65 17.41
N VAL A 319 -20.90 14.16 17.44
CA VAL A 319 -21.96 14.88 18.13
C VAL A 319 -21.75 14.96 19.64
N ASP A 320 -21.19 13.90 20.22
CA ASP A 320 -20.92 13.89 21.66
C ASP A 320 -19.87 14.94 21.99
N LEU A 321 -18.85 15.06 21.13
CA LEU A 321 -17.79 16.04 21.36
C LEU A 321 -18.35 17.45 21.25
N MET A 322 -19.34 17.65 20.38
CA MET A 322 -19.93 18.97 20.27
C MET A 322 -20.71 19.30 21.53
N ASN A 323 -21.40 18.31 22.08
CA ASN A 323 -22.19 18.60 23.28
C ASN A 323 -21.35 18.67 24.53
N SER A 324 -20.03 18.52 24.37
CA SER A 324 -19.15 18.58 25.51
C SER A 324 -19.14 20.00 26.06
N LYS A 325 -19.13 20.11 27.39
CA LYS A 325 -19.13 21.36 28.13
C LYS A 325 -18.01 22.31 27.70
N GLU A 326 -16.90 21.75 27.24
CA GLU A 326 -15.78 22.56 26.82
C GLU A 326 -15.86 23.04 25.36
N SER A 327 -16.78 22.47 24.59
CA SER A 327 -16.88 22.84 23.19
C SER A 327 -17.91 23.91 22.85
N LYS A 328 -18.98 23.98 23.64
CA LYS A 328 -20.03 24.94 23.32
C LYS A 328 -20.06 26.22 24.10
N PHE A 329 -20.53 27.25 23.41
CA PHE A 329 -20.67 28.57 23.97
C PHE A 329 -22.15 28.91 24.02
N THR A 330 -22.65 29.20 25.21
CA THR A 330 -24.05 29.53 25.36
C THR A 330 -24.21 31.05 25.54
N PHE A 331 -25.31 31.57 24.99
CA PHE A 331 -25.61 33.00 25.08
C PHE A 331 -27.09 33.16 24.73
N LYS A 332 -27.70 34.26 25.16
CA LYS A 332 -29.12 34.52 24.89
C LYS A 332 -29.22 35.82 24.12
N MET A 333 -29.83 35.79 22.94
CA MET A 333 -29.96 37.00 22.16
C MET A 333 -31.11 37.83 22.68
N ASN A 334 -31.00 39.14 22.54
CA ASN A 334 -32.04 40.05 23.00
C ASN A 334 -32.67 40.82 21.87
N PRO A 335 -33.79 41.50 22.14
CA PRO A 335 -34.42 42.26 21.06
C PRO A 335 -33.53 43.37 20.49
N GLY A 336 -33.65 43.58 19.19
CA GLY A 336 -32.90 44.61 18.52
C GLY A 336 -31.52 44.22 18.04
N ASP A 337 -31.04 43.05 18.46
CA ASP A 337 -29.72 42.66 18.00
C ASP A 337 -29.75 41.70 16.80
N VAL A 338 -28.60 41.60 16.11
CA VAL A 338 -28.44 40.75 14.93
C VAL A 338 -27.19 39.88 15.03
N ILE A 339 -27.41 38.56 15.01
CA ILE A 339 -26.31 37.60 15.07
C ILE A 339 -25.83 37.26 13.65
N THR A 340 -24.55 37.45 13.41
CA THR A 340 -23.99 37.17 12.09
C THR A 340 -22.87 36.15 12.19
N PHE A 341 -23.11 34.96 11.61
CA PHE A 341 -22.12 33.88 11.68
C PHE A 341 -21.81 33.05 10.45
N ASP A 342 -20.67 32.38 10.51
CA ASP A 342 -20.16 31.53 9.45
C ASP A 342 -20.83 30.17 9.41
N ASN A 343 -21.80 30.02 8.52
CA ASN A 343 -22.53 28.77 8.41
C ASN A 343 -21.74 27.56 7.91
N TRP A 344 -20.50 27.79 7.51
CA TRP A 344 -19.63 26.71 7.05
C TRP A 344 -18.72 26.25 8.16
N ARG A 345 -18.60 27.07 9.21
CA ARG A 345 -17.71 26.73 10.30
C ARG A 345 -18.47 26.41 11.56
N LEU A 346 -19.24 27.39 12.05
CA LEU A 346 -20.00 27.15 13.26
C LEU A 346 -21.23 26.32 12.98
N LEU A 347 -21.71 25.64 14.02
CA LEU A 347 -22.93 24.85 13.98
C LEU A 347 -23.70 25.43 15.13
N HIS A 348 -24.99 25.65 14.91
CA HIS A 348 -25.81 26.22 15.96
C HIS A 348 -26.95 25.31 16.39
N GLY A 349 -27.41 25.55 17.61
CA GLY A 349 -28.50 24.78 18.17
C GLY A 349 -29.20 25.67 19.15
N ARG A 350 -30.11 25.09 19.91
CA ARG A 350 -30.88 25.85 20.89
C ARG A 350 -31.15 24.98 22.11
N ARG A 351 -31.24 25.61 23.28
CA ARG A 351 -31.54 24.85 24.47
C ARG A 351 -33.05 24.68 24.55
N SER A 352 -33.49 23.82 25.46
CA SER A 352 -34.90 23.56 25.63
C SER A 352 -35.57 24.69 26.41
N TYR A 353 -36.71 25.20 25.93
CA TYR A 353 -37.43 26.27 26.65
C TYR A 353 -38.03 25.70 27.94
N GLU A 354 -38.10 26.50 29.00
CA GLU A 354 -38.66 26.03 30.27
C GLU A 354 -40.09 25.57 30.02
N ALA A 355 -40.42 24.36 30.48
CA ALA A 355 -41.75 23.81 30.28
C ALA A 355 -42.86 24.68 30.84
N GLY A 356 -43.95 24.78 30.09
CA GLY A 356 -45.11 25.56 30.50
C GLY A 356 -44.85 27.05 30.67
N THR A 357 -43.97 27.63 29.86
CA THR A 357 -43.67 29.07 29.96
C THR A 357 -44.00 29.77 28.65
N GLU A 358 -44.49 30.99 28.76
CA GLU A 358 -44.86 31.78 27.60
C GLU A 358 -43.72 31.83 26.61
N ILE A 359 -44.03 31.54 25.35
CA ILE A 359 -43.05 31.57 24.28
C ILE A 359 -43.54 32.52 23.22
N SER A 360 -42.78 33.59 23.04
CA SER A 360 -43.10 34.62 22.07
C SER A 360 -41.83 35.09 21.34
N ARG A 361 -41.69 34.64 20.09
CA ARG A 361 -40.53 35.02 19.27
C ARG A 361 -40.93 35.60 17.93
N HIS A 362 -39.96 36.24 17.29
CA HIS A 362 -40.15 36.84 15.99
C HIS A 362 -38.78 37.23 15.46
N LEU A 363 -38.25 36.43 14.53
CA LEU A 363 -36.94 36.74 13.97
C LEU A 363 -36.99 36.78 12.46
N GLU A 364 -36.02 37.47 11.86
CA GLU A 364 -35.92 37.57 10.41
C GLU A 364 -34.50 37.19 10.00
N GLY A 365 -34.39 36.14 9.18
CA GLY A 365 -33.08 35.68 8.74
C GLY A 365 -32.78 35.93 7.28
N ALA A 366 -31.52 35.75 6.91
CA ALA A 366 -31.05 35.91 5.54
C ALA A 366 -29.72 35.19 5.36
N TYR A 367 -29.37 34.88 4.12
CA TYR A 367 -28.12 34.20 3.82
C TYR A 367 -27.21 35.09 2.98
N ALA A 368 -25.90 34.81 2.99
CA ALA A 368 -24.94 35.55 2.18
C ALA A 368 -23.86 34.60 1.68
N ASP A 369 -23.31 34.91 0.51
CA ASP A 369 -22.28 34.09 -0.08
C ASP A 369 -20.93 34.59 0.39
N TRP A 370 -20.03 33.66 0.72
CA TRP A 370 -18.72 34.03 1.20
C TRP A 370 -17.94 34.85 0.21
N ASP A 371 -18.20 34.64 -1.07
CA ASP A 371 -17.48 35.41 -2.06
C ASP A 371 -17.92 36.88 -2.02
N VAL A 372 -19.21 37.13 -1.83
CA VAL A 372 -19.70 38.52 -1.75
C VAL A 372 -19.14 39.19 -0.50
N VAL A 373 -19.12 38.44 0.60
CA VAL A 373 -18.59 39.02 1.83
C VAL A 373 -17.10 39.29 1.67
N MET A 374 -16.37 38.33 1.10
CA MET A 374 -14.91 38.46 0.90
C MET A 374 -14.56 39.66 0.02
N SER A 375 -15.39 39.93 -0.98
CA SER A 375 -15.17 41.07 -1.87
C SER A 375 -15.30 42.35 -1.05
N ARG A 376 -16.40 42.48 -0.31
CA ARG A 376 -16.61 43.64 0.52
C ARG A 376 -15.43 43.75 1.51
N LEU A 377 -15.03 42.62 2.08
CA LEU A 377 -13.91 42.61 3.01
C LEU A 377 -12.61 43.09 2.36
N ARG A 378 -12.38 42.75 1.09
CA ARG A 378 -11.15 43.20 0.41
C ARG A 378 -11.20 44.69 0.11
N ILE A 379 -12.38 45.16 -0.27
CA ILE A 379 -12.56 46.57 -0.64
C ILE A 379 -12.58 47.48 0.58
N LEU A 380 -12.94 46.92 1.75
CA LEU A 380 -12.97 47.70 2.98
C LEU A 380 -11.59 47.79 3.62
N ARG A 381 -10.80 46.72 3.51
CA ARG A 381 -9.47 46.76 4.10
C ARG A 381 -8.66 47.84 3.43
N GLN A 382 -8.78 47.94 2.12
CA GLN A 382 -8.03 48.95 1.41
C GLN A 382 -8.52 50.37 1.72
N ARG A 383 -9.70 50.49 2.31
CA ARG A 383 -10.24 51.82 2.62
C ARG A 383 -10.00 52.27 4.04
N VAL A 384 -9.67 51.34 4.92
CA VAL A 384 -9.43 51.69 6.31
C VAL A 384 -7.95 51.68 6.65
N GLU A 385 -7.24 50.72 6.06
CA GLU A 385 -5.80 50.56 6.27
C GLU A 385 -5.01 51.77 5.77
N MET B 2 -43.63 -8.18 -7.56
CA MET B 2 -43.13 -9.57 -7.33
C MET B 2 -41.72 -9.52 -6.73
N ALA B 3 -41.08 -8.37 -6.86
CA ALA B 3 -39.73 -8.18 -6.34
C ALA B 3 -39.83 -7.28 -5.11
N CYS B 4 -40.96 -6.56 -5.02
CA CYS B 4 -41.23 -5.68 -3.91
C CYS B 4 -42.08 -6.43 -2.89
N THR B 5 -42.24 -7.74 -3.07
CA THR B 5 -43.04 -8.55 -2.12
C THR B 5 -42.08 -9.40 -1.25
N ILE B 6 -42.29 -9.39 0.07
CA ILE B 6 -41.41 -10.13 0.97
C ILE B 6 -41.74 -11.61 1.10
N GLN B 7 -40.71 -12.44 1.01
CA GLN B 7 -40.86 -13.89 1.12
C GLN B 7 -40.42 -14.33 2.51
N LYS B 8 -39.29 -13.78 2.96
CA LYS B 8 -38.72 -14.11 4.27
C LYS B 8 -37.93 -12.94 4.85
N ALA B 9 -38.19 -12.65 6.13
CA ALA B 9 -37.51 -11.57 6.84
C ALA B 9 -37.04 -12.06 8.21
N GLU B 10 -35.76 -11.89 8.49
CA GLU B 10 -35.20 -12.34 9.75
C GLU B 10 -34.13 -11.40 10.28
N ALA B 11 -33.91 -11.45 11.58
CA ALA B 11 -32.92 -10.59 12.23
C ALA B 11 -31.52 -11.19 12.31
N LEU B 12 -31.35 -12.37 11.72
CA LEU B 12 -30.07 -13.07 11.65
C LEU B 12 -29.43 -13.41 12.99
N ASP B 13 -28.13 -13.14 13.10
CA ASP B 13 -27.35 -13.47 14.30
C ASP B 13 -26.72 -12.21 14.85
N GLY B 14 -26.69 -12.08 16.17
CA GLY B 14 -26.26 -10.84 16.78
C GLY B 14 -27.41 -9.85 16.85
N ALA B 15 -28.39 -10.03 15.97
CA ALA B 15 -29.55 -9.15 15.90
C ALA B 15 -29.17 -7.72 15.48
N HIS B 16 -28.00 -7.56 14.84
CA HIS B 16 -27.52 -6.24 14.40
C HIS B 16 -27.74 -6.02 12.91
N LEU B 17 -28.37 -6.99 12.25
CA LEU B 17 -28.61 -6.89 10.82
C LEU B 17 -29.90 -7.62 10.45
N MET B 18 -30.53 -7.21 9.36
CA MET B 18 -31.77 -7.85 8.92
C MET B 18 -31.65 -8.38 7.51
N GLN B 19 -32.20 -9.55 7.24
CA GLN B 19 -32.12 -10.09 5.90
C GLN B 19 -33.49 -10.28 5.27
N ILE B 20 -33.69 -9.66 4.12
CA ILE B 20 -34.95 -9.79 3.43
C ILE B 20 -34.75 -10.56 2.14
N LEU B 21 -35.52 -11.62 1.97
CA LEU B 21 -35.43 -12.42 0.77
C LEU B 21 -36.76 -12.25 0.05
N TRP B 22 -36.72 -11.66 -1.14
CA TRP B 22 -37.93 -11.41 -1.92
C TRP B 22 -38.30 -12.62 -2.77
N TYR B 23 -39.50 -12.55 -3.37
CA TYR B 23 -40.00 -13.63 -4.21
C TYR B 23 -39.31 -13.74 -5.56
N ASP B 24 -38.19 -13.05 -5.71
CA ASP B 24 -37.43 -13.12 -6.95
C ASP B 24 -36.04 -13.63 -6.60
N GLU B 25 -35.96 -14.37 -5.49
CA GLU B 25 -34.71 -14.95 -5.00
C GLU B 25 -33.56 -13.95 -4.85
N GLU B 26 -33.89 -12.74 -4.44
CA GLU B 26 -32.89 -11.69 -4.22
C GLU B 26 -32.79 -11.43 -2.73
N GLU B 27 -31.58 -11.27 -2.21
CA GLU B 27 -31.40 -11.01 -0.78
C GLU B 27 -30.88 -9.60 -0.52
N SER B 28 -31.35 -8.99 0.57
CA SER B 28 -30.96 -7.62 0.95
C SER B 28 -30.54 -7.55 2.40
N LEU B 29 -29.53 -6.75 2.71
CA LEU B 29 -29.10 -6.63 4.08
C LEU B 29 -29.32 -5.21 4.59
N TYR B 30 -29.83 -5.10 5.81
CA TYR B 30 -30.09 -3.80 6.42
C TYR B 30 -29.56 -3.73 7.85
N PRO B 31 -28.69 -2.73 8.14
CA PRO B 31 -28.09 -2.50 9.46
C PRO B 31 -29.16 -2.03 10.44
N ALA B 32 -29.26 -2.69 11.59
CA ALA B 32 -30.26 -2.30 12.57
C ALA B 32 -30.18 -0.80 12.90
N VAL B 33 -28.98 -0.34 13.25
CA VAL B 33 -28.76 1.05 13.60
C VAL B 33 -29.37 1.99 12.55
N TRP B 34 -29.29 1.61 11.28
CA TRP B 34 -29.85 2.40 10.21
C TRP B 34 -31.39 2.35 10.23
N LEU B 35 -31.93 1.18 10.53
CA LEU B 35 -33.36 0.97 10.61
C LEU B 35 -33.87 1.79 11.77
N ARG B 36 -33.18 1.75 12.89
CA ARG B 36 -33.68 2.53 14.01
C ARG B 36 -33.66 4.01 13.66
N ASP B 37 -32.53 4.49 13.14
CA ASP B 37 -32.37 5.89 12.76
C ASP B 37 -33.44 6.38 11.77
N ASN B 38 -34.02 5.48 10.99
CA ASN B 38 -35.02 5.88 10.00
C ASN B 38 -36.43 5.35 10.26
N CYS B 39 -36.76 5.17 11.53
CA CYS B 39 -38.09 4.72 11.91
C CYS B 39 -39.10 5.70 11.37
N PRO B 40 -40.08 5.22 10.59
CA PRO B 40 -41.14 6.06 9.99
C PRO B 40 -42.17 6.61 10.97
N CYS B 41 -42.13 6.11 12.20
CA CYS B 41 -43.03 6.50 13.28
C CYS B 41 -43.07 8.01 13.42
N SER B 42 -44.23 8.54 13.79
CA SER B 42 -44.42 9.99 13.93
C SER B 42 -43.48 10.63 14.95
N ASP B 43 -43.01 9.86 15.92
CA ASP B 43 -42.12 10.42 16.93
C ASP B 43 -40.72 10.62 16.40
N CYS B 44 -40.36 9.89 15.36
CA CYS B 44 -39.03 9.95 14.78
C CYS B 44 -38.90 10.69 13.46
N TYR B 45 -39.99 10.76 12.72
CA TYR B 45 -39.97 11.38 11.41
C TYR B 45 -41.22 12.21 11.13
N LEU B 46 -41.03 13.23 10.30
CA LEU B 46 -42.11 14.11 9.86
C LEU B 46 -42.32 13.85 8.38
N ASP B 47 -43.41 13.17 8.02
CA ASP B 47 -43.69 12.86 6.62
C ASP B 47 -43.79 14.10 5.73
N SER B 48 -44.39 15.15 6.28
CA SER B 48 -44.56 16.41 5.56
C SER B 48 -43.23 17.04 5.16
N ALA B 49 -42.48 17.51 6.16
CA ALA B 49 -41.18 18.16 5.94
C ALA B 49 -40.13 17.16 5.46
N LYS B 50 -40.47 15.88 5.54
CA LYS B 50 -39.58 14.79 5.13
C LYS B 50 -38.30 14.88 5.97
N ALA B 51 -38.46 15.37 7.21
CA ALA B 51 -37.33 15.54 8.11
C ALA B 51 -37.29 14.49 9.23
N ARG B 52 -36.13 14.36 9.86
CA ARG B 52 -36.00 13.41 10.93
C ARG B 52 -36.02 14.14 12.26
N LYS B 53 -36.90 13.69 13.14
CA LYS B 53 -37.06 14.30 14.46
C LYS B 53 -36.07 13.67 15.45
N LEU B 54 -35.92 12.36 15.34
CA LEU B 54 -35.03 11.59 16.21
C LEU B 54 -33.63 12.23 16.33
N LEU B 55 -33.18 12.44 17.56
CA LEU B 55 -31.86 13.01 17.77
C LEU B 55 -30.79 11.95 17.76
N VAL B 56 -29.60 12.32 17.31
CA VAL B 56 -28.51 11.36 17.27
C VAL B 56 -28.21 10.92 18.69
N GLU B 57 -28.19 11.89 19.61
CA GLU B 57 -27.94 11.61 21.03
C GLU B 57 -28.82 10.44 21.51
N ALA B 58 -30.05 10.39 21.01
CA ALA B 58 -30.97 9.32 21.38
C ALA B 58 -30.82 8.14 20.44
N LEU B 59 -29.59 7.81 20.05
CA LEU B 59 -29.37 6.70 19.12
C LEU B 59 -28.28 5.76 19.57
N ASP B 60 -28.67 4.54 19.92
CA ASP B 60 -27.73 3.52 20.36
C ASP B 60 -27.09 2.86 19.14
N VAL B 61 -25.88 3.30 18.78
CA VAL B 61 -25.16 2.77 17.64
C VAL B 61 -24.95 1.26 17.72
N ASN B 62 -25.00 0.70 18.92
CA ASN B 62 -24.81 -0.74 19.04
C ASN B 62 -26.14 -1.37 19.31
N ILE B 63 -27.18 -0.79 18.73
CA ILE B 63 -28.53 -1.31 18.90
C ILE B 63 -28.73 -2.59 18.10
N GLY B 64 -29.64 -3.42 18.57
CA GLY B 64 -29.95 -4.67 17.90
C GLY B 64 -31.44 -4.91 17.94
N ILE B 65 -31.95 -5.66 16.97
CA ILE B 65 -33.37 -5.96 16.88
C ILE B 65 -33.85 -6.93 17.98
N LYS B 66 -34.92 -6.56 18.68
CA LYS B 66 -35.46 -7.41 19.74
C LYS B 66 -36.32 -8.50 19.11
N GLY B 67 -37.12 -8.13 18.13
CA GLY B 67 -37.96 -9.10 17.47
C GLY B 67 -38.59 -8.50 16.24
N LEU B 68 -39.20 -9.35 15.41
CA LEU B 68 -39.88 -8.88 14.20
C LEU B 68 -40.77 -9.92 13.53
N ILE B 69 -41.85 -9.43 12.93
CA ILE B 69 -42.78 -10.29 12.21
C ILE B 69 -43.02 -9.57 10.90
N PHE B 70 -43.60 -10.27 9.93
CA PHE B 70 -43.79 -9.63 8.65
C PHE B 70 -44.88 -10.26 7.85
N ASP B 71 -45.21 -9.60 6.76
CA ASP B 71 -46.19 -10.06 5.79
C ASP B 71 -45.55 -9.70 4.46
N ARG B 72 -46.32 -9.68 3.37
CA ARG B 72 -45.73 -9.37 2.07
C ARG B 72 -45.23 -7.97 1.73
N LYS B 73 -45.77 -6.92 2.33
CA LYS B 73 -45.34 -5.57 2.00
C LYS B 73 -45.01 -4.71 3.20
N LYS B 74 -44.76 -5.35 4.34
CA LYS B 74 -44.45 -4.65 5.59
C LYS B 74 -43.62 -5.51 6.56
N VAL B 75 -42.75 -4.85 7.32
CA VAL B 75 -41.90 -5.51 8.32
C VAL B 75 -42.18 -4.81 9.66
N TYR B 76 -42.44 -5.59 10.70
CA TYR B 76 -42.72 -5.04 12.02
C TYR B 76 -41.55 -5.35 12.96
N ILE B 77 -40.95 -4.31 13.50
CA ILE B 77 -39.80 -4.50 14.35
C ILE B 77 -39.97 -3.90 15.74
N THR B 78 -39.42 -4.61 16.73
CA THR B 78 -39.45 -4.16 18.11
C THR B 78 -38.02 -4.06 18.60
N TRP B 79 -37.76 -3.06 19.42
CA TRP B 79 -36.43 -2.85 19.95
C TRP B 79 -36.36 -2.96 21.46
N PRO B 80 -35.13 -3.10 22.01
CA PRO B 80 -34.90 -3.22 23.46
C PRO B 80 -35.57 -2.16 24.35
N ASP B 81 -35.56 -0.90 23.94
CA ASP B 81 -36.17 0.18 24.71
C ASP B 81 -37.69 0.20 24.51
N GLU B 82 -38.21 -0.91 24.01
CA GLU B 82 -39.63 -1.09 23.76
C GLU B 82 -40.20 -0.18 22.66
N HIS B 83 -39.35 0.21 21.72
CA HIS B 83 -39.80 1.07 20.63
C HIS B 83 -40.30 0.28 19.42
N TYR B 84 -41.40 0.74 18.85
CA TYR B 84 -42.00 0.04 17.72
C TYR B 84 -41.85 0.75 16.37
N SER B 85 -41.60 -0.02 15.32
CA SER B 85 -41.45 0.56 13.98
C SER B 85 -42.05 -0.31 12.86
N GLU B 86 -42.47 0.34 11.78
CA GLU B 86 -43.05 -0.36 10.63
C GLU B 86 -42.36 0.14 9.38
N PHE B 87 -41.93 -0.79 8.53
CA PHE B 87 -41.26 -0.43 7.30
C PHE B 87 -42.00 -1.03 6.12
N GLN B 88 -42.16 -0.24 5.06
CA GLN B 88 -42.84 -0.68 3.84
C GLN B 88 -41.82 -1.47 3.01
N ALA B 89 -42.28 -2.53 2.34
CA ALA B 89 -41.45 -3.40 1.50
C ALA B 89 -40.78 -2.67 0.35
N ASP B 90 -41.54 -1.85 -0.36
CA ASP B 90 -40.99 -1.10 -1.48
C ASP B 90 -40.04 -0.03 -1.00
N TRP B 91 -40.29 0.51 0.20
CA TRP B 91 -39.43 1.55 0.75
C TRP B 91 -38.07 0.99 1.06
N LEU B 92 -38.06 -0.25 1.55
CA LEU B 92 -36.84 -0.95 1.88
C LEU B 92 -36.10 -1.29 0.61
N LYS B 93 -36.82 -1.94 -0.31
CA LYS B 93 -36.26 -2.36 -1.58
C LYS B 93 -35.51 -1.21 -2.23
N LYS B 94 -36.15 -0.05 -2.31
CA LYS B 94 -35.52 1.10 -2.92
C LYS B 94 -34.16 1.41 -2.26
N ARG B 95 -34.11 1.27 -0.94
CA ARG B 95 -32.91 1.58 -0.15
C ARG B 95 -31.95 0.42 0.16
N CYS B 96 -32.06 -0.64 -0.64
CA CYS B 96 -31.22 -1.81 -0.50
C CYS B 96 -29.76 -1.37 -0.60
N PHE B 97 -28.92 -2.00 0.18
CA PHE B 97 -27.53 -1.63 0.19
C PHE B 97 -26.69 -2.32 -0.87
N SER B 98 -27.32 -2.97 -1.83
CA SER B 98 -26.51 -3.61 -2.85
C SER B 98 -25.85 -2.55 -3.75
N LYS B 99 -24.76 -2.90 -4.44
CA LYS B 99 -24.09 -1.94 -5.31
C LYS B 99 -25.06 -1.48 -6.41
N GLN B 100 -25.79 -2.43 -6.96
CA GLN B 100 -26.73 -2.14 -8.05
C GLN B 100 -27.92 -1.30 -7.60
N ALA B 101 -28.54 -1.67 -6.50
CA ALA B 101 -29.66 -0.89 -6.03
C ALA B 101 -29.19 0.53 -5.67
N ARG B 102 -28.02 0.63 -5.02
CA ARG B 102 -27.52 1.94 -4.63
C ARG B 102 -27.23 2.82 -5.86
N ALA B 103 -26.70 2.18 -6.89
CA ALA B 103 -26.36 2.81 -8.17
C ALA B 103 -27.59 3.26 -8.92
N LYS B 104 -28.61 2.43 -8.90
CA LYS B 104 -29.87 2.71 -9.57
C LYS B 104 -30.55 3.94 -8.96
N LEU B 105 -30.65 3.95 -7.63
CA LEU B 105 -31.31 5.04 -6.92
C LEU B 105 -30.60 6.36 -7.20
N GLN B 106 -29.28 6.32 -7.22
CA GLN B 106 -28.52 7.54 -7.52
C GLN B 106 -28.87 8.01 -8.95
N ARG B 107 -28.86 7.11 -9.92
CA ARG B 107 -29.20 7.49 -11.29
C ARG B 107 -30.55 8.22 -11.32
N GLU B 108 -31.47 7.72 -10.52
CA GLU B 108 -32.82 8.27 -10.42
C GLU B 108 -32.89 9.62 -9.73
N LEU B 109 -31.86 9.95 -8.95
CA LEU B 109 -31.79 11.20 -8.19
C LEU B 109 -31.00 12.35 -8.81
N PHE B 110 -30.02 12.04 -9.66
CA PHE B 110 -29.17 13.08 -10.22
C PHE B 110 -29.01 13.10 -11.74
N PHE B 111 -29.75 12.26 -12.46
CA PHE B 111 -29.67 12.22 -13.94
C PHE B 111 -28.21 12.29 -14.40
N PRO B 112 -27.37 11.36 -13.94
CA PRO B 112 -25.95 11.33 -14.32
C PRO B 112 -25.61 10.95 -15.76
N GLU B 113 -26.60 10.49 -16.54
CA GLU B 113 -26.29 10.10 -17.90
C GLU B 113 -26.17 11.28 -18.85
N CYS B 114 -24.99 11.44 -19.45
CA CYS B 114 -24.77 12.51 -20.40
C CYS B 114 -24.25 11.91 -21.71
N GLN B 115 -24.52 12.61 -22.80
CA GLN B 115 -24.11 12.14 -24.11
C GLN B 115 -22.91 12.97 -24.59
N TYR B 116 -21.78 12.31 -24.80
CA TYR B 116 -20.58 13.01 -25.26
C TYR B 116 -20.69 13.40 -26.72
N TRP B 117 -19.99 14.47 -27.11
CA TRP B 117 -20.04 14.95 -28.49
C TRP B 117 -18.90 15.86 -28.91
N GLY B 118 -18.58 15.80 -30.19
CA GLY B 118 -17.51 16.61 -30.75
C GLY B 118 -18.04 17.53 -31.84
N SER B 119 -17.66 17.32 -33.09
CA SER B 119 -18.14 18.21 -34.13
C SER B 119 -19.39 17.66 -34.81
N GLU B 120 -19.69 16.41 -34.53
CA GLU B 120 -20.86 15.72 -35.08
C GLU B 120 -22.14 15.99 -34.29
N LEU B 121 -22.08 16.90 -33.33
CA LEU B 121 -23.23 17.21 -32.48
C LEU B 121 -24.45 17.77 -33.22
N GLN B 122 -25.63 17.32 -32.81
CA GLN B 122 -26.85 17.81 -33.41
C GLN B 122 -27.49 18.73 -32.38
N LEU B 123 -27.35 20.04 -32.58
CA LEU B 123 -27.90 21.02 -31.66
C LEU B 123 -29.41 20.86 -31.38
N PRO B 124 -29.77 20.46 -30.14
CA PRO B 124 -31.16 20.27 -29.73
C PRO B 124 -31.95 21.58 -29.88
N THR B 125 -33.23 21.49 -30.18
CA THR B 125 -34.07 22.67 -30.37
C THR B 125 -35.47 22.50 -29.76
N LEU B 126 -36.07 23.61 -29.35
CA LEU B 126 -37.43 23.60 -28.79
C LEU B 126 -37.98 25.00 -28.88
N ASP B 127 -39.29 25.11 -28.75
CA ASP B 127 -39.91 26.40 -28.85
C ASP B 127 -40.02 27.13 -27.50
N PHE B 128 -39.48 28.35 -27.46
CA PHE B 128 -39.48 29.20 -26.27
C PHE B 128 -40.81 29.25 -25.54
N GLU B 129 -41.88 29.60 -26.26
CA GLU B 129 -43.18 29.68 -25.65
C GLU B 129 -43.71 28.31 -25.20
N ASP B 130 -43.34 27.27 -25.93
CA ASP B 130 -43.78 25.92 -25.60
C ASP B 130 -43.24 25.53 -24.24
N VAL B 131 -41.95 25.76 -24.07
CA VAL B 131 -41.29 25.43 -22.82
C VAL B 131 -41.97 26.14 -21.65
N LEU B 132 -42.50 27.33 -21.92
CA LEU B 132 -43.20 28.10 -20.89
C LEU B 132 -44.57 27.52 -20.53
N ARG B 133 -45.38 27.19 -21.52
CA ARG B 133 -46.72 26.65 -21.25
C ARG B 133 -46.84 25.17 -20.91
N TYR B 134 -46.08 24.32 -21.61
CA TYR B 134 -46.18 22.88 -21.37
C TYR B 134 -45.01 22.30 -20.59
N ASP B 135 -45.31 21.45 -19.62
CA ASP B 135 -44.27 20.85 -18.80
C ASP B 135 -43.56 19.75 -19.55
N GLU B 136 -44.28 19.11 -20.47
CA GLU B 136 -43.68 18.04 -21.26
C GLU B 136 -42.44 18.62 -21.91
N HIS B 137 -42.55 19.86 -22.39
CA HIS B 137 -41.45 20.53 -23.06
C HIS B 137 -40.38 21.03 -22.11
N ALA B 138 -40.76 21.73 -21.05
CA ALA B 138 -39.77 22.21 -20.09
C ALA B 138 -38.97 21.00 -19.59
N TYR B 139 -39.63 19.86 -19.41
CA TYR B 139 -38.94 18.65 -18.96
C TYR B 139 -37.93 18.24 -20.01
N LYS B 140 -38.34 18.28 -21.28
CA LYS B 140 -37.49 17.92 -22.39
C LYS B 140 -36.32 18.91 -22.46
N TRP B 141 -36.60 20.16 -22.11
CA TRP B 141 -35.60 21.20 -22.12
C TRP B 141 -34.52 21.01 -21.07
N LEU B 142 -34.93 20.74 -19.83
CA LEU B 142 -33.95 20.60 -18.78
C LEU B 142 -33.27 19.26 -18.78
N SER B 143 -34.02 18.22 -19.14
CA SER B 143 -33.42 16.90 -19.15
C SER B 143 -32.42 16.83 -20.30
N THR B 144 -32.65 17.59 -21.37
CA THR B 144 -31.70 17.55 -22.47
C THR B 144 -30.49 18.39 -22.12
N LEU B 145 -30.74 19.49 -21.40
CA LEU B 145 -29.67 20.38 -21.02
C LEU B 145 -28.68 19.64 -20.14
N LYS B 146 -29.20 18.74 -19.30
CA LYS B 146 -28.35 17.97 -18.41
C LYS B 146 -27.60 16.89 -19.18
N LYS B 147 -28.30 16.18 -20.04
CA LYS B 147 -27.68 15.11 -20.80
C LYS B 147 -26.66 15.59 -21.84
N VAL B 148 -27.09 16.53 -22.68
CA VAL B 148 -26.23 17.07 -23.73
C VAL B 148 -25.41 18.29 -23.32
N GLY B 149 -26.02 19.19 -22.56
CA GLY B 149 -25.30 20.36 -22.12
C GLY B 149 -25.68 21.66 -22.83
N ILE B 150 -26.63 21.59 -23.74
CA ILE B 150 -27.00 22.82 -24.43
C ILE B 150 -28.27 22.62 -25.21
N VAL B 151 -29.17 23.57 -25.08
CA VAL B 151 -30.41 23.47 -25.80
C VAL B 151 -30.71 24.80 -26.45
N ARG B 152 -31.13 24.76 -27.70
CA ARG B 152 -31.46 26.00 -28.37
C ARG B 152 -32.96 26.27 -28.41
N LEU B 153 -33.41 27.19 -27.57
CA LEU B 153 -34.82 27.57 -27.54
C LEU B 153 -35.01 28.65 -28.60
N THR B 154 -35.94 28.41 -29.53
CA THR B 154 -36.21 29.34 -30.64
C THR B 154 -37.60 29.97 -30.61
N GLY B 155 -37.70 31.19 -31.10
CA GLY B 155 -39.00 31.86 -31.13
C GLY B 155 -39.35 32.79 -30.00
N ALA B 156 -38.36 33.45 -29.42
CA ALA B 156 -38.60 34.40 -28.32
C ALA B 156 -38.75 35.79 -28.93
N SER B 157 -39.29 36.75 -28.18
CA SER B 157 -39.48 38.09 -28.69
C SER B 157 -38.18 38.78 -29.05
N ASP B 158 -38.29 40.05 -29.46
CA ASP B 158 -37.13 40.85 -29.84
C ASP B 158 -36.99 42.01 -28.88
N LYS B 159 -37.32 41.75 -27.61
CA LYS B 159 -37.23 42.73 -26.54
C LYS B 159 -36.65 42.03 -25.31
N PRO B 160 -36.09 42.80 -24.37
CA PRO B 160 -35.50 42.22 -23.15
C PRO B 160 -36.56 41.59 -22.27
N GLY B 161 -36.12 40.74 -21.35
CA GLY B 161 -37.07 40.10 -20.44
C GLY B 161 -37.46 38.67 -20.77
N GLU B 162 -36.82 38.06 -21.75
CA GLU B 162 -37.14 36.67 -22.07
C GLU B 162 -36.42 35.74 -21.10
N VAL B 163 -35.15 36.02 -20.82
CA VAL B 163 -34.45 35.14 -19.89
C VAL B 163 -35.14 35.15 -18.52
N SER B 164 -35.67 36.30 -18.12
CA SER B 164 -36.39 36.41 -16.84
C SER B 164 -37.55 35.42 -16.77
N LYS B 165 -38.21 35.20 -17.90
CA LYS B 165 -39.34 34.27 -17.97
C LYS B 165 -38.85 32.84 -17.81
N LEU B 166 -37.71 32.53 -18.41
CA LEU B 166 -37.16 31.20 -18.28
C LEU B 166 -36.69 31.04 -16.84
N GLY B 167 -36.52 32.17 -16.15
CA GLY B 167 -36.10 32.14 -14.78
C GLY B 167 -37.21 31.62 -13.90
N LYS B 168 -38.39 32.21 -14.03
CA LYS B 168 -39.53 31.77 -13.24
C LYS B 168 -39.83 30.32 -13.59
N ARG B 169 -39.58 29.94 -14.83
CA ARG B 169 -39.85 28.58 -15.25
C ARG B 169 -39.01 27.56 -14.48
N MET B 170 -37.75 27.93 -14.21
CA MET B 170 -36.83 27.08 -13.45
C MET B 170 -37.04 27.32 -11.96
N GLY B 171 -37.10 28.60 -11.58
CA GLY B 171 -37.30 28.95 -10.19
C GLY B 171 -36.82 30.35 -9.92
N PHE B 172 -35.55 30.59 -10.22
CA PHE B 172 -34.94 31.90 -10.07
C PHE B 172 -33.53 31.88 -10.58
N LEU B 173 -33.11 33.01 -11.15
CA LEU B 173 -31.78 33.19 -11.70
C LEU B 173 -30.77 33.37 -10.58
N TYR B 174 -29.49 33.23 -10.94
CA TYR B 174 -28.35 33.37 -10.01
C TYR B 174 -27.77 34.79 -10.03
N LEU B 175 -28.20 35.60 -9.07
CA LEU B 175 -27.76 36.99 -8.94
C LEU B 175 -26.28 37.13 -8.69
N THR B 176 -25.59 37.84 -9.57
CA THR B 176 -24.16 38.02 -9.41
C THR B 176 -23.83 39.49 -9.38
N PHE B 177 -22.55 39.80 -9.41
CA PHE B 177 -22.11 41.19 -9.40
C PHE B 177 -22.52 41.88 -10.70
N TYR B 178 -22.97 41.12 -11.69
CA TYR B 178 -23.40 41.76 -12.92
C TYR B 178 -24.89 42.01 -12.93
N GLY B 179 -25.55 41.64 -11.84
CA GLY B 179 -26.98 41.83 -11.72
C GLY B 179 -27.76 40.54 -11.95
N HIS B 180 -29.06 40.67 -12.09
CA HIS B 180 -29.93 39.52 -12.33
C HIS B 180 -29.68 39.12 -13.77
N THR B 181 -29.75 40.10 -14.65
CA THR B 181 -29.51 39.86 -16.07
C THR B 181 -28.46 40.85 -16.53
N TRP B 182 -27.92 40.64 -17.73
CA TRP B 182 -26.93 41.55 -18.29
C TRP B 182 -27.11 41.67 -19.80
N GLN B 183 -27.07 42.88 -20.33
CA GLN B 183 -27.22 43.07 -21.76
C GLN B 183 -25.90 43.39 -22.43
N VAL B 184 -25.63 42.71 -23.54
CA VAL B 184 -24.41 42.97 -24.30
C VAL B 184 -24.88 43.67 -25.58
N GLN B 185 -24.19 44.76 -25.94
CA GLN B 185 -24.53 45.49 -27.16
C GLN B 185 -23.29 45.90 -27.95
N ASP B 186 -23.34 45.65 -29.25
CA ASP B 186 -22.23 45.98 -30.15
C ASP B 186 -22.76 46.66 -31.42
N LYS B 187 -22.03 47.67 -31.89
CA LYS B 187 -22.39 48.41 -33.11
C LYS B 187 -21.16 49.02 -33.77
N ILE B 188 -20.84 48.56 -34.97
CA ILE B 188 -19.72 49.13 -35.70
C ILE B 188 -20.15 49.32 -37.13
N ASP B 189 -19.97 50.52 -37.67
CA ASP B 189 -20.40 50.75 -39.06
C ASP B 189 -19.45 50.01 -40.01
N ALA B 190 -19.96 49.67 -41.18
CA ALA B 190 -19.15 48.98 -42.19
C ALA B 190 -18.05 49.93 -42.72
N ASN B 191 -17.02 49.35 -43.34
CA ASN B 191 -15.91 50.10 -43.93
C ASN B 191 -15.12 50.98 -42.95
N ASN B 192 -15.25 50.72 -41.66
CA ASN B 192 -14.53 51.48 -40.65
C ASN B 192 -13.13 50.91 -40.48
N VAL B 193 -12.12 51.65 -40.93
CA VAL B 193 -10.73 51.19 -40.83
C VAL B 193 -10.09 51.47 -39.48
N ALA B 194 -10.81 52.18 -38.62
CA ALA B 194 -10.30 52.51 -37.30
C ALA B 194 -10.41 51.35 -36.31
N TYR B 195 -11.42 50.49 -36.50
CA TYR B 195 -11.66 49.34 -35.62
C TYR B 195 -11.04 48.03 -36.12
N THR B 196 -10.78 47.11 -35.19
CA THR B 196 -10.20 45.80 -35.50
C THR B 196 -10.86 44.74 -34.62
N THR B 197 -11.37 43.68 -35.23
CA THR B 197 -12.03 42.64 -34.47
C THR B 197 -11.17 41.40 -34.31
N GLY B 198 -11.30 40.74 -33.16
CA GLY B 198 -10.54 39.54 -32.89
C GLY B 198 -11.44 38.37 -32.51
N LYS B 199 -10.84 37.18 -32.37
CA LYS B 199 -11.59 35.97 -31.99
C LYS B 199 -11.68 35.90 -30.48
N LEU B 200 -12.53 34.99 -30.01
CA LEU B 200 -12.73 34.76 -28.59
C LEU B 200 -12.35 33.32 -28.27
N SER B 201 -11.24 33.14 -27.58
CA SER B 201 -10.78 31.80 -27.18
C SER B 201 -11.79 31.13 -26.25
N PHE B 202 -11.89 29.81 -26.33
CA PHE B 202 -12.82 29.06 -25.48
C PHE B 202 -12.74 29.39 -23.99
N HIS B 203 -13.88 29.46 -23.33
CA HIS B 203 -13.86 29.73 -21.92
C HIS B 203 -15.18 29.33 -21.25
N THR B 204 -15.18 29.49 -19.93
CA THR B 204 -16.33 29.23 -19.08
C THR B 204 -16.51 30.57 -18.41
N ASP B 205 -17.74 30.96 -18.09
CA ASP B 205 -17.92 32.24 -17.43
C ASP B 205 -17.66 32.25 -15.94
N TYR B 206 -17.35 33.44 -15.44
CA TYR B 206 -17.15 33.74 -14.02
C TYR B 206 -16.34 32.77 -13.18
N PRO B 207 -15.15 32.38 -13.65
CA PRO B 207 -14.33 31.44 -12.87
C PRO B 207 -13.75 32.13 -11.62
N ALA B 208 -13.92 33.44 -11.52
CA ALA B 208 -13.40 34.20 -10.39
C ALA B 208 -14.24 34.01 -9.14
N LEU B 209 -15.27 33.17 -9.25
CA LEU B 209 -16.13 32.84 -8.12
C LEU B 209 -15.80 31.42 -7.72
N HIS B 210 -15.92 31.11 -6.43
CA HIS B 210 -15.66 29.74 -5.99
C HIS B 210 -16.76 28.83 -6.51
N HIS B 211 -17.97 29.36 -6.60
CA HIS B 211 -19.09 28.58 -7.11
C HIS B 211 -19.59 29.26 -8.37
N PRO B 212 -19.01 28.88 -9.52
CA PRO B 212 -19.37 29.43 -10.82
C PRO B 212 -20.80 29.10 -11.22
N PRO B 213 -21.42 29.98 -12.04
CA PRO B 213 -22.80 29.81 -12.52
C PRO B 213 -22.99 28.45 -13.19
N GLY B 214 -23.92 27.64 -12.69
CA GLY B 214 -24.16 26.32 -13.28
C GLY B 214 -24.58 26.30 -14.74
N VAL B 215 -25.51 27.17 -15.14
CA VAL B 215 -25.97 27.20 -16.54
C VAL B 215 -26.10 28.65 -17.04
N GLN B 216 -25.90 28.87 -18.35
CA GLN B 216 -26.01 30.22 -18.88
C GLN B 216 -27.19 30.36 -19.84
N LEU B 217 -27.79 31.54 -19.85
CA LEU B 217 -28.95 31.83 -20.72
C LEU B 217 -28.61 33.03 -21.57
N LEU B 218 -28.45 32.79 -22.87
CA LEU B 218 -28.08 33.84 -23.80
C LEU B 218 -29.13 34.06 -24.88
N HIS B 219 -29.95 35.10 -24.69
CA HIS B 219 -31.00 35.47 -25.62
C HIS B 219 -30.47 36.41 -26.69
N CYS B 220 -30.75 36.10 -27.96
CA CYS B 220 -30.31 36.95 -29.04
C CYS B 220 -31.49 37.80 -29.49
N ILE B 221 -31.53 39.05 -29.04
CA ILE B 221 -32.63 39.97 -29.40
C ILE B 221 -32.55 40.38 -30.87
N LYS B 222 -31.46 41.03 -31.24
CA LYS B 222 -31.29 41.46 -32.62
C LYS B 222 -29.82 41.34 -32.98
N GLN B 223 -29.54 40.66 -34.09
CA GLN B 223 -28.16 40.48 -34.48
C GLN B 223 -28.03 40.47 -35.99
N THR B 224 -27.12 41.30 -36.46
CA THR B 224 -26.82 41.43 -37.87
C THR B 224 -25.30 41.44 -37.98
N VAL B 225 -24.74 40.28 -38.31
CA VAL B 225 -23.30 40.12 -38.44
C VAL B 225 -23.00 39.21 -39.61
N THR B 226 -21.71 39.06 -39.92
CA THR B 226 -21.27 38.22 -41.04
C THR B 226 -20.56 36.94 -40.57
N GLY B 227 -19.33 37.07 -40.08
CA GLY B 227 -18.62 35.89 -39.63
C GLY B 227 -18.41 35.82 -38.14
N GLY B 228 -19.48 35.97 -37.36
CA GLY B 228 -19.30 35.91 -35.93
C GLY B 228 -19.72 34.59 -35.34
N ASP B 229 -19.66 33.54 -36.16
CA ASP B 229 -20.06 32.21 -35.74
C ASP B 229 -19.61 31.87 -34.32
N SER B 230 -20.52 31.27 -33.57
CA SER B 230 -20.27 30.87 -32.20
C SER B 230 -19.66 29.48 -32.21
N GLU B 231 -18.75 29.23 -31.29
CA GLU B 231 -18.12 27.93 -31.21
C GLU B 231 -18.23 27.38 -29.79
N ILE B 232 -18.25 26.06 -29.66
CA ILE B 232 -18.37 25.43 -28.35
C ILE B 232 -17.72 24.05 -28.37
N VAL B 233 -17.23 23.64 -27.21
CA VAL B 233 -16.61 22.34 -27.04
C VAL B 233 -17.15 21.70 -25.78
N ASP B 234 -17.16 20.38 -25.79
CA ASP B 234 -17.62 19.59 -24.66
C ASP B 234 -16.43 19.30 -23.74
N GLY B 235 -16.22 20.17 -22.75
CA GLY B 235 -15.12 20.02 -21.83
C GLY B 235 -14.88 18.61 -21.32
N PHE B 236 -15.95 17.90 -20.98
CA PHE B 236 -15.82 16.53 -20.49
C PHE B 236 -15.16 15.67 -21.56
N ASN B 237 -15.80 15.58 -22.73
CA ASN B 237 -15.29 14.81 -23.85
C ASN B 237 -13.80 15.11 -24.05
N VAL B 238 -13.47 16.41 -24.16
CA VAL B 238 -12.09 16.84 -24.34
C VAL B 238 -11.14 16.31 -23.28
N CYS B 239 -11.51 16.46 -22.02
CA CYS B 239 -10.67 15.99 -20.92
C CYS B 239 -10.37 14.52 -21.03
N GLN B 240 -11.39 13.77 -21.35
CA GLN B 240 -11.25 12.34 -21.52
C GLN B 240 -10.17 12.12 -22.59
N LYS B 241 -10.34 12.74 -23.75
CA LYS B 241 -9.37 12.60 -24.82
C LYS B 241 -8.01 13.13 -24.39
N LEU B 242 -8.03 14.18 -23.59
CA LEU B 242 -6.80 14.79 -23.11
C LEU B 242 -5.95 13.78 -22.34
N LYS B 243 -6.49 13.16 -21.29
CA LYS B 243 -5.65 12.22 -20.56
C LYS B 243 -5.24 11.02 -21.40
N LYS B 244 -6.13 10.61 -22.30
CA LYS B 244 -5.83 9.48 -23.15
C LYS B 244 -4.70 9.81 -24.13
N ASN B 245 -4.55 11.08 -24.50
CA ASN B 245 -3.49 11.43 -25.43
C ASN B 245 -2.32 12.16 -24.83
N ASN B 246 -2.44 12.51 -23.55
CA ASN B 246 -1.39 13.22 -22.84
C ASN B 246 -1.65 13.23 -21.34
N PRO B 247 -1.42 12.09 -20.66
CA PRO B 247 -1.64 11.99 -19.22
C PRO B 247 -0.93 13.07 -18.40
N GLN B 248 0.27 13.43 -18.84
CA GLN B 248 1.11 14.44 -18.19
C GLN B 248 0.41 15.79 -18.12
N ALA B 249 -0.27 16.15 -19.22
CA ALA B 249 -1.02 17.40 -19.27
C ALA B 249 -2.20 17.31 -18.33
N PHE B 250 -3.01 16.26 -18.49
CA PHE B 250 -4.19 16.03 -17.64
C PHE B 250 -3.85 16.05 -16.16
N GLN B 251 -2.72 15.45 -15.81
CA GLN B 251 -2.26 15.40 -14.44
C GLN B 251 -2.11 16.81 -13.86
N ILE B 252 -1.22 17.58 -14.47
CA ILE B 252 -0.93 18.94 -14.06
C ILE B 252 -2.18 19.81 -13.98
N LEU B 253 -2.97 19.83 -15.05
CA LEU B 253 -4.18 20.63 -15.06
C LEU B 253 -5.26 20.17 -14.07
N SER B 254 -5.23 18.90 -13.70
CA SER B 254 -6.22 18.40 -12.75
C SER B 254 -5.69 18.46 -11.31
N SER B 255 -4.49 18.99 -11.14
CA SER B 255 -3.91 19.06 -9.81
C SER B 255 -3.33 20.41 -9.44
N THR B 256 -3.05 21.25 -10.43
CA THR B 256 -2.49 22.58 -10.18
C THR B 256 -3.56 23.64 -9.95
N PHE B 257 -3.50 24.31 -8.82
CA PHE B 257 -4.45 25.37 -8.51
C PHE B 257 -4.13 26.67 -9.23
N VAL B 258 -5.13 27.19 -9.93
CA VAL B 258 -4.94 28.44 -10.64
C VAL B 258 -5.78 29.56 -10.01
N ASP B 259 -5.19 30.76 -9.90
CA ASP B 259 -5.90 31.90 -9.32
C ASP B 259 -6.60 32.77 -10.36
N PHE B 260 -7.85 33.12 -10.07
CA PHE B 260 -8.67 33.94 -10.97
C PHE B 260 -9.16 35.17 -10.25
N THR B 261 -9.19 36.28 -10.95
CA THR B 261 -9.68 37.49 -10.32
C THR B 261 -10.58 38.31 -11.20
N ASP B 262 -11.26 39.26 -10.57
CA ASP B 262 -12.16 40.14 -11.27
C ASP B 262 -12.60 41.32 -10.40
N ILE B 263 -12.16 42.53 -10.76
CA ILE B 263 -12.52 43.73 -10.02
C ILE B 263 -13.21 44.74 -10.93
N GLY B 264 -14.21 45.42 -10.38
CA GLY B 264 -14.95 46.41 -11.14
C GLY B 264 -16.20 46.90 -10.43
N VAL B 265 -17.05 47.62 -11.16
CA VAL B 265 -18.29 48.16 -10.60
C VAL B 265 -19.44 47.93 -11.57
N ASP B 266 -20.46 47.24 -11.07
CA ASP B 266 -21.64 46.92 -11.86
C ASP B 266 -22.95 46.96 -11.08
N TYR B 267 -23.17 45.94 -10.25
CA TYR B 267 -24.38 45.87 -9.43
C TYR B 267 -23.90 46.53 -8.13
N CYS B 268 -22.58 46.68 -8.04
CA CYS B 268 -21.89 47.35 -6.94
C CYS B 268 -20.38 47.23 -7.21
N ASP B 269 -19.56 47.91 -6.41
CA ASP B 269 -18.11 47.84 -6.55
C ASP B 269 -17.70 46.48 -6.03
N PHE B 270 -16.78 45.81 -6.70
CA PHE B 270 -16.38 44.47 -6.27
C PHE B 270 -14.94 44.12 -6.56
N SER B 271 -14.47 43.10 -5.89
CA SER B 271 -13.10 42.64 -6.04
C SER B 271 -13.06 41.15 -5.64
N VAL B 272 -13.31 40.28 -6.61
CA VAL B 272 -13.31 38.84 -6.33
C VAL B 272 -12.01 38.13 -6.70
N GLN B 273 -11.70 37.06 -5.99
CA GLN B 273 -10.51 36.26 -6.23
C GLN B 273 -10.88 34.81 -5.91
N SER B 274 -10.22 33.86 -6.55
CA SER B 274 -10.51 32.47 -6.27
C SER B 274 -9.38 31.56 -6.76
N LYS B 275 -9.38 30.34 -6.25
CA LYS B 275 -8.40 29.33 -6.63
C LYS B 275 -9.23 28.16 -7.12
N HIS B 276 -8.91 27.70 -8.32
CA HIS B 276 -9.59 26.60 -8.92
C HIS B 276 -8.57 25.83 -9.71
N LYS B 277 -8.91 24.57 -9.94
CA LYS B 277 -8.07 23.70 -10.75
C LYS B 277 -8.83 23.70 -12.09
N ILE B 278 -8.14 24.08 -13.16
CA ILE B 278 -8.73 24.15 -14.50
C ILE B 278 -9.64 22.95 -14.82
N ILE B 279 -9.22 21.76 -14.40
CA ILE B 279 -10.00 20.53 -14.61
C ILE B 279 -10.29 20.00 -13.21
N GLU B 280 -11.52 20.17 -12.73
CA GLU B 280 -11.87 19.70 -11.40
C GLU B 280 -12.46 18.31 -11.45
N LEU B 281 -11.91 17.42 -10.64
CA LEU B 281 -12.35 16.03 -10.59
C LEU B 281 -13.05 15.75 -9.30
N ASP B 282 -13.82 14.66 -9.27
CA ASP B 282 -14.49 14.28 -8.04
C ASP B 282 -13.57 13.30 -7.36
N ASP B 283 -13.90 12.93 -6.13
CA ASP B 283 -13.07 12.00 -5.37
C ASP B 283 -12.80 10.67 -6.10
N LYS B 284 -13.55 10.40 -7.16
CA LYS B 284 -13.38 9.16 -7.93
C LYS B 284 -12.59 9.33 -9.22
N GLY B 285 -12.14 10.55 -9.48
CA GLY B 285 -11.37 10.81 -10.68
C GLY B 285 -12.15 11.20 -11.92
N GLN B 286 -13.45 11.45 -11.78
CA GLN B 286 -14.24 11.85 -12.94
C GLN B 286 -14.28 13.38 -13.04
N VAL B 287 -14.29 13.90 -14.26
CA VAL B 287 -14.34 15.36 -14.46
C VAL B 287 -15.75 15.85 -14.10
N VAL B 288 -15.85 16.74 -13.12
CA VAL B 288 -17.14 17.24 -12.68
C VAL B 288 -17.39 18.69 -13.09
N ARG B 289 -16.31 19.42 -13.42
CA ARG B 289 -16.36 20.83 -13.81
C ARG B 289 -15.06 21.35 -14.43
N ILE B 290 -15.16 22.27 -15.38
CA ILE B 290 -13.97 22.86 -15.99
C ILE B 290 -14.00 24.33 -15.60
N ASN B 291 -12.88 24.86 -15.12
CA ASN B 291 -12.85 26.26 -14.72
C ASN B 291 -11.78 26.98 -15.55
N PHE B 292 -12.16 27.71 -16.58
CA PHE B 292 -11.13 28.38 -17.37
C PHE B 292 -11.58 29.60 -18.16
N ASN B 293 -10.92 30.71 -17.90
CA ASN B 293 -11.21 31.93 -18.61
C ASN B 293 -9.90 32.68 -18.65
N ASN B 294 -9.08 32.39 -19.66
CA ASN B 294 -7.77 33.02 -19.75
C ASN B 294 -7.70 34.52 -19.50
N ALA B 295 -8.77 35.25 -19.76
CA ALA B 295 -8.73 36.68 -19.50
C ALA B 295 -8.79 36.99 -18.00
N THR B 296 -9.47 36.16 -17.20
CA THR B 296 -9.56 36.40 -15.75
C THR B 296 -8.52 35.63 -14.90
N ARG B 297 -7.73 34.76 -15.53
CA ARG B 297 -6.69 34.05 -14.81
C ARG B 297 -5.71 35.12 -14.32
N ASP B 298 -5.69 35.35 -13.01
CA ASP B 298 -4.84 36.37 -12.38
C ASP B 298 -3.37 36.32 -12.84
N THR B 299 -2.63 37.41 -12.65
CA THR B 299 -1.22 37.44 -13.02
C THR B 299 -0.41 36.81 -11.87
N ILE B 300 -1.09 36.56 -10.76
CA ILE B 300 -0.49 35.93 -9.59
C ILE B 300 -0.58 34.43 -9.79
N PHE B 301 0.54 33.75 -9.60
CA PHE B 301 0.56 32.30 -9.77
C PHE B 301 1.25 31.65 -8.58
N ASP B 302 0.44 31.12 -7.67
CA ASP B 302 0.90 30.48 -6.43
C ASP B 302 1.36 29.03 -6.61
N VAL B 303 2.65 28.86 -6.89
CA VAL B 303 3.26 27.56 -7.12
C VAL B 303 4.78 27.77 -7.29
N PRO B 304 5.61 26.80 -6.87
CA PRO B 304 7.08 26.91 -7.00
C PRO B 304 7.50 27.10 -8.46
N VAL B 305 8.54 27.89 -8.70
CA VAL B 305 8.99 28.15 -10.08
C VAL B 305 9.09 26.95 -11.03
N GLU B 306 9.51 25.82 -10.49
CA GLU B 306 9.70 24.57 -11.26
C GLU B 306 8.41 24.02 -11.88
N ARG B 307 7.29 24.53 -11.38
CA ARG B 307 5.98 24.09 -11.83
C ARG B 307 5.41 24.97 -12.93
N VAL B 308 5.87 26.22 -12.95
CA VAL B 308 5.39 27.23 -13.88
C VAL B 308 5.46 26.87 -15.35
N GLN B 309 6.66 26.69 -15.88
CA GLN B 309 6.78 26.39 -17.30
C GLN B 309 5.98 25.12 -17.66
N PRO B 310 6.26 23.99 -16.99
CA PRO B 310 5.48 22.80 -17.36
C PRO B 310 3.97 23.06 -17.35
N PHE B 311 3.51 23.92 -16.46
CA PHE B 311 2.08 24.24 -16.39
C PHE B 311 1.57 24.91 -17.69
N TYR B 312 2.27 25.95 -18.14
CA TYR B 312 1.90 26.65 -19.34
C TYR B 312 1.85 25.71 -20.54
N ALA B 313 2.71 24.69 -20.50
CA ALA B 313 2.79 23.69 -21.56
C ALA B 313 1.54 22.82 -21.60
N ALA B 314 1.09 22.38 -20.42
CA ALA B 314 -0.11 21.56 -20.34
C ALA B 314 -1.31 22.38 -20.76
N LEU B 315 -1.30 23.68 -20.44
CA LEU B 315 -2.42 24.52 -20.82
C LEU B 315 -2.43 24.66 -22.34
N LYS B 316 -1.26 24.89 -22.92
CA LYS B 316 -1.18 25.01 -24.38
C LYS B 316 -1.83 23.77 -25.01
N GLU B 317 -1.32 22.58 -24.67
CA GLU B 317 -1.85 21.31 -25.20
C GLU B 317 -3.37 21.22 -25.09
N PHE B 318 -3.87 21.74 -23.98
CA PHE B 318 -5.29 21.73 -23.72
C PHE B 318 -6.05 22.64 -24.66
N VAL B 319 -5.57 23.87 -24.83
CA VAL B 319 -6.23 24.82 -25.71
C VAL B 319 -6.17 24.33 -27.15
N ASP B 320 -5.08 23.66 -27.50
CA ASP B 320 -4.95 23.16 -28.84
C ASP B 320 -5.95 22.06 -29.09
N LEU B 321 -6.14 21.22 -28.09
CA LEU B 321 -7.07 20.13 -28.24
C LEU B 321 -8.50 20.62 -28.49
N MET B 322 -8.86 21.75 -27.86
CA MET B 322 -10.19 22.36 -28.03
C MET B 322 -10.37 22.97 -29.42
N ASN B 323 -9.31 23.57 -29.95
CA ASN B 323 -9.39 24.18 -31.26
C ASN B 323 -9.41 23.19 -32.41
N SER B 324 -8.95 21.96 -32.18
CA SER B 324 -8.99 20.96 -33.24
C SER B 324 -10.42 20.81 -33.73
N LYS B 325 -10.62 20.86 -35.05
CA LYS B 325 -11.94 20.74 -35.65
C LYS B 325 -12.75 19.52 -35.16
N GLU B 326 -12.07 18.51 -34.63
CA GLU B 326 -12.70 17.28 -34.15
C GLU B 326 -13.47 17.52 -32.84
N SER B 327 -13.13 18.60 -32.15
CA SER B 327 -13.75 18.93 -30.86
C SER B 327 -14.78 20.06 -30.89
N LYS B 328 -14.53 21.04 -31.74
CA LYS B 328 -15.42 22.18 -31.76
C LYS B 328 -16.60 22.14 -32.70
N PHE B 329 -17.76 22.45 -32.14
CA PHE B 329 -18.97 22.49 -32.92
C PHE B 329 -19.23 23.95 -33.24
N THR B 330 -19.54 24.25 -34.49
CA THR B 330 -19.80 25.64 -34.85
C THR B 330 -21.26 25.83 -35.28
N PHE B 331 -21.80 26.99 -34.95
CA PHE B 331 -23.18 27.30 -35.28
C PHE B 331 -23.35 28.82 -35.24
N LYS B 332 -24.55 29.31 -35.54
CA LYS B 332 -24.79 30.74 -35.52
C LYS B 332 -26.16 30.98 -34.93
N MET B 333 -26.24 31.99 -34.05
CA MET B 333 -27.49 32.34 -33.41
C MET B 333 -28.30 33.25 -34.31
N ASN B 334 -29.62 33.11 -34.26
CA ASN B 334 -30.49 33.97 -35.06
C ASN B 334 -31.33 34.76 -34.12
N PRO B 335 -31.82 35.92 -34.56
CA PRO B 335 -32.65 36.75 -33.69
C PRO B 335 -33.90 35.99 -33.18
N GLY B 336 -34.16 36.08 -31.87
CA GLY B 336 -35.30 35.39 -31.32
C GLY B 336 -34.91 34.11 -30.63
N ASP B 337 -33.66 33.71 -30.84
CA ASP B 337 -33.15 32.49 -30.22
C ASP B 337 -32.62 32.74 -28.82
N VAL B 338 -32.66 31.68 -28.02
CA VAL B 338 -32.14 31.69 -26.66
C VAL B 338 -31.34 30.41 -26.48
N ILE B 339 -30.06 30.57 -26.18
CA ILE B 339 -29.16 29.46 -25.98
C ILE B 339 -29.10 29.18 -24.49
N THR B 340 -29.10 27.91 -24.11
CA THR B 340 -29.03 27.54 -22.72
C THR B 340 -28.05 26.39 -22.57
N PHE B 341 -26.95 26.65 -21.88
CA PHE B 341 -25.93 25.63 -21.70
C PHE B 341 -25.34 25.50 -20.31
N ASP B 342 -24.57 24.43 -20.14
CA ASP B 342 -23.88 24.09 -18.89
C ASP B 342 -22.53 24.81 -18.89
N ASN B 343 -22.31 25.70 -17.92
CA ASN B 343 -21.07 26.47 -17.84
C ASN B 343 -19.95 25.75 -17.08
N TRP B 344 -20.27 24.58 -16.55
CA TRP B 344 -19.27 23.79 -15.84
C TRP B 344 -18.74 22.74 -16.80
N ARG B 345 -19.52 22.48 -17.84
CA ARG B 345 -19.20 21.48 -18.85
C ARG B 345 -18.69 22.07 -20.16
N LEU B 346 -19.49 22.93 -20.78
CA LEU B 346 -19.13 23.57 -22.04
C LEU B 346 -18.22 24.80 -21.92
N LEU B 347 -17.41 25.04 -22.94
CA LEU B 347 -16.55 26.23 -23.02
C LEU B 347 -16.95 26.82 -24.35
N HIS B 348 -17.25 28.11 -24.37
CA HIS B 348 -17.66 28.74 -25.60
C HIS B 348 -16.71 29.84 -26.02
N GLY B 349 -16.77 30.19 -27.30
CA GLY B 349 -15.92 31.23 -27.82
C GLY B 349 -16.61 31.82 -29.01
N ARG B 350 -15.84 32.46 -29.89
CA ARG B 350 -16.44 33.07 -31.05
C ARG B 350 -15.39 33.23 -32.11
N ARG B 351 -15.82 33.17 -33.37
CA ARG B 351 -14.92 33.33 -34.50
C ARG B 351 -14.60 34.83 -34.63
N SER B 352 -13.95 35.19 -35.73
CA SER B 352 -13.59 36.58 -35.97
C SER B 352 -14.51 37.23 -36.99
N TYR B 353 -15.18 38.31 -36.58
CA TYR B 353 -16.08 39.02 -37.47
C TYR B 353 -15.33 39.42 -38.72
N GLU B 354 -15.89 39.06 -39.85
CA GLU B 354 -15.29 39.33 -41.16
C GLU B 354 -15.02 40.76 -41.57
N ALA B 355 -13.77 41.01 -41.95
CA ALA B 355 -13.33 42.24 -42.60
C ALA B 355 -13.74 43.52 -41.89
N GLY B 356 -14.29 44.45 -42.68
CA GLY B 356 -14.83 45.68 -42.15
C GLY B 356 -16.31 45.62 -42.45
N THR B 357 -16.93 44.47 -42.19
CA THR B 357 -18.36 44.32 -42.42
C THR B 357 -19.08 44.93 -41.23
N GLU B 358 -20.31 45.36 -41.47
CA GLU B 358 -21.11 45.96 -40.42
C GLU B 358 -21.46 44.91 -39.37
N ILE B 359 -21.40 45.31 -38.11
CA ILE B 359 -21.73 44.39 -37.03
C ILE B 359 -22.61 45.08 -36.01
N SER B 360 -23.73 44.46 -35.69
CA SER B 360 -24.66 45.01 -34.73
C SER B 360 -25.43 43.89 -34.07
N ARG B 361 -25.33 43.81 -32.75
CA ARG B 361 -26.07 42.80 -32.02
C ARG B 361 -26.45 43.22 -30.61
N HIS B 362 -27.60 42.71 -30.17
CA HIS B 362 -28.12 43.00 -28.84
C HIS B 362 -28.47 41.66 -28.21
N LEU B 363 -27.79 41.36 -27.10
CA LEU B 363 -28.02 40.09 -26.43
C LEU B 363 -28.28 40.28 -24.95
N GLU B 364 -29.17 39.47 -24.38
CA GLU B 364 -29.44 39.54 -22.94
C GLU B 364 -29.08 38.21 -22.29
N GLY B 365 -28.21 38.27 -21.28
CA GLY B 365 -27.76 37.08 -20.58
C GLY B 365 -28.09 36.98 -19.10
N ALA B 366 -28.05 35.74 -18.59
CA ALA B 366 -28.33 35.44 -17.20
C ALA B 366 -27.76 34.07 -16.80
N TYR B 367 -27.64 33.85 -15.50
CA TYR B 367 -27.13 32.58 -15.00
C TYR B 367 -28.16 31.90 -14.09
N ALA B 368 -28.01 30.59 -13.93
CA ALA B 368 -28.91 29.82 -13.08
C ALA B 368 -28.06 28.77 -12.35
N ASP B 369 -28.49 28.41 -11.15
CA ASP B 369 -27.78 27.43 -10.36
C ASP B 369 -28.26 26.00 -10.63
N TRP B 370 -27.31 25.07 -10.77
CA TRP B 370 -27.64 23.67 -11.02
C TRP B 370 -28.55 23.05 -9.98
N ASP B 371 -28.55 23.59 -8.76
CA ASP B 371 -29.44 23.04 -7.74
C ASP B 371 -30.87 23.44 -8.11
N VAL B 372 -31.10 24.70 -8.49
CA VAL B 372 -32.44 25.16 -8.88
C VAL B 372 -32.94 24.39 -10.09
N VAL B 373 -32.11 24.34 -11.14
CA VAL B 373 -32.47 23.60 -12.35
C VAL B 373 -32.74 22.14 -12.01
N MET B 374 -31.88 21.56 -11.19
CA MET B 374 -32.00 20.17 -10.80
C MET B 374 -33.32 19.91 -10.06
N SER B 375 -33.66 20.81 -9.14
CA SER B 375 -34.89 20.70 -8.37
C SER B 375 -36.09 20.72 -9.32
N ARG B 376 -36.05 21.68 -10.24
CA ARG B 376 -37.09 21.86 -11.25
C ARG B 376 -37.22 20.59 -12.07
N LEU B 377 -36.08 20.05 -12.50
CA LEU B 377 -36.07 18.82 -13.27
C LEU B 377 -36.79 17.70 -12.54
N ARG B 378 -36.52 17.51 -11.26
CA ARG B 378 -37.19 16.44 -10.52
C ARG B 378 -38.70 16.67 -10.40
N ILE B 379 -39.11 17.90 -10.07
CA ILE B 379 -40.53 18.21 -9.94
C ILE B 379 -41.23 17.98 -11.29
N LEU B 380 -40.58 18.39 -12.37
CA LEU B 380 -41.12 18.24 -13.71
C LEU B 380 -41.20 16.79 -14.18
N ARG B 381 -40.23 15.97 -13.78
CA ARG B 381 -40.23 14.58 -14.19
C ARG B 381 -41.39 13.87 -13.52
N GLN B 382 -41.79 14.37 -12.35
CA GLN B 382 -42.90 13.78 -11.63
C GLN B 382 -44.24 14.17 -12.23
N ARG B 383 -44.32 15.38 -12.78
CA ARG B 383 -45.55 15.86 -13.40
C ARG B 383 -45.77 15.19 -14.75
N VAL B 384 -44.69 14.87 -15.43
CA VAL B 384 -44.73 14.24 -16.74
C VAL B 384 -44.77 12.72 -16.64
N GLU B 385 -44.36 12.19 -15.50
CA GLU B 385 -44.37 10.74 -15.30
C GLU B 385 -44.60 10.40 -13.84
N MET C 2 -25.36 -4.14 22.80
CA MET C 2 -26.63 -4.86 22.62
C MET C 2 -26.61 -6.20 23.34
N ALA C 3 -27.68 -6.51 24.05
CA ALA C 3 -27.79 -7.76 24.78
C ALA C 3 -26.93 -7.74 26.05
N CYS C 4 -25.91 -6.87 26.06
CA CYS C 4 -25.03 -6.75 27.21
C CYS C 4 -25.63 -5.61 28.02
N THR C 5 -26.97 -5.52 28.01
CA THR C 5 -27.68 -4.50 28.76
C THR C 5 -28.35 -5.13 29.99
N ILE C 6 -28.45 -4.36 31.06
CA ILE C 6 -29.03 -4.84 32.32
C ILE C 6 -30.51 -5.17 32.24
N GLN C 7 -30.87 -6.32 32.79
CA GLN C 7 -32.25 -6.76 32.80
C GLN C 7 -32.71 -6.92 34.25
N LYS C 8 -31.76 -7.14 35.15
CA LYS C 8 -32.09 -7.35 36.54
C LYS C 8 -30.85 -7.17 37.41
N ALA C 9 -30.78 -6.06 38.14
CA ALA C 9 -29.64 -5.77 39.01
C ALA C 9 -30.08 -5.67 40.47
N GLU C 10 -29.36 -6.36 41.34
CA GLU C 10 -29.70 -6.37 42.75
C GLU C 10 -28.53 -6.70 43.68
N ALA C 11 -28.75 -6.49 44.97
CA ALA C 11 -27.79 -6.80 46.01
C ALA C 11 -28.34 -8.07 46.64
N LEU C 12 -27.54 -8.82 47.37
CA LEU C 12 -28.05 -10.03 47.97
C LEU C 12 -27.29 -10.50 49.20
N ASP C 13 -28.05 -11.00 50.18
CA ASP C 13 -27.52 -11.51 51.44
C ASP C 13 -26.50 -10.69 52.26
N GLY C 14 -26.96 -9.63 52.90
CA GLY C 14 -26.07 -8.82 53.71
C GLY C 14 -25.59 -7.69 52.82
N ALA C 15 -26.05 -7.71 51.57
CA ALA C 15 -25.69 -6.69 50.59
C ALA C 15 -24.18 -6.56 50.45
N HIS C 16 -23.52 -7.70 50.22
CA HIS C 16 -22.07 -7.74 50.04
C HIS C 16 -21.73 -8.12 48.61
N LEU C 17 -22.74 -8.52 47.84
CA LEU C 17 -22.55 -8.89 46.44
C LEU C 17 -23.67 -8.31 45.57
N MET C 18 -23.32 -7.82 44.38
CA MET C 18 -24.31 -7.28 43.46
C MET C 18 -24.44 -8.25 42.31
N GLN C 19 -25.64 -8.81 42.11
CA GLN C 19 -25.84 -9.72 41.00
C GLN C 19 -26.69 -9.06 39.92
N ILE C 20 -26.25 -9.15 38.68
CA ILE C 20 -27.01 -8.56 37.59
C ILE C 20 -27.14 -9.53 36.43
N LEU C 21 -28.37 -9.68 35.94
CA LEU C 21 -28.68 -10.56 34.83
C LEU C 21 -28.78 -9.70 33.58
N TRP C 22 -28.04 -10.08 32.53
CA TRP C 22 -28.06 -9.30 31.28
C TRP C 22 -29.10 -9.87 30.34
N TYR C 23 -29.44 -9.13 29.29
CA TYR C 23 -30.44 -9.63 28.35
C TYR C 23 -29.95 -10.76 27.46
N ASP C 24 -28.77 -11.29 27.79
CA ASP C 24 -28.21 -12.40 27.03
C ASP C 24 -28.11 -13.62 27.93
N GLU C 25 -28.90 -13.62 29.01
CA GLU C 25 -28.94 -14.73 29.95
C GLU C 25 -27.73 -14.90 30.88
N GLU C 26 -26.63 -14.19 30.63
CA GLU C 26 -25.46 -14.28 31.49
C GLU C 26 -25.73 -13.49 32.78
N GLU C 27 -25.04 -13.83 33.86
CA GLU C 27 -25.21 -13.15 35.15
C GLU C 27 -23.83 -12.86 35.73
N SER C 28 -23.67 -11.75 36.42
CA SER C 28 -22.36 -11.37 36.98
C SER C 28 -22.43 -11.07 38.47
N LEU C 29 -21.30 -11.24 39.17
CA LEU C 29 -21.24 -10.98 40.61
C LEU C 29 -20.20 -9.92 40.88
N TYR C 30 -20.56 -8.89 41.64
CA TYR C 30 -19.64 -7.80 41.96
C TYR C 30 -19.56 -7.52 43.45
N PRO C 31 -18.40 -7.84 44.08
CA PRO C 31 -18.24 -7.60 45.52
C PRO C 31 -18.34 -6.11 45.82
N ALA C 32 -19.24 -5.79 46.73
CA ALA C 32 -19.50 -4.42 47.14
C ALA C 32 -18.23 -3.61 47.34
N VAL C 33 -17.31 -4.13 48.14
CA VAL C 33 -16.08 -3.39 48.42
C VAL C 33 -15.32 -2.95 47.15
N TRP C 34 -15.43 -3.75 46.09
CA TRP C 34 -14.78 -3.46 44.81
C TRP C 34 -15.51 -2.34 44.08
N LEU C 35 -16.83 -2.40 44.15
CA LEU C 35 -17.67 -1.40 43.52
C LEU C 35 -17.41 -0.05 44.21
N ARG C 36 -17.41 -0.04 45.54
CA ARG C 36 -17.19 1.20 46.28
C ARG C 36 -15.83 1.81 45.98
N ASP C 37 -14.79 0.99 46.02
CA ASP C 37 -13.43 1.45 45.76
C ASP C 37 -13.29 2.04 44.37
N ASN C 38 -14.09 1.53 43.45
CA ASN C 38 -14.05 1.99 42.08
C ASN C 38 -15.26 2.80 41.63
N CYS C 39 -15.70 3.70 42.51
CA CYS C 39 -16.83 4.56 42.20
C CYS C 39 -16.35 5.64 41.21
N PRO C 40 -17.06 5.80 40.09
CA PRO C 40 -16.71 6.79 39.05
C PRO C 40 -16.88 8.24 39.48
N CYS C 41 -17.66 8.47 40.53
CA CYS C 41 -17.91 9.81 41.04
C CYS C 41 -16.64 10.66 41.14
N SER C 42 -16.77 11.97 40.94
CA SER C 42 -15.62 12.89 41.00
C SER C 42 -14.87 12.88 42.33
N ASP C 43 -15.53 12.39 43.38
CA ASP C 43 -14.93 12.33 44.70
C ASP C 43 -13.99 11.15 44.84
N CYS C 44 -14.19 10.14 44.01
CA CYS C 44 -13.37 8.94 44.10
C CYS C 44 -12.47 8.62 42.90
N TYR C 45 -12.83 9.12 41.71
CA TYR C 45 -12.04 8.82 40.51
C TYR C 45 -11.84 10.00 39.56
N LEU C 46 -10.93 9.81 38.61
CA LEU C 46 -10.60 10.80 37.60
C LEU C 46 -10.45 10.04 36.28
N ASP C 47 -11.50 10.02 35.47
CA ASP C 47 -11.49 9.29 34.20
C ASP C 47 -10.39 9.67 33.20
N SER C 48 -10.26 10.97 32.92
CA SER C 48 -9.27 11.47 31.97
C SER C 48 -7.83 11.10 32.35
N ALA C 49 -7.63 10.66 33.59
CA ALA C 49 -6.30 10.28 34.05
C ALA C 49 -6.21 8.80 34.44
N LYS C 50 -7.35 8.12 34.52
CA LYS C 50 -7.37 6.71 34.89
C LYS C 50 -6.77 6.52 36.28
N ALA C 51 -6.78 7.58 37.08
CA ALA C 51 -6.22 7.56 38.42
C ALA C 51 -7.32 7.55 39.49
N ARG C 52 -7.06 6.92 40.63
CA ARG C 52 -8.05 6.86 41.69
C ARG C 52 -7.79 7.98 42.71
N LYS C 53 -8.85 8.54 43.27
CA LYS C 53 -8.70 9.60 44.26
C LYS C 53 -9.02 9.03 45.63
N LEU C 54 -10.03 8.16 45.70
CA LEU C 54 -10.42 7.54 46.97
C LEU C 54 -9.25 6.80 47.62
N LEU C 55 -9.05 7.06 48.91
CA LEU C 55 -7.97 6.44 49.70
C LEU C 55 -8.34 5.08 50.27
N VAL C 56 -7.32 4.28 50.62
CA VAL C 56 -7.55 2.95 51.18
C VAL C 56 -7.91 3.09 52.65
N GLU C 57 -7.42 4.17 53.25
CA GLU C 57 -7.66 4.45 54.65
C GLU C 57 -9.09 4.98 54.82
N ALA C 58 -9.75 5.25 53.71
CA ALA C 58 -11.12 5.76 53.74
C ALA C 58 -12.13 4.73 53.22
N LEU C 59 -11.73 3.47 53.18
CA LEU C 59 -12.60 2.40 52.68
C LEU C 59 -12.96 1.33 53.71
N ASP C 60 -14.23 0.99 53.79
CA ASP C 60 -14.70 -0.04 54.72
C ASP C 60 -14.63 -1.38 53.98
N VAL C 61 -13.67 -2.23 54.35
CA VAL C 61 -13.51 -3.52 53.70
C VAL C 61 -14.70 -4.44 53.92
N ASN C 62 -15.62 -3.98 54.75
CA ASN C 62 -16.81 -4.73 55.09
C ASN C 62 -18.08 -3.99 54.67
N ILE C 63 -17.89 -2.96 53.86
CA ILE C 63 -19.00 -2.16 53.38
C ILE C 63 -20.02 -3.00 52.64
N GLY C 64 -21.29 -2.58 52.74
CA GLY C 64 -22.36 -3.29 52.06
C GLY C 64 -23.19 -2.30 51.26
N ILE C 65 -23.86 -2.81 50.23
CA ILE C 65 -24.72 -1.98 49.38
C ILE C 65 -25.95 -1.57 50.16
N LYS C 66 -26.15 -0.27 50.36
CA LYS C 66 -27.33 0.19 51.08
C LYS C 66 -28.55 0.21 50.15
N GLY C 67 -28.52 1.09 49.15
CA GLY C 67 -29.64 1.18 48.24
C GLY C 67 -29.25 0.88 46.81
N LEU C 68 -30.20 0.39 46.01
CA LEU C 68 -29.87 0.09 44.62
C LEU C 68 -31.04 0.14 43.64
N ILE C 69 -30.90 0.95 42.58
CA ILE C 69 -31.89 1.04 41.52
C ILE C 69 -31.15 0.88 40.19
N PHE C 70 -31.89 0.70 39.10
CA PHE C 70 -31.24 0.51 37.80
C PHE C 70 -32.18 0.58 36.62
N ASP C 71 -31.59 0.44 35.43
CA ASP C 71 -32.33 0.42 34.16
C ASP C 71 -31.55 -0.43 33.15
N ARG C 72 -31.80 -0.28 31.86
CA ARG C 72 -31.11 -1.10 30.87
C ARG C 72 -29.63 -0.75 30.67
N LYS C 73 -29.25 0.51 30.90
CA LYS C 73 -27.88 0.94 30.69
C LYS C 73 -27.12 1.43 31.91
N LYS C 74 -27.75 1.41 33.08
CA LYS C 74 -27.09 1.93 34.27
C LYS C 74 -27.60 1.37 35.61
N VAL C 75 -26.75 1.44 36.63
CA VAL C 75 -27.05 0.97 37.99
C VAL C 75 -26.73 2.08 38.97
N TYR C 76 -27.69 2.47 39.80
CA TYR C 76 -27.46 3.54 40.77
C TYR C 76 -27.47 2.96 42.18
N ILE C 77 -26.34 3.10 42.87
CA ILE C 77 -26.14 2.54 44.20
C ILE C 77 -25.87 3.55 45.32
N THR C 78 -26.45 3.31 46.49
CA THR C 78 -26.19 4.18 47.62
C THR C 78 -25.47 3.36 48.69
N TRP C 79 -24.72 4.03 49.57
CA TRP C 79 -23.98 3.32 50.61
C TRP C 79 -24.35 3.81 52.01
N PRO C 80 -23.93 3.08 53.04
CA PRO C 80 -24.24 3.49 54.41
C PRO C 80 -23.60 4.84 54.70
N ASP C 81 -22.46 5.06 54.09
CA ASP C 81 -21.74 6.32 54.25
C ASP C 81 -22.63 7.44 53.69
N GLU C 82 -23.65 7.04 52.94
CA GLU C 82 -24.60 7.96 52.29
C GLU C 82 -23.94 8.54 51.03
N HIS C 83 -23.00 7.79 50.48
CA HIS C 83 -22.31 8.18 49.26
C HIS C 83 -23.14 7.62 48.09
N TYR C 84 -23.06 8.31 46.96
CA TYR C 84 -23.81 7.94 45.75
C TYR C 84 -22.88 7.49 44.61
N SER C 85 -23.15 6.31 44.06
CA SER C 85 -22.34 5.73 42.96
C SER C 85 -23.16 5.12 41.83
N GLU C 86 -22.88 5.50 40.58
CA GLU C 86 -23.58 4.91 39.44
C GLU C 86 -22.60 4.42 38.38
N PHE C 87 -22.79 3.19 37.93
CA PHE C 87 -21.92 2.55 36.94
C PHE C 87 -22.66 2.30 35.60
N GLN C 88 -21.90 2.20 34.51
CA GLN C 88 -22.48 1.93 33.19
C GLN C 88 -22.60 0.42 33.01
N ALA C 89 -23.58 -0.01 32.21
CA ALA C 89 -23.81 -1.44 31.97
C ALA C 89 -22.61 -2.11 31.31
N ASP C 90 -22.10 -1.48 30.26
CA ASP C 90 -20.97 -2.03 29.53
C ASP C 90 -19.69 -1.92 30.35
N TRP C 91 -19.60 -0.86 31.16
CA TRP C 91 -18.42 -0.68 31.99
C TRP C 91 -18.30 -1.90 32.88
N LEU C 92 -19.39 -2.25 33.56
CA LEU C 92 -19.40 -3.38 34.45
C LEU C 92 -19.21 -4.69 33.74
N LYS C 93 -19.94 -4.86 32.64
CA LYS C 93 -19.88 -6.08 31.83
C LYS C 93 -18.43 -6.46 31.51
N LYS C 94 -17.67 -5.47 31.06
CA LYS C 94 -16.27 -5.67 30.69
C LYS C 94 -15.46 -6.19 31.86
N ARG C 95 -15.72 -5.63 33.04
CA ARG C 95 -15.01 -6.00 34.24
C ARG C 95 -15.60 -7.17 35.05
N CYS C 96 -16.56 -7.88 34.45
CA CYS C 96 -17.19 -9.04 35.08
C CYS C 96 -16.09 -9.96 35.60
N PHE C 97 -16.25 -10.46 36.83
CA PHE C 97 -15.26 -11.32 37.47
C PHE C 97 -15.31 -12.79 37.04
N SER C 98 -15.85 -13.04 35.85
CA SER C 98 -15.96 -14.39 35.31
C SER C 98 -14.69 -14.77 34.56
N LYS C 99 -14.22 -15.99 34.77
CA LYS C 99 -13.00 -16.42 34.11
C LYS C 99 -12.93 -16.00 32.62
N GLN C 100 -14.03 -16.14 31.92
CA GLN C 100 -14.12 -15.79 30.50
C GLN C 100 -13.95 -14.28 30.27
N ALA C 101 -14.62 -13.48 31.09
CA ALA C 101 -14.56 -12.02 30.99
C ALA C 101 -13.16 -11.49 31.28
N ARG C 102 -12.54 -11.98 32.35
CA ARG C 102 -11.20 -11.53 32.71
C ARG C 102 -10.18 -11.93 31.65
N ALA C 103 -10.30 -13.15 31.14
CA ALA C 103 -9.39 -13.65 30.11
C ALA C 103 -9.48 -12.82 28.83
N LYS C 104 -10.70 -12.39 28.52
CA LYS C 104 -10.99 -11.60 27.34
C LYS C 104 -10.40 -10.19 27.47
N LEU C 105 -10.37 -9.68 28.69
CA LEU C 105 -9.81 -8.34 28.92
C LEU C 105 -8.30 -8.45 28.91
N GLN C 106 -7.76 -9.46 29.58
CA GLN C 106 -6.32 -9.64 29.61
C GLN C 106 -5.80 -9.75 28.17
N ARG C 107 -6.50 -10.52 27.35
CA ARG C 107 -6.12 -10.68 25.94
C ARG C 107 -6.16 -9.33 25.25
N GLU C 108 -7.06 -8.46 25.67
CA GLU C 108 -7.17 -7.14 25.07
C GLU C 108 -6.08 -6.19 25.54
N LEU C 109 -5.60 -6.38 26.78
CA LEU C 109 -4.56 -5.52 27.34
C LEU C 109 -3.11 -5.93 27.12
N PHE C 110 -2.88 -7.15 26.65
CA PHE C 110 -1.51 -7.61 26.48
C PHE C 110 -1.09 -8.29 25.19
N PHE C 111 -2.02 -8.49 24.27
CA PHE C 111 -1.71 -9.14 22.98
C PHE C 111 -0.91 -10.44 23.13
N PRO C 112 -1.40 -11.39 23.95
CA PRO C 112 -0.72 -12.69 24.19
C PRO C 112 -0.67 -13.60 22.98
N GLU C 113 -1.54 -13.37 22.01
CA GLU C 113 -1.53 -14.21 20.84
C GLU C 113 -0.15 -14.18 20.19
N CYS C 114 0.41 -15.37 19.96
CA CYS C 114 1.73 -15.52 19.31
C CYS C 114 1.75 -16.80 18.47
N GLN C 115 2.37 -16.74 17.30
CA GLN C 115 2.43 -17.91 16.44
C GLN C 115 3.85 -18.47 16.34
N TYR C 116 4.05 -19.63 16.93
CA TYR C 116 5.37 -20.27 16.93
C TYR C 116 5.79 -20.74 15.55
N TRP C 117 7.10 -20.75 15.31
CA TRP C 117 7.59 -21.20 14.02
C TRP C 117 8.88 -22.00 14.08
N GLY C 118 9.35 -22.41 12.90
CA GLY C 118 10.56 -23.19 12.77
C GLY C 118 11.27 -22.81 11.49
N SER C 119 11.91 -23.78 10.84
CA SER C 119 12.62 -23.52 9.59
C SER C 119 11.70 -23.08 8.43
N GLU C 120 10.40 -23.23 8.61
CA GLU C 120 9.46 -22.87 7.57
C GLU C 120 8.92 -21.47 7.74
N LEU C 121 9.51 -20.70 8.65
CA LEU C 121 9.12 -19.33 8.91
C LEU C 121 9.22 -18.43 7.69
N GLN C 122 8.25 -17.52 7.52
CA GLN C 122 8.25 -16.56 6.42
C GLN C 122 8.47 -15.18 7.07
N LEU C 123 9.68 -14.67 6.93
CA LEU C 123 10.07 -13.38 7.51
C LEU C 123 9.18 -12.21 7.15
N PRO C 124 8.36 -11.73 8.11
CA PRO C 124 7.45 -10.59 7.86
C PRO C 124 8.25 -9.36 7.48
N THR C 125 7.76 -8.62 6.49
CA THR C 125 8.47 -7.44 5.98
C THR C 125 7.61 -6.21 5.75
N LEU C 126 8.21 -5.04 5.90
CA LEU C 126 7.51 -3.76 5.70
C LEU C 126 8.52 -2.73 5.22
N ASP C 127 8.01 -1.63 4.70
CA ASP C 127 8.90 -0.58 4.25
C ASP C 127 9.25 0.34 5.41
N PHE C 128 10.54 0.58 5.60
CA PHE C 128 11.00 1.47 6.66
C PHE C 128 10.20 2.76 6.66
N GLU C 129 10.27 3.52 5.56
CA GLU C 129 9.56 4.79 5.50
C GLU C 129 8.07 4.70 5.73
N ASP C 130 7.46 3.60 5.31
CA ASP C 130 6.03 3.45 5.54
C ASP C 130 5.72 3.49 7.03
N VAL C 131 6.49 2.72 7.80
CA VAL C 131 6.30 2.62 9.24
C VAL C 131 6.36 4.00 9.91
N LEU C 132 7.34 4.80 9.50
CA LEU C 132 7.50 6.12 10.07
C LEU C 132 6.42 7.12 9.62
N ARG C 133 5.72 6.83 8.53
CA ARG C 133 4.70 7.75 7.99
C ARG C 133 3.22 7.43 8.19
N TYR C 134 2.86 6.15 8.24
CA TYR C 134 1.47 5.79 8.39
C TYR C 134 1.25 4.92 9.61
N ASP C 135 0.38 5.38 10.51
CA ASP C 135 0.12 4.60 11.69
C ASP C 135 -0.35 3.19 11.32
N GLU C 136 -0.84 3.01 10.10
CA GLU C 136 -1.33 1.70 9.67
C GLU C 136 -0.22 0.65 9.62
N HIS C 137 0.92 1.05 9.08
CA HIS C 137 2.10 0.19 8.93
C HIS C 137 2.90 0.04 10.24
N ALA C 138 2.97 1.12 11.02
CA ALA C 138 3.67 1.10 12.29
C ALA C 138 2.87 0.18 13.21
N TYR C 139 1.55 0.16 13.04
CA TYR C 139 0.74 -0.71 13.88
C TYR C 139 0.92 -2.15 13.41
N LYS C 140 1.08 -2.34 12.10
CA LYS C 140 1.27 -3.68 11.54
C LYS C 140 2.66 -4.20 11.98
N TRP C 141 3.64 -3.30 11.93
CA TRP C 141 5.01 -3.60 12.35
C TRP C 141 5.07 -4.11 13.80
N LEU C 142 4.62 -3.29 14.75
CA LEU C 142 4.64 -3.69 16.14
C LEU C 142 3.73 -4.86 16.46
N SER C 143 2.54 -4.84 15.91
CA SER C 143 1.59 -5.90 16.15
C SER C 143 2.18 -7.25 15.73
N THR C 144 2.94 -7.24 14.63
CA THR C 144 3.58 -8.45 14.10
C THR C 144 4.79 -8.84 14.94
N LEU C 145 5.59 -7.84 15.28
CA LEU C 145 6.79 -8.03 16.09
C LEU C 145 6.39 -8.80 17.35
N LYS C 146 5.21 -8.49 17.88
CA LYS C 146 4.72 -9.13 19.09
C LYS C 146 4.21 -10.54 18.84
N LYS C 147 3.65 -10.78 17.66
CA LYS C 147 3.11 -12.10 17.35
C LYS C 147 4.16 -13.07 16.83
N VAL C 148 4.79 -12.76 15.70
CA VAL C 148 5.80 -13.64 15.15
C VAL C 148 7.10 -13.55 15.96
N GLY C 149 7.44 -12.35 16.41
CA GLY C 149 8.64 -12.16 17.22
C GLY C 149 9.75 -11.53 16.44
N ILE C 150 9.50 -11.23 15.17
CA ILE C 150 10.51 -10.63 14.31
C ILE C 150 9.88 -10.03 13.07
N VAL C 151 10.43 -8.91 12.61
CA VAL C 151 9.94 -8.23 11.42
C VAL C 151 11.13 -7.56 10.76
N ARG C 152 11.09 -7.49 9.43
CA ARG C 152 12.15 -6.87 8.65
C ARG C 152 11.71 -5.61 7.91
N LEU C 153 12.33 -4.47 8.23
CA LEU C 153 12.00 -3.21 7.59
C LEU C 153 12.97 -2.95 6.47
N THR C 154 12.46 -2.68 5.28
CA THR C 154 13.34 -2.43 4.16
C THR C 154 13.22 -1.01 3.66
N GLY C 155 14.27 -0.50 3.02
CA GLY C 155 14.23 0.85 2.49
C GLY C 155 14.96 1.92 3.27
N ALA C 156 15.45 1.55 4.45
CA ALA C 156 16.19 2.49 5.27
C ALA C 156 17.39 2.99 4.48
N SER C 157 17.92 4.15 4.84
CA SER C 157 19.08 4.67 4.12
C SER C 157 20.32 3.82 4.37
N ASP C 158 21.45 4.28 3.83
CA ASP C 158 22.73 3.58 3.93
C ASP C 158 23.66 4.27 4.94
N LYS C 159 23.06 5.08 5.81
CA LYS C 159 23.80 5.82 6.84
C LYS C 159 23.17 5.63 8.23
N PRO C 160 23.93 5.92 9.30
CA PRO C 160 23.37 5.75 10.65
C PRO C 160 22.24 6.74 10.92
N GLY C 161 21.65 6.66 12.10
CA GLY C 161 20.55 7.55 12.46
C GLY C 161 19.19 7.02 12.05
N GLU C 162 19.15 5.80 11.53
CA GLU C 162 17.89 5.22 11.09
C GLU C 162 17.18 4.46 12.21
N VAL C 163 17.97 3.84 13.06
CA VAL C 163 17.44 3.09 14.17
C VAL C 163 16.90 4.08 15.22
N SER C 164 17.39 5.32 15.19
CA SER C 164 16.92 6.32 16.14
C SER C 164 15.54 6.87 15.78
N LYS C 165 15.17 6.75 14.51
CA LYS C 165 13.87 7.22 14.05
C LYS C 165 12.83 6.17 14.39
N LEU C 166 13.27 4.93 14.51
CA LEU C 166 12.37 3.87 14.89
C LEU C 166 12.12 4.01 16.38
N GLY C 167 13.15 4.42 17.10
CA GLY C 167 13.02 4.59 18.53
C GLY C 167 12.04 5.69 18.87
N LYS C 168 12.15 6.79 18.14
CA LYS C 168 11.27 7.91 18.37
C LYS C 168 9.84 7.55 17.94
N ARG C 169 9.71 6.58 17.02
CA ARG C 169 8.40 6.16 16.56
C ARG C 169 7.64 5.40 17.64
N MET C 170 8.40 4.67 18.47
CA MET C 170 7.85 3.89 19.57
C MET C 170 7.78 4.76 20.82
N GLY C 171 8.79 5.59 21.03
CA GLY C 171 8.75 6.51 22.16
C GLY C 171 10.13 6.96 22.57
N PHE C 172 10.89 6.00 23.10
CA PHE C 172 12.30 6.21 23.43
C PHE C 172 12.98 4.85 23.53
N LEU C 173 14.28 4.82 23.27
CA LEU C 173 15.06 3.59 23.32
C LEU C 173 15.43 3.20 24.74
N TYR C 174 15.84 1.94 24.90
CA TYR C 174 16.26 1.44 26.20
C TYR C 174 17.76 1.63 26.31
N LEU C 175 18.18 2.71 26.97
CA LEU C 175 19.59 3.02 27.15
C LEU C 175 20.33 1.93 27.91
N THR C 176 21.54 1.59 27.47
CA THR C 176 22.35 0.55 28.13
C THR C 176 23.83 0.94 28.25
N PHE C 177 24.67 -0.04 28.56
CA PHE C 177 26.11 0.22 28.70
C PHE C 177 26.81 0.44 27.37
N TYR C 178 26.04 0.67 26.30
CA TYR C 178 26.64 0.90 24.98
C TYR C 178 26.08 2.17 24.36
N GLY C 179 25.42 2.99 25.17
CA GLY C 179 24.84 4.23 24.70
C GLY C 179 23.45 4.01 24.14
N HIS C 180 22.83 5.06 23.63
CA HIS C 180 21.51 4.91 23.04
C HIS C 180 21.59 3.90 21.92
N THR C 181 22.64 4.00 21.13
CA THR C 181 22.83 3.12 20.00
C THR C 181 24.27 2.69 19.94
N TRP C 182 24.53 1.56 19.29
CA TRP C 182 25.88 1.06 19.14
C TRP C 182 26.15 0.77 17.67
N GLN C 183 27.42 0.66 17.31
CA GLN C 183 27.79 0.41 15.93
C GLN C 183 28.71 -0.81 15.83
N VAL C 184 28.36 -1.78 15.00
CA VAL C 184 29.23 -2.95 14.90
C VAL C 184 29.94 -2.92 13.56
N GLN C 185 31.10 -2.29 13.52
CA GLN C 185 31.83 -2.20 12.27
C GLN C 185 33.11 -3.02 12.26
N ASP C 186 33.19 -3.97 11.33
CA ASP C 186 34.36 -4.83 11.20
C ASP C 186 34.64 -5.23 9.75
N LYS C 187 35.89 -5.07 9.30
CA LYS C 187 36.26 -5.43 7.92
C LYS C 187 37.65 -6.04 7.82
N ILE C 188 37.79 -7.04 6.96
CA ILE C 188 39.08 -7.67 6.73
C ILE C 188 39.22 -7.91 5.23
N ASP C 189 40.41 -7.67 4.70
CA ASP C 189 40.68 -7.89 3.29
C ASP C 189 40.54 -9.35 2.86
N ALA C 190 40.88 -9.60 1.61
CA ALA C 190 40.78 -10.93 1.03
C ALA C 190 42.12 -11.65 1.09
N ASN C 191 42.05 -12.97 0.93
CA ASN C 191 43.23 -13.83 0.94
C ASN C 191 44.18 -13.55 2.09
N ASN C 192 43.64 -13.04 3.19
CA ASN C 192 44.46 -12.74 4.36
C ASN C 192 44.63 -14.03 5.16
N VAL C 193 45.88 -14.46 5.29
CA VAL C 193 46.18 -15.70 6.00
C VAL C 193 46.22 -15.59 7.53
N ALA C 194 46.35 -14.38 8.04
CA ALA C 194 46.43 -14.18 9.48
C ALA C 194 45.09 -14.10 10.23
N TYR C 195 43.98 -14.33 9.53
CA TYR C 195 42.66 -14.26 10.17
C TYR C 195 41.80 -15.51 9.98
N THR C 196 41.17 -15.96 11.05
CA THR C 196 40.29 -17.12 10.97
C THR C 196 38.93 -16.76 11.55
N THR C 197 37.88 -16.94 10.75
CA THR C 197 36.52 -16.62 11.18
C THR C 197 35.75 -17.85 11.63
N GLY C 198 35.19 -17.76 12.82
CA GLY C 198 34.40 -18.86 13.35
C GLY C 198 32.95 -18.41 13.33
N LYS C 199 32.07 -19.23 13.87
CA LYS C 199 30.65 -18.87 13.89
C LYS C 199 30.25 -18.29 15.26
N LEU C 200 29.01 -17.82 15.34
CA LEU C 200 28.44 -17.29 16.57
C LEU C 200 27.25 -18.17 16.93
N SER C 201 27.30 -18.73 18.12
CA SER C 201 26.26 -19.61 18.58
C SER C 201 25.01 -18.87 19.04
N PHE C 202 23.89 -19.55 18.97
CA PHE C 202 22.61 -19.00 19.37
C PHE C 202 22.67 -18.39 20.75
N HIS C 203 22.04 -17.22 20.91
CA HIS C 203 22.04 -16.56 22.20
C HIS C 203 21.05 -15.41 22.21
N THR C 204 20.88 -14.86 23.40
CA THR C 204 20.01 -13.73 23.65
C THR C 204 20.98 -12.66 24.16
N ASP C 205 20.74 -11.39 23.82
CA ASP C 205 21.65 -10.34 24.27
C ASP C 205 21.42 -9.88 25.69
N TYR C 206 22.54 -9.48 26.30
CA TYR C 206 22.57 -8.95 27.65
C TYR C 206 21.86 -9.69 28.76
N PRO C 207 22.18 -10.97 28.99
CA PRO C 207 21.50 -11.70 30.07
C PRO C 207 22.05 -11.25 31.44
N ALA C 208 23.14 -10.49 31.38
CA ALA C 208 23.83 -9.97 32.55
C ALA C 208 23.06 -8.92 33.35
N LEU C 209 21.93 -8.48 32.80
CA LEU C 209 21.05 -7.49 33.43
C LEU C 209 19.83 -8.23 33.98
N HIS C 210 19.33 -7.80 35.14
CA HIS C 210 18.17 -8.49 35.69
C HIS C 210 16.94 -8.25 34.81
N HIS C 211 17.02 -7.21 34.00
CA HIS C 211 15.93 -6.91 33.07
C HIS C 211 16.53 -6.70 31.70
N PRO C 212 16.82 -7.80 30.99
CA PRO C 212 17.42 -7.78 29.65
C PRO C 212 16.55 -6.99 28.70
N PRO C 213 17.14 -6.52 27.59
CA PRO C 213 16.32 -5.75 26.65
C PRO C 213 15.22 -6.64 26.07
N GLY C 214 14.07 -6.07 25.79
CA GLY C 214 13.00 -6.85 25.21
C GLY C 214 13.13 -6.93 23.71
N VAL C 215 13.29 -5.78 23.08
CA VAL C 215 13.38 -5.71 21.63
C VAL C 215 14.73 -5.22 21.11
N GLN C 216 15.19 -5.81 20.00
CA GLN C 216 16.47 -5.42 19.42
C GLN C 216 16.29 -4.77 18.06
N LEU C 217 17.12 -3.79 17.75
CA LEU C 217 17.04 -3.12 16.46
C LEU C 217 18.41 -3.16 15.82
N LEU C 218 18.50 -3.84 14.67
CA LEU C 218 19.74 -3.98 13.97
C LEU C 218 19.61 -3.44 12.57
N HIS C 219 20.28 -2.32 12.32
CA HIS C 219 20.25 -1.69 11.01
C HIS C 219 21.48 -2.06 10.19
N CYS C 220 21.26 -2.68 9.03
CA CYS C 220 22.38 -3.07 8.18
C CYS C 220 22.74 -1.92 7.24
N ILE C 221 23.78 -1.20 7.60
CA ILE C 221 24.22 -0.05 6.82
C ILE C 221 24.94 -0.43 5.52
N LYS C 222 26.16 -0.91 5.63
CA LYS C 222 26.90 -1.26 4.42
C LYS C 222 27.54 -2.62 4.61
N GLN C 223 26.85 -3.66 4.16
CA GLN C 223 27.37 -5.01 4.29
C GLN C 223 27.67 -5.63 2.94
N THR C 224 28.77 -6.38 2.90
CA THR C 224 29.22 -7.07 1.69
C THR C 224 30.20 -8.18 2.05
N VAL C 225 29.65 -9.38 2.26
CA VAL C 225 30.42 -10.55 2.63
C VAL C 225 29.95 -11.80 1.90
N THR C 226 30.54 -12.94 2.23
CA THR C 226 30.14 -14.20 1.61
C THR C 226 30.08 -15.23 2.73
N GLY C 227 28.94 -15.91 2.85
CA GLY C 227 28.77 -16.88 3.91
C GLY C 227 28.40 -16.18 5.19
N GLY C 228 28.34 -16.92 6.29
CA GLY C 228 27.98 -16.33 7.57
C GLY C 228 26.57 -15.76 7.62
N ASP C 229 25.60 -16.50 7.10
CA ASP C 229 24.23 -16.03 7.12
C ASP C 229 23.69 -15.97 8.54
N SER C 230 22.68 -15.14 8.72
CA SER C 230 22.05 -14.98 10.02
C SER C 230 21.10 -16.13 10.28
N GLU C 231 21.08 -16.57 11.53
CA GLU C 231 20.23 -17.67 11.95
C GLU C 231 19.44 -17.27 13.17
N ILE C 232 18.14 -17.51 13.09
CA ILE C 232 17.19 -17.18 14.14
C ILE C 232 16.48 -18.43 14.61
N VAL C 233 16.12 -18.49 15.87
CA VAL C 233 15.38 -19.65 16.36
C VAL C 233 14.32 -19.16 17.35
N ASP C 234 13.12 -19.72 17.22
CA ASP C 234 12.00 -19.35 18.10
C ASP C 234 12.13 -20.10 19.39
N GLY C 235 12.76 -19.45 20.36
CA GLY C 235 12.96 -20.07 21.65
C GLY C 235 11.71 -20.60 22.32
N PHE C 236 10.59 -19.89 22.15
CA PHE C 236 9.35 -20.35 22.79
C PHE C 236 8.88 -21.68 22.20
N ASN C 237 9.28 -21.92 20.96
CA ASN C 237 8.90 -23.15 20.30
C ASN C 237 9.88 -24.27 20.71
N VAL C 238 11.16 -23.91 20.84
CA VAL C 238 12.17 -24.89 21.22
C VAL C 238 11.86 -25.47 22.58
N CYS C 239 11.48 -24.61 23.53
CA CYS C 239 11.16 -25.05 24.89
C CYS C 239 9.96 -25.98 24.88
N GLN C 240 8.94 -25.58 24.16
CA GLN C 240 7.73 -26.37 24.04
C GLN C 240 8.13 -27.78 23.58
N LYS C 241 9.11 -27.88 22.69
CA LYS C 241 9.56 -29.18 22.21
C LYS C 241 10.43 -29.89 23.23
N LEU C 242 11.28 -29.12 23.89
CA LEU C 242 12.18 -29.68 24.88
C LEU C 242 11.43 -30.24 26.07
N LYS C 243 10.24 -29.74 26.34
CA LYS C 243 9.48 -30.22 27.49
C LYS C 243 8.89 -31.60 27.27
N LYS C 244 8.50 -31.91 26.04
CA LYS C 244 7.91 -33.21 25.76
C LYS C 244 8.98 -34.25 25.53
N ASN C 245 9.97 -33.90 24.72
CA ASN C 245 11.08 -34.79 24.37
C ASN C 245 12.09 -35.02 25.49
N ASN C 246 12.55 -33.93 26.13
CA ASN C 246 13.54 -34.02 27.22
C ASN C 246 12.98 -33.33 28.47
N PRO C 247 11.86 -33.85 29.00
CA PRO C 247 11.24 -33.26 30.19
C PRO C 247 12.19 -32.98 31.36
N GLN C 248 13.17 -33.85 31.57
CA GLN C 248 14.13 -33.68 32.67
C GLN C 248 15.05 -32.50 32.39
N ALA C 249 15.28 -32.25 31.10
CA ALA C 249 16.14 -31.15 30.67
C ALA C 249 15.42 -29.83 30.90
N PHE C 250 14.20 -29.77 30.37
CA PHE C 250 13.34 -28.60 30.49
C PHE C 250 13.20 -28.24 31.96
N GLN C 251 13.03 -29.26 32.78
CA GLN C 251 12.90 -29.05 34.20
C GLN C 251 14.20 -28.42 34.75
N ILE C 252 15.32 -29.09 34.57
CA ILE C 252 16.59 -28.58 35.08
C ILE C 252 16.91 -27.13 34.69
N LEU C 253 16.77 -26.81 33.40
CA LEU C 253 17.06 -25.47 32.88
C LEU C 253 16.09 -24.37 33.34
N SER C 254 14.87 -24.77 33.67
CA SER C 254 13.86 -23.83 34.12
C SER C 254 13.74 -23.78 35.63
N SER C 255 14.75 -24.25 36.35
CA SER C 255 14.70 -24.22 37.81
C SER C 255 16.07 -24.01 38.43
N THR C 256 17.07 -23.79 37.58
CA THR C 256 18.43 -23.57 38.06
C THR C 256 18.84 -22.13 37.83
N PHE C 257 19.50 -21.51 38.80
CA PHE C 257 19.92 -20.14 38.61
C PHE C 257 21.37 -20.12 38.13
N VAL C 258 21.56 -19.56 36.94
CA VAL C 258 22.87 -19.45 36.31
C VAL C 258 23.37 -18.00 36.52
N ASP C 259 24.67 -17.83 36.61
CA ASP C 259 25.24 -16.51 36.79
C ASP C 259 25.74 -15.97 35.49
N PHE C 260 25.45 -14.71 35.21
CA PHE C 260 25.93 -14.10 33.97
C PHE C 260 26.72 -12.88 34.32
N THR C 261 27.68 -12.53 33.48
CA THR C 261 28.51 -11.37 33.77
C THR C 261 28.93 -10.61 32.52
N ASP C 262 29.30 -9.35 32.72
CA ASP C 262 29.74 -8.51 31.61
C ASP C 262 30.58 -7.37 32.19
N ILE C 263 31.83 -7.29 31.74
CA ILE C 263 32.74 -6.26 32.23
C ILE C 263 33.39 -5.56 31.05
N GLY C 264 34.03 -4.43 31.32
CA GLY C 264 34.71 -3.69 30.28
C GLY C 264 34.60 -2.17 30.41
N VAL C 265 34.73 -1.48 29.28
CA VAL C 265 34.65 -0.03 29.27
C VAL C 265 34.20 0.61 27.95
N ASP C 266 33.01 1.22 28.01
CA ASP C 266 32.42 1.95 26.89
C ASP C 266 31.77 3.32 27.24
N TYR C 267 30.57 3.26 27.82
CA TYR C 267 29.83 4.48 28.19
C TYR C 267 30.45 4.84 29.54
N CYS C 268 31.09 3.83 30.13
CA CYS C 268 31.78 3.91 31.41
C CYS C 268 32.26 2.49 31.77
N ASP C 269 33.21 2.36 32.68
CA ASP C 269 33.69 1.02 33.06
C ASP C 269 32.61 0.32 33.89
N PHE C 270 32.17 -0.83 33.42
CA PHE C 270 31.12 -1.57 34.10
C PHE C 270 31.56 -2.94 34.59
N SER C 271 30.84 -3.45 35.58
CA SER C 271 31.10 -4.77 36.16
C SER C 271 29.75 -5.29 36.62
N VAL C 272 28.93 -5.73 35.66
CA VAL C 272 27.59 -6.20 35.96
C VAL C 272 27.43 -7.73 36.18
N GLN C 273 26.72 -8.11 37.23
CA GLN C 273 26.46 -9.51 37.56
C GLN C 273 24.96 -9.73 37.53
N SER C 274 24.55 -10.99 37.37
CA SER C 274 23.12 -11.31 37.33
C SER C 274 22.86 -12.78 37.61
N LYS C 275 21.61 -13.15 37.84
CA LYS C 275 21.24 -14.53 38.07
C LYS C 275 19.90 -14.75 37.40
N HIS C 276 19.86 -15.68 36.44
CA HIS C 276 18.65 -16.00 35.69
C HIS C 276 18.47 -17.49 35.53
N LYS C 277 17.36 -17.86 34.92
CA LYS C 277 17.09 -19.24 34.60
C LYS C 277 17.13 -19.19 33.09
N ILE C 278 17.86 -20.12 32.48
CA ILE C 278 17.95 -20.13 31.04
C ILE C 278 16.55 -20.01 30.46
N ILE C 279 15.63 -20.82 30.96
CA ILE C 279 14.24 -20.74 30.49
C ILE C 279 13.34 -20.44 31.67
N GLU C 280 12.96 -19.16 31.82
CA GLU C 280 12.12 -18.76 32.94
C GLU C 280 10.64 -18.78 32.65
N LEU C 281 9.92 -19.32 33.63
CA LEU C 281 8.48 -19.50 33.58
C LEU C 281 7.71 -18.62 34.54
N ASP C 282 6.44 -18.43 34.24
CA ASP C 282 5.58 -17.62 35.09
C ASP C 282 5.00 -18.53 36.18
N ASP C 283 3.90 -18.09 36.78
CA ASP C 283 3.27 -18.88 37.83
C ASP C 283 2.54 -20.08 37.27
N LYS C 284 1.88 -19.87 36.13
CA LYS C 284 1.13 -20.93 35.45
C LYS C 284 2.04 -21.91 34.71
N GLY C 285 3.36 -21.73 34.88
CA GLY C 285 4.32 -22.61 34.23
C GLY C 285 4.51 -22.38 32.73
N GLN C 286 4.32 -21.15 32.27
CA GLN C 286 4.48 -20.83 30.86
C GLN C 286 5.80 -20.09 30.60
N VAL C 287 6.44 -20.42 29.49
CA VAL C 287 7.71 -19.78 29.15
C VAL C 287 7.50 -18.28 28.85
N VAL C 288 8.17 -17.40 29.59
CA VAL C 288 8.01 -15.98 29.32
C VAL C 288 9.26 -15.34 28.77
N ARG C 289 10.40 -15.95 29.06
CA ARG C 289 11.65 -15.41 28.56
C ARG C 289 12.75 -16.47 28.54
N ILE C 290 13.77 -16.21 27.72
CA ILE C 290 14.94 -17.09 27.61
C ILE C 290 16.14 -16.21 27.96
N ASN C 291 16.98 -16.67 28.86
CA ASN C 291 18.14 -15.92 29.28
C ASN C 291 19.37 -16.78 29.04
N PHE C 292 19.94 -16.64 27.85
CA PHE C 292 21.08 -17.46 27.51
C PHE C 292 22.12 -16.87 26.58
N ASN C 293 23.33 -16.75 27.12
CA ASN C 293 24.48 -16.29 26.37
C ASN C 293 25.66 -17.01 26.97
N ASN C 294 26.06 -18.08 26.30
CA ASN C 294 27.16 -18.91 26.74
C ASN C 294 28.49 -18.18 26.88
N ALA C 295 28.71 -17.13 26.11
CA ALA C 295 29.96 -16.40 26.21
C ALA C 295 30.01 -15.61 27.50
N THR C 296 28.88 -15.00 27.86
CA THR C 296 28.82 -14.22 29.07
C THR C 296 28.34 -15.02 30.27
N ARG C 297 28.26 -16.34 30.13
CA ARG C 297 27.81 -17.20 31.22
C ARG C 297 29.01 -17.28 32.17
N ASP C 298 28.83 -16.80 33.40
CA ASP C 298 29.91 -16.77 34.40
C ASP C 298 30.62 -18.10 34.66
N THR C 299 31.83 -18.01 35.23
CA THR C 299 32.65 -19.17 35.58
C THR C 299 32.27 -19.56 37.01
N ILE C 300 31.44 -18.73 37.62
CA ILE C 300 30.95 -18.95 38.98
C ILE C 300 29.64 -19.71 38.86
N PHE C 301 29.56 -20.86 39.51
CA PHE C 301 28.35 -21.66 39.44
C PHE C 301 27.80 -21.96 40.84
N ASP C 302 26.96 -21.06 41.34
CA ASP C 302 26.34 -21.18 42.67
C ASP C 302 25.27 -22.26 42.71
N VAL C 303 25.71 -23.51 42.77
CA VAL C 303 24.78 -24.63 42.81
C VAL C 303 25.51 -25.87 43.34
N PRO C 304 24.81 -26.72 44.10
CA PRO C 304 25.42 -27.95 44.65
C PRO C 304 26.13 -28.80 43.60
N VAL C 305 27.21 -29.44 44.02
CA VAL C 305 28.03 -30.27 43.15
C VAL C 305 27.26 -31.31 42.35
N GLU C 306 26.43 -32.07 43.03
CA GLU C 306 25.63 -33.12 42.40
C GLU C 306 24.76 -32.60 41.26
N ARG C 307 24.64 -31.27 41.14
CA ARG C 307 23.81 -30.66 40.11
C ARG C 307 24.54 -30.35 38.80
N VAL C 308 25.80 -29.94 38.92
CA VAL C 308 26.63 -29.57 37.77
C VAL C 308 26.58 -30.45 36.51
N GLN C 309 26.80 -31.75 36.67
CA GLN C 309 26.79 -32.69 35.53
C GLN C 309 25.42 -32.73 34.81
N PRO C 310 24.33 -32.95 35.57
CA PRO C 310 23.02 -32.98 34.91
C PRO C 310 22.76 -31.67 34.17
N PHE C 311 23.11 -30.54 34.82
CA PHE C 311 22.91 -29.24 34.21
C PHE C 311 23.49 -29.22 32.81
N TYR C 312 24.81 -29.28 32.72
CA TYR C 312 25.50 -29.27 31.42
C TYR C 312 24.87 -30.23 30.43
N ALA C 313 24.51 -31.43 30.90
CA ALA C 313 23.90 -32.43 30.06
C ALA C 313 22.66 -31.82 29.41
N ALA C 314 21.85 -31.18 30.25
CA ALA C 314 20.61 -30.52 29.83
C ALA C 314 20.95 -29.41 28.86
N LEU C 315 21.77 -28.48 29.32
CA LEU C 315 22.19 -27.38 28.48
C LEU C 315 22.53 -27.91 27.09
N LYS C 316 23.27 -29.02 27.05
CA LYS C 316 23.66 -29.64 25.78
C LYS C 316 22.44 -29.97 24.94
N GLU C 317 21.46 -30.67 25.53
CA GLU C 317 20.25 -31.06 24.81
C GLU C 317 19.49 -29.87 24.21
N PHE C 318 19.61 -28.72 24.84
CA PHE C 318 18.94 -27.51 24.41
C PHE C 318 19.65 -26.87 23.20
N VAL C 319 20.97 -26.87 23.24
CA VAL C 319 21.77 -26.30 22.16
C VAL C 319 21.63 -27.15 20.89
N ASP C 320 21.61 -28.46 21.06
CA ASP C 320 21.46 -29.38 19.95
C ASP C 320 20.08 -29.19 19.30
N LEU C 321 19.07 -28.95 20.12
CA LEU C 321 17.71 -28.75 19.61
C LEU C 321 17.59 -27.42 18.86
N MET C 322 18.42 -26.46 19.27
CA MET C 322 18.42 -25.15 18.66
C MET C 322 19.12 -25.21 17.31
N ASN C 323 20.22 -25.94 17.27
CA ASN C 323 21.02 -26.08 16.06
C ASN C 323 20.47 -27.08 15.07
N SER C 324 19.38 -27.74 15.41
CA SER C 324 18.80 -28.69 14.50
C SER C 324 18.27 -27.96 13.27
N LYS C 325 18.32 -28.60 12.12
CA LYS C 325 17.86 -28.00 10.87
C LYS C 325 16.36 -27.65 10.91
N GLU C 326 15.56 -28.56 11.45
CA GLU C 326 14.11 -28.37 11.53
C GLU C 326 13.62 -27.37 12.61
N SER C 327 14.51 -26.46 13.01
CA SER C 327 14.18 -25.49 14.03
C SER C 327 14.73 -24.09 13.78
N LYS C 328 15.86 -23.99 13.10
CA LYS C 328 16.41 -22.66 12.85
C LYS C 328 16.00 -22.10 11.50
N PHE C 329 15.97 -20.78 11.41
CA PHE C 329 15.64 -20.11 10.17
C PHE C 329 16.87 -19.30 9.73
N THR C 330 17.33 -19.51 8.50
CA THR C 330 18.52 -18.80 7.99
C THR C 330 18.12 -17.71 6.99
N PHE C 331 18.90 -16.63 6.93
CA PHE C 331 18.60 -15.55 6.01
C PHE C 331 19.73 -14.55 5.90
N LYS C 332 19.75 -13.82 4.80
CA LYS C 332 20.79 -12.83 4.55
C LYS C 332 20.27 -11.40 4.69
N MET C 333 21.05 -10.56 5.34
CA MET C 333 20.65 -9.18 5.51
C MET C 333 21.01 -8.37 4.27
N ASN C 334 20.53 -7.12 4.22
CA ASN C 334 20.82 -6.25 3.08
C ASN C 334 21.06 -4.82 3.54
N PRO C 335 21.93 -4.07 2.81
CA PRO C 335 22.30 -2.69 3.10
C PRO C 335 21.16 -1.74 3.49
N GLY C 336 19.92 -2.09 3.18
CA GLY C 336 18.83 -1.22 3.56
C GLY C 336 17.92 -1.75 4.65
N ASP C 337 18.03 -3.05 4.91
CA ASP C 337 17.21 -3.71 5.91
C ASP C 337 17.47 -3.22 7.32
N VAL C 338 16.51 -3.51 8.18
CA VAL C 338 16.54 -3.15 9.58
C VAL C 338 15.69 -4.20 10.31
N ILE C 339 16.34 -5.22 10.84
CA ILE C 339 15.65 -6.27 11.55
C ILE C 339 15.26 -5.82 12.96
N THR C 340 14.05 -6.17 13.38
CA THR C 340 13.60 -5.81 14.71
C THR C 340 13.08 -7.12 15.27
N PHE C 341 13.58 -7.53 16.42
CA PHE C 341 13.12 -8.79 16.97
C PHE C 341 13.06 -8.81 18.47
N ASP C 342 12.31 -9.78 18.97
CA ASP C 342 12.10 -9.98 20.41
C ASP C 342 13.28 -10.66 21.06
N ASN C 343 14.13 -9.87 21.70
CA ASN C 343 15.29 -10.44 22.35
C ASN C 343 14.90 -11.27 23.57
N TRP C 344 13.61 -11.40 23.86
CA TRP C 344 13.20 -12.21 24.99
C TRP C 344 12.71 -13.54 24.50
N ARG C 345 12.50 -13.67 23.20
CA ARG C 345 11.97 -14.93 22.73
C ARG C 345 12.83 -15.65 21.70
N LEU C 346 13.40 -14.92 20.74
CA LEU C 346 14.25 -15.59 19.75
C LEU C 346 15.72 -15.54 20.19
N LEU C 347 16.52 -16.43 19.61
CA LEU C 347 17.97 -16.46 19.87
C LEU C 347 18.59 -16.31 18.49
N HIS C 348 19.55 -15.41 18.35
CA HIS C 348 20.19 -15.14 17.05
C HIS C 348 21.61 -15.67 16.98
N GLY C 349 22.13 -15.73 15.77
CA GLY C 349 23.47 -16.21 15.56
C GLY C 349 23.81 -16.12 14.09
N ARG C 350 24.84 -16.84 13.68
CA ARG C 350 25.24 -16.82 12.28
C ARG C 350 26.31 -17.86 11.98
N ARG C 351 26.31 -18.34 10.74
CA ARG C 351 27.29 -19.32 10.28
C ARG C 351 28.59 -18.55 10.13
N SER C 352 29.68 -19.27 9.94
CA SER C 352 30.97 -18.62 9.76
C SER C 352 31.07 -18.09 8.34
N TYR C 353 31.92 -17.08 8.17
CA TYR C 353 32.15 -16.49 6.86
C TYR C 353 33.13 -17.42 6.16
N GLU C 354 32.95 -17.62 4.86
CA GLU C 354 33.82 -18.49 4.08
C GLU C 354 35.29 -18.04 4.22
N ALA C 355 36.18 -18.98 4.48
CA ALA C 355 37.59 -18.66 4.65
C ALA C 355 38.16 -17.90 3.45
N GLY C 356 38.98 -16.89 3.73
CA GLY C 356 39.60 -16.12 2.67
C GLY C 356 38.79 -14.93 2.18
N THR C 357 37.54 -15.20 1.87
CA THR C 357 36.62 -14.17 1.38
C THR C 357 36.78 -12.88 2.19
N GLU C 358 36.50 -11.74 1.55
CA GLU C 358 36.63 -10.48 2.26
C GLU C 358 35.38 -10.21 3.06
N ILE C 359 35.55 -9.40 4.10
CA ILE C 359 34.47 -9.05 5.00
C ILE C 359 34.37 -7.54 5.23
N SER C 360 33.22 -6.97 4.90
CA SER C 360 32.97 -5.54 5.11
C SER C 360 31.54 -5.41 5.63
N ARG C 361 31.39 -5.22 6.93
CA ARG C 361 30.05 -5.11 7.50
C ARG C 361 29.98 -3.99 8.52
N HIS C 362 29.06 -3.06 8.30
CA HIS C 362 28.88 -1.94 9.22
C HIS C 362 27.41 -1.93 9.67
N LEU C 363 27.20 -2.18 10.96
CA LEU C 363 25.86 -2.23 11.53
C LEU C 363 25.58 -1.19 12.64
N GLU C 364 24.31 -0.97 12.93
CA GLU C 364 23.90 -0.04 13.97
C GLU C 364 22.76 -0.67 14.76
N GLY C 365 23.00 -0.91 16.05
CA GLY C 365 22.01 -1.54 16.89
C GLY C 365 21.39 -0.60 17.92
N ALA C 366 20.32 -1.06 18.54
CA ALA C 366 19.61 -0.31 19.56
C ALA C 366 18.63 -1.25 20.26
N TYR C 367 18.34 -0.94 21.52
CA TYR C 367 17.42 -1.75 22.32
C TYR C 367 16.21 -0.92 22.70
N ALA C 368 15.11 -1.62 22.94
CA ALA C 368 13.84 -1.02 23.31
C ALA C 368 13.16 -1.86 24.39
N ASP C 369 12.50 -1.20 25.34
CA ASP C 369 11.80 -1.87 26.42
C ASP C 369 10.43 -2.37 25.95
N TRP C 370 10.02 -3.54 26.42
CA TRP C 370 8.73 -4.09 26.00
C TRP C 370 7.57 -3.23 26.42
N ASP C 371 7.60 -2.62 27.61
CA ASP C 371 6.48 -1.76 28.02
C ASP C 371 6.29 -0.59 27.06
N VAL C 372 7.40 -0.07 26.55
CA VAL C 372 7.34 1.04 25.61
C VAL C 372 6.75 0.63 24.25
N VAL C 373 7.13 -0.53 23.76
CA VAL C 373 6.62 -1.03 22.50
C VAL C 373 5.14 -1.39 22.68
N MET C 374 4.82 -2.04 23.80
CA MET C 374 3.44 -2.42 24.07
C MET C 374 2.53 -1.16 24.19
N SER C 375 3.06 -0.11 24.80
CA SER C 375 2.33 1.15 24.96
C SER C 375 1.98 1.71 23.58
N ARG C 376 3.00 1.89 22.75
CA ARG C 376 2.81 2.41 21.41
C ARG C 376 1.82 1.53 20.68
N LEU C 377 1.88 0.23 20.92
CA LEU C 377 0.98 -0.70 20.26
C LEU C 377 -0.46 -0.41 20.67
N ARG C 378 -0.68 -0.11 21.95
CA ARG C 378 -2.01 0.19 22.45
C ARG C 378 -2.55 1.47 21.81
N ILE C 379 -1.74 2.52 21.84
CA ILE C 379 -2.10 3.79 21.25
C ILE C 379 -2.39 3.64 19.76
N LEU C 380 -1.56 2.87 19.07
CA LEU C 380 -1.74 2.65 17.65
C LEU C 380 -2.99 1.86 17.31
N ARG C 381 -3.33 0.88 18.14
CA ARG C 381 -4.51 0.09 17.85
C ARG C 381 -5.77 0.93 17.96
N GLN C 382 -5.73 1.92 18.85
CA GLN C 382 -6.86 2.82 19.05
C GLN C 382 -7.02 3.74 17.83
N ARG C 383 -5.89 4.17 17.27
CA ARG C 383 -5.88 5.06 16.11
C ARG C 383 -6.15 4.36 14.78
N VAL C 384 -5.93 3.04 14.74
CA VAL C 384 -6.16 2.28 13.51
C VAL C 384 -7.51 1.58 13.52
N GLU C 385 -7.97 1.19 14.71
CA GLU C 385 -9.25 0.51 14.85
C GLU C 385 -10.10 1.16 15.94
N MET D 2 49.69 -17.15 51.54
CA MET D 2 48.50 -17.95 51.13
C MET D 2 48.37 -19.21 51.99
N ALA D 3 47.32 -19.29 52.80
CA ALA D 3 47.10 -20.46 53.65
C ALA D 3 46.21 -21.48 52.93
N CYS D 4 45.58 -21.01 51.85
CA CYS D 4 44.68 -21.82 51.00
C CYS D 4 45.47 -22.42 49.84
N THR D 5 46.62 -22.99 50.15
CA THR D 5 47.48 -23.60 49.13
C THR D 5 47.17 -25.07 48.95
N ILE D 6 47.45 -25.58 47.75
CA ILE D 6 47.20 -26.96 47.41
C ILE D 6 48.15 -27.91 48.13
N GLN D 7 47.61 -29.05 48.57
CA GLN D 7 48.43 -30.04 49.24
C GLN D 7 48.38 -31.32 48.42
N LYS D 8 47.18 -31.87 48.26
CA LYS D 8 46.98 -33.09 47.47
C LYS D 8 45.75 -32.97 46.58
N ALA D 9 45.95 -33.15 45.27
CA ALA D 9 44.87 -33.08 44.29
C ALA D 9 44.90 -34.30 43.36
N GLU D 10 43.82 -35.07 43.36
CA GLU D 10 43.73 -36.27 42.53
C GLU D 10 42.34 -36.50 41.95
N ALA D 11 42.30 -37.13 40.78
CA ALA D 11 41.03 -37.44 40.13
C ALA D 11 40.52 -38.74 40.71
N LEU D 12 39.22 -38.83 40.97
CA LEU D 12 38.63 -40.05 41.51
C LEU D 12 38.27 -41.04 40.40
N ASP D 13 37.44 -42.04 40.73
CA ASP D 13 37.03 -43.06 39.77
C ASP D 13 36.45 -42.40 38.52
N GLY D 14 36.78 -42.95 37.35
CA GLY D 14 36.28 -42.38 36.12
C GLY D 14 36.81 -40.99 35.86
N ALA D 15 37.40 -40.37 36.89
CA ALA D 15 37.95 -39.01 36.78
C ALA D 15 36.87 -37.97 36.47
N HIS D 16 35.66 -38.25 36.93
CA HIS D 16 34.51 -37.38 36.72
C HIS D 16 34.48 -36.23 37.71
N LEU D 17 35.48 -36.19 38.58
CA LEU D 17 35.59 -35.11 39.55
C LEU D 17 37.02 -35.00 40.06
N MET D 18 37.25 -34.07 40.97
CA MET D 18 38.58 -33.85 41.53
C MET D 18 38.50 -33.37 42.97
N GLN D 19 39.19 -34.07 43.87
CA GLN D 19 39.21 -33.72 45.29
C GLN D 19 40.53 -33.03 45.60
N ILE D 20 40.46 -31.91 46.31
CA ILE D 20 41.66 -31.17 46.66
C ILE D 20 41.74 -30.95 48.15
N LEU D 21 42.96 -30.99 48.69
CA LEU D 21 43.19 -30.78 50.10
C LEU D 21 43.85 -29.41 50.25
N TRP D 22 43.10 -28.46 50.80
CA TRP D 22 43.60 -27.10 50.98
C TRP D 22 44.37 -26.94 52.27
N TYR D 23 45.47 -27.67 52.39
CA TYR D 23 46.14 -27.66 53.62
C TYR D 23 45.07 -28.27 54.50
N ASP D 24 44.78 -27.54 55.57
CA ASP D 24 43.95 -28.01 56.66
C ASP D 24 42.46 -28.26 56.53
N GLU D 25 41.78 -27.39 55.80
CA GLU D 25 40.33 -27.36 55.88
C GLU D 25 39.49 -28.07 54.85
N GLU D 26 38.63 -28.95 55.35
CA GLU D 26 37.63 -29.63 54.54
C GLU D 26 38.19 -30.35 53.34
N GLU D 27 37.48 -30.20 52.22
CA GLU D 27 37.88 -30.72 50.93
C GLU D 27 37.09 -29.97 49.86
N SER D 28 37.58 -29.96 48.62
CA SER D 28 36.85 -29.34 47.54
C SER D 28 36.69 -30.28 46.35
N LEU D 29 35.48 -30.38 45.81
CA LEU D 29 35.28 -31.20 44.61
C LEU D 29 34.95 -30.34 43.37
N TYR D 30 35.55 -30.71 42.25
CA TYR D 30 35.38 -29.98 41.00
C TYR D 30 35.03 -30.91 39.84
N PRO D 31 33.74 -31.01 39.46
CA PRO D 31 33.31 -31.88 38.36
C PRO D 31 34.13 -31.60 37.08
N ALA D 32 34.60 -32.65 36.43
CA ALA D 32 35.42 -32.47 35.23
C ALA D 32 34.73 -31.62 34.18
N VAL D 33 33.47 -31.93 33.92
CA VAL D 33 32.68 -31.19 32.92
C VAL D 33 32.76 -29.68 33.16
N TRP D 34 32.78 -29.28 34.43
CA TRP D 34 32.87 -27.88 34.80
C TRP D 34 34.26 -27.34 34.49
N LEU D 35 35.28 -28.07 34.93
CA LEU D 35 36.67 -27.66 34.72
C LEU D 35 37.03 -27.57 33.24
N ARG D 36 36.44 -28.46 32.44
CA ARG D 36 36.69 -28.46 31.00
C ARG D 36 35.99 -27.25 30.41
N ASP D 37 34.79 -26.97 30.93
CA ASP D 37 33.97 -25.84 30.48
C ASP D 37 34.58 -24.48 30.85
N ASN D 38 35.35 -24.47 31.93
CA ASN D 38 35.95 -23.24 32.39
C ASN D 38 37.47 -23.06 32.21
N CYS D 39 38.06 -23.77 31.25
CA CYS D 39 39.51 -23.65 31.00
C CYS D 39 39.99 -22.21 30.76
N PRO D 40 40.90 -21.72 31.63
CA PRO D 40 41.41 -20.36 31.49
C PRO D 40 42.32 -20.16 30.28
N CYS D 41 42.73 -21.24 29.63
CA CYS D 41 43.63 -21.11 28.50
C CYS D 41 43.10 -20.15 27.44
N SER D 42 44.06 -19.58 26.71
CA SER D 42 43.81 -18.60 25.65
C SER D 42 42.83 -19.05 24.59
N ASP D 43 42.79 -20.36 24.36
CA ASP D 43 41.92 -20.96 23.36
C ASP D 43 40.48 -21.06 23.81
N CYS D 44 40.29 -21.48 25.06
CA CYS D 44 38.97 -21.65 25.63
C CYS D 44 38.36 -20.41 26.29
N TYR D 45 39.20 -19.47 26.73
CA TYR D 45 38.68 -18.29 27.42
C TYR D 45 39.35 -17.00 26.99
N LEU D 46 38.56 -16.08 26.47
CA LEU D 46 39.09 -14.79 26.05
C LEU D 46 39.24 -13.95 27.32
N ASP D 47 40.41 -13.98 27.93
CA ASP D 47 40.68 -13.25 29.17
C ASP D 47 40.17 -11.81 29.26
N SER D 48 40.71 -10.94 28.41
CA SER D 48 40.33 -9.52 28.37
C SER D 48 38.83 -9.25 28.53
N ALA D 49 38.02 -9.72 27.60
CA ALA D 49 36.57 -9.51 27.65
C ALA D 49 35.92 -10.31 28.77
N LYS D 50 36.71 -11.16 29.43
CA LYS D 50 36.21 -12.01 30.50
C LYS D 50 35.03 -12.80 29.93
N ALA D 51 35.25 -13.36 28.75
CA ALA D 51 34.21 -14.12 28.08
C ALA D 51 34.70 -15.48 27.59
N ARG D 52 33.85 -16.49 27.76
CA ARG D 52 34.17 -17.84 27.34
C ARG D 52 34.01 -17.99 25.82
N LYS D 53 35.02 -18.55 25.15
CA LYS D 53 34.99 -18.76 23.70
C LYS D 53 34.57 -20.19 23.37
N LEU D 54 34.92 -21.11 24.26
CA LEU D 54 34.59 -22.52 24.08
C LEU D 54 33.10 -22.71 23.79
N LEU D 55 32.77 -23.17 22.58
CA LEU D 55 31.37 -23.39 22.23
C LEU D 55 30.82 -24.62 22.95
N VAL D 56 29.52 -24.59 23.22
CA VAL D 56 28.82 -25.68 23.90
C VAL D 56 28.83 -26.96 23.05
N GLU D 57 28.59 -26.81 21.76
CA GLU D 57 28.56 -27.92 20.83
C GLU D 57 29.84 -28.75 20.89
N ALA D 58 30.92 -28.12 21.34
CA ALA D 58 32.23 -28.77 21.45
C ALA D 58 32.52 -29.26 22.86
N LEU D 59 31.47 -29.49 23.64
CA LEU D 59 31.62 -29.95 25.02
C LEU D 59 31.08 -31.38 25.21
N ASP D 60 31.92 -32.27 25.71
CA ASP D 60 31.55 -33.65 26.00
C ASP D 60 31.17 -33.69 27.48
N VAL D 61 29.87 -33.74 27.76
CA VAL D 61 29.40 -33.76 29.13
C VAL D 61 29.93 -34.93 29.94
N ASN D 62 30.20 -36.04 29.28
CA ASN D 62 30.72 -37.19 30.00
C ASN D 62 32.25 -37.25 29.92
N ILE D 63 32.91 -36.11 29.95
CA ILE D 63 34.36 -36.06 29.87
C ILE D 63 35.03 -36.57 31.15
N GLY D 64 36.33 -36.86 31.06
CA GLY D 64 37.06 -37.34 32.22
C GLY D 64 38.46 -36.76 32.25
N ILE D 65 39.12 -36.87 33.40
CA ILE D 65 40.47 -36.34 33.53
C ILE D 65 41.45 -37.43 33.06
N LYS D 66 42.32 -37.08 32.11
CA LYS D 66 43.29 -38.03 31.61
C LYS D 66 44.41 -38.02 32.62
N GLY D 67 45.20 -36.95 32.62
CA GLY D 67 46.29 -36.83 33.55
C GLY D 67 46.28 -35.53 34.32
N LEU D 68 46.54 -35.60 35.63
CA LEU D 68 46.57 -34.44 36.49
C LEU D 68 47.81 -34.37 37.39
N ILE D 69 48.43 -33.19 37.46
CA ILE D 69 49.59 -32.97 38.30
C ILE D 69 49.40 -31.63 38.98
N PHE D 70 50.04 -31.44 40.13
CA PHE D 70 49.88 -30.23 40.91
C PHE D 70 51.14 -29.78 41.63
N ASP D 71 50.96 -28.67 42.33
CA ASP D 71 52.00 -27.90 42.98
C ASP D 71 51.31 -27.00 44.00
N ARG D 72 52.09 -26.36 44.85
CA ARG D 72 51.58 -25.53 45.93
C ARG D 72 50.42 -24.62 45.57
N LYS D 73 50.44 -24.05 44.36
CA LYS D 73 49.38 -23.14 43.93
C LYS D 73 48.73 -23.35 42.55
N LYS D 74 48.95 -24.50 41.91
CA LYS D 74 48.36 -24.74 40.58
C LYS D 74 47.95 -26.19 40.40
N VAL D 75 47.05 -26.42 39.44
CA VAL D 75 46.56 -27.77 39.14
C VAL D 75 46.54 -28.01 37.64
N TYR D 76 47.63 -28.56 37.12
CA TYR D 76 47.79 -28.83 35.70
C TYR D 76 47.01 -30.08 35.28
N ILE D 77 46.05 -29.90 34.37
CA ILE D 77 45.22 -31.02 33.92
C ILE D 77 45.28 -31.24 32.41
N THR D 78 45.19 -32.51 32.02
CA THR D 78 45.22 -32.94 30.62
C THR D 78 43.97 -33.79 30.36
N TRP D 79 43.36 -33.59 29.20
CA TRP D 79 42.16 -34.33 28.83
C TRP D 79 42.39 -35.33 27.69
N PRO D 80 41.48 -36.29 27.51
CA PRO D 80 41.62 -37.30 26.44
C PRO D 80 41.83 -36.61 25.08
N ASP D 81 41.21 -35.45 24.93
CA ASP D 81 41.30 -34.68 23.70
C ASP D 81 42.75 -34.21 23.54
N GLU D 82 43.58 -34.55 24.51
CA GLU D 82 44.99 -34.17 24.53
C GLU D 82 45.09 -32.71 24.90
N HIS D 83 43.95 -32.11 25.20
CA HIS D 83 43.87 -30.69 25.57
C HIS D 83 44.51 -30.50 26.94
N TYR D 84 45.22 -29.39 27.10
CA TYR D 84 45.90 -29.10 28.34
C TYR D 84 45.32 -27.85 29.00
N SER D 85 45.30 -27.87 30.33
CA SER D 85 44.78 -26.74 31.10
C SER D 85 45.48 -26.68 32.45
N GLU D 86 45.37 -25.52 33.09
CA GLU D 86 45.97 -25.31 34.40
C GLU D 86 45.18 -24.28 35.19
N PHE D 87 44.80 -24.67 36.40
CA PHE D 87 44.02 -23.80 37.26
C PHE D 87 44.83 -23.28 38.45
N GLN D 88 44.53 -22.05 38.88
CA GLN D 88 45.22 -21.46 40.03
C GLN D 88 44.49 -21.88 41.30
N ALA D 89 45.24 -22.07 42.38
CA ALA D 89 44.65 -22.48 43.65
C ALA D 89 43.62 -21.45 44.10
N ASP D 90 44.05 -20.21 44.26
CA ASP D 90 43.14 -19.16 44.70
C ASP D 90 41.88 -19.09 43.83
N TRP D 91 42.04 -19.36 42.54
CA TRP D 91 40.92 -19.35 41.62
C TRP D 91 39.95 -20.46 41.95
N LEU D 92 40.47 -21.64 42.26
CA LEU D 92 39.62 -22.78 42.60
C LEU D 92 38.95 -22.65 43.95
N LYS D 93 39.66 -22.10 44.92
CA LYS D 93 39.11 -21.97 46.26
C LYS D 93 37.91 -21.02 46.29
N LYS D 94 38.05 -19.90 45.60
CA LYS D 94 36.99 -18.89 45.53
C LYS D 94 35.70 -19.49 44.93
N ARG D 95 35.87 -20.46 44.02
CA ARG D 95 34.74 -21.11 43.36
C ARG D 95 34.39 -22.48 43.94
N CYS D 96 34.83 -22.73 45.15
CA CYS D 96 34.55 -24.00 45.82
C CYS D 96 33.04 -24.24 45.86
N PHE D 97 32.62 -25.38 45.36
CA PHE D 97 31.19 -25.68 45.34
C PHE D 97 30.57 -25.91 46.73
N SER D 98 31.37 -25.82 47.79
CA SER D 98 30.87 -26.01 49.15
C SER D 98 29.85 -24.94 49.55
N LYS D 99 28.71 -25.38 50.06
CA LYS D 99 27.64 -24.46 50.45
C LYS D 99 28.12 -23.15 51.09
N GLN D 100 29.14 -23.23 51.94
CA GLN D 100 29.66 -22.03 52.60
C GLN D 100 30.44 -21.15 51.63
N ALA D 101 31.35 -21.77 50.88
CA ALA D 101 32.15 -21.02 49.93
C ALA D 101 31.26 -20.34 48.90
N ARG D 102 30.16 -20.99 48.50
CA ARG D 102 29.26 -20.39 47.51
C ARG D 102 28.52 -19.20 48.10
N ALA D 103 28.24 -19.27 49.39
CA ALA D 103 27.53 -18.19 50.05
C ALA D 103 28.44 -16.97 50.14
N LYS D 104 29.66 -17.17 50.62
CA LYS D 104 30.60 -16.06 50.75
C LYS D 104 30.80 -15.31 49.44
N LEU D 105 30.70 -16.04 48.33
CA LEU D 105 30.89 -15.44 47.02
C LEU D 105 29.70 -14.57 46.62
N GLN D 106 28.50 -15.14 46.78
CA GLN D 106 27.28 -14.42 46.44
C GLN D 106 27.24 -13.09 47.22
N ARG D 107 27.64 -13.15 48.50
CA ARG D 107 27.65 -11.94 49.31
C ARG D 107 28.53 -10.89 48.67
N GLU D 108 29.76 -11.27 48.35
CA GLU D 108 30.70 -10.33 47.75
C GLU D 108 30.19 -9.77 46.42
N LEU D 109 29.19 -10.43 45.86
CA LEU D 109 28.62 -9.99 44.59
C LEU D 109 27.37 -9.10 44.72
N PHE D 110 26.37 -9.56 45.46
CA PHE D 110 25.11 -8.82 45.60
C PHE D 110 24.85 -7.95 46.87
N PHE D 111 25.82 -7.89 47.78
CA PHE D 111 25.68 -7.08 49.00
C PHE D 111 24.31 -7.24 49.61
N PRO D 112 24.01 -8.45 50.11
CA PRO D 112 22.72 -8.75 50.73
C PRO D 112 22.48 -8.08 52.09
N GLU D 113 23.50 -7.39 52.61
CA GLU D 113 23.35 -6.73 53.89
C GLU D 113 22.39 -5.54 53.81
N CYS D 114 21.50 -5.43 54.78
CA CYS D 114 20.55 -4.33 54.83
C CYS D 114 19.94 -4.23 56.21
N GLN D 115 19.85 -3.01 56.72
CA GLN D 115 19.30 -2.80 58.03
C GLN D 115 17.92 -2.12 58.00
N TYR D 116 16.92 -2.82 58.54
CA TYR D 116 15.56 -2.32 58.60
C TYR D 116 15.44 -1.20 59.61
N TRP D 117 14.52 -0.27 59.36
CA TRP D 117 14.29 0.86 60.25
C TRP D 117 12.81 1.28 60.29
N GLY D 118 12.43 1.93 61.39
CA GLY D 118 11.07 2.38 61.58
C GLY D 118 11.00 3.90 61.70
N SER D 119 10.56 4.42 62.83
CA SER D 119 10.47 5.87 63.00
C SER D 119 11.72 6.40 63.66
N GLU D 120 12.49 5.49 64.25
CA GLU D 120 13.72 5.86 64.94
C GLU D 120 14.89 6.05 63.97
N LEU D 121 14.65 5.85 62.69
CA LEU D 121 15.71 6.03 61.70
C LEU D 121 16.45 7.37 61.86
N GLN D 122 17.74 7.36 61.55
CA GLN D 122 18.58 8.55 61.58
C GLN D 122 19.09 8.68 60.15
N LEU D 123 18.49 9.60 59.40
CA LEU D 123 18.84 9.82 58.01
C LEU D 123 20.34 9.92 57.71
N PRO D 124 20.88 8.95 56.96
CA PRO D 124 22.30 8.95 56.61
C PRO D 124 22.61 10.18 55.75
N THR D 125 23.68 10.90 56.07
CA THR D 125 24.01 12.10 55.30
C THR D 125 25.46 12.17 54.87
N LEU D 126 25.70 12.70 53.68
CA LEU D 126 27.06 12.84 53.15
C LEU D 126 27.11 14.07 52.27
N ASP D 127 28.32 14.56 52.02
CA ASP D 127 28.48 15.74 51.16
C ASP D 127 28.44 15.40 49.67
N PHE D 128 27.58 16.11 48.94
CA PHE D 128 27.41 15.95 47.49
C PHE D 128 28.74 16.08 46.75
N GLU D 129 29.39 17.22 46.91
CA GLU D 129 30.65 17.46 46.23
C GLU D 129 31.72 16.41 46.54
N ASP D 130 31.69 15.85 47.75
CA ASP D 130 32.68 14.84 48.13
C ASP D 130 32.43 13.50 47.46
N VAL D 131 31.19 13.02 47.50
CA VAL D 131 30.87 11.75 46.87
C VAL D 131 31.18 11.84 45.38
N LEU D 132 31.40 13.04 44.89
CA LEU D 132 31.72 13.20 43.49
C LEU D 132 33.23 13.13 43.28
N ARG D 133 33.99 13.78 44.17
CA ARG D 133 35.44 13.77 44.05
C ARG D 133 36.12 12.51 44.62
N TYR D 134 35.73 12.08 45.81
CA TYR D 134 36.37 10.91 46.44
C TYR D 134 35.61 9.59 46.30
N ASP D 135 36.36 8.51 46.10
CA ASP D 135 35.80 7.17 45.95
C ASP D 135 35.32 6.62 47.28
N GLU D 136 36.04 6.95 48.35
CA GLU D 136 35.69 6.46 49.68
C GLU D 136 34.28 6.93 50.00
N HIS D 137 34.03 8.20 49.73
CA HIS D 137 32.73 8.78 49.98
C HIS D 137 31.69 8.25 48.99
N ALA D 138 32.11 8.08 47.73
CA ALA D 138 31.21 7.57 46.68
C ALA D 138 30.75 6.16 47.03
N TYR D 139 31.67 5.36 47.55
CA TYR D 139 31.38 3.98 47.94
C TYR D 139 30.46 3.95 49.14
N LYS D 140 30.71 4.87 50.07
CA LYS D 140 29.92 4.98 51.30
C LYS D 140 28.46 5.25 50.93
N TRP D 141 28.25 6.21 50.04
CA TRP D 141 26.93 6.58 49.59
C TRP D 141 26.16 5.42 48.99
N LEU D 142 26.74 4.77 47.98
CA LEU D 142 26.08 3.65 47.31
C LEU D 142 25.89 2.43 48.21
N SER D 143 26.89 2.14 49.03
CA SER D 143 26.75 1.01 49.96
C SER D 143 25.68 1.35 50.99
N THR D 144 25.59 2.62 51.41
CA THR D 144 24.57 2.98 52.40
C THR D 144 23.18 2.97 51.78
N LEU D 145 23.12 3.37 50.51
CA LEU D 145 21.87 3.39 49.79
C LEU D 145 21.42 1.94 49.66
N LYS D 146 22.36 1.04 49.40
CA LYS D 146 22.00 -0.36 49.27
C LYS D 146 21.59 -0.94 50.62
N LYS D 147 22.24 -0.44 51.69
CA LYS D 147 21.98 -0.91 53.06
C LYS D 147 20.74 -0.31 53.70
N VAL D 148 20.60 1.00 53.63
CA VAL D 148 19.44 1.60 54.26
C VAL D 148 18.33 1.96 53.30
N GLY D 149 18.67 2.15 52.03
CA GLY D 149 17.64 2.47 51.08
C GLY D 149 17.39 3.94 50.90
N ILE D 150 18.24 4.76 51.50
CA ILE D 150 18.11 6.21 51.40
C ILE D 150 19.30 6.95 51.99
N VAL D 151 19.78 7.96 51.27
CA VAL D 151 20.93 8.74 51.75
C VAL D 151 20.71 10.18 51.32
N ARG D 152 21.05 11.12 52.19
CA ARG D 152 20.88 12.51 51.84
C ARG D 152 22.21 13.17 51.57
N LEU D 153 22.40 13.63 50.34
CA LEU D 153 23.63 14.31 49.97
C LEU D 153 23.35 15.81 50.09
N THR D 154 24.28 16.53 50.71
CA THR D 154 24.14 17.97 50.89
C THR D 154 25.32 18.67 50.28
N GLY D 155 25.18 19.98 50.11
CA GLY D 155 26.25 20.77 49.51
C GLY D 155 26.09 20.85 48.00
N ALA D 156 24.88 20.63 47.52
CA ALA D 156 24.59 20.68 46.09
C ALA D 156 24.36 22.11 45.63
N SER D 157 24.51 22.32 44.32
CA SER D 157 24.31 23.64 43.73
C SER D 157 22.84 24.06 43.73
N ASP D 158 22.55 25.27 43.27
CA ASP D 158 21.18 25.76 43.21
C ASP D 158 20.77 25.90 41.74
N LYS D 159 21.35 25.04 40.91
CA LYS D 159 21.07 25.01 39.48
C LYS D 159 20.88 23.59 39.01
N PRO D 160 20.19 23.41 37.88
CA PRO D 160 19.96 22.08 37.34
C PRO D 160 21.30 21.45 36.90
N GLY D 161 21.27 20.17 36.53
CA GLY D 161 22.46 19.48 36.09
C GLY D 161 23.20 18.78 37.22
N GLU D 162 22.62 18.85 38.40
CA GLU D 162 23.22 18.23 39.58
C GLU D 162 23.00 16.73 39.56
N VAL D 163 21.75 16.32 39.45
CA VAL D 163 21.43 14.91 39.42
C VAL D 163 22.14 14.23 38.28
N SER D 164 22.41 15.01 37.23
CA SER D 164 23.10 14.50 36.04
C SER D 164 24.51 14.06 36.40
N LYS D 165 25.17 14.87 37.23
CA LYS D 165 26.53 14.56 37.65
C LYS D 165 26.48 13.27 38.49
N LEU D 166 25.37 13.07 39.20
CA LEU D 166 25.23 11.86 39.99
C LEU D 166 25.12 10.68 39.02
N GLY D 167 24.26 10.83 38.04
CA GLY D 167 24.08 9.78 37.05
C GLY D 167 25.41 9.38 36.45
N LYS D 168 26.27 10.36 36.23
CA LYS D 168 27.57 10.11 35.64
C LYS D 168 28.54 9.44 36.63
N ARG D 169 28.26 9.58 37.93
CA ARG D 169 29.10 8.99 38.95
C ARG D 169 28.72 7.53 39.12
N MET D 170 27.50 7.20 38.69
CA MET D 170 27.00 5.84 38.76
C MET D 170 27.20 5.17 37.41
N GLY D 171 26.93 5.91 36.33
CA GLY D 171 27.11 5.39 34.99
C GLY D 171 26.24 6.15 34.02
N PHE D 172 24.93 6.00 34.22
CA PHE D 172 23.92 6.62 33.37
C PHE D 172 22.57 6.40 34.04
N LEU D 173 21.60 7.25 33.71
CA LEU D 173 20.26 7.22 34.29
C LEU D 173 19.31 6.21 33.67
N TYR D 174 18.13 6.06 34.28
CA TYR D 174 17.11 5.13 33.81
C TYR D 174 15.98 5.90 33.09
N LEU D 175 16.04 5.85 31.76
CA LEU D 175 15.08 6.52 30.88
C LEU D 175 13.64 6.07 31.11
N THR D 176 12.72 7.02 31.10
CA THR D 176 11.35 6.68 31.38
C THR D 176 10.42 7.70 30.73
N PHE D 177 9.12 7.44 30.78
CA PHE D 177 8.15 8.34 30.20
C PHE D 177 8.20 9.75 30.80
N TYR D 178 8.83 9.90 31.97
CA TYR D 178 8.94 11.22 32.59
C TYR D 178 10.09 11.97 31.96
N GLY D 179 10.94 11.25 31.25
CA GLY D 179 12.09 11.87 30.60
C GLY D 179 13.39 11.41 31.23
N HIS D 180 14.49 11.96 30.73
CA HIS D 180 15.84 11.67 31.22
C HIS D 180 16.02 12.24 32.63
N THR D 181 15.69 13.52 32.77
CA THR D 181 15.77 14.22 34.05
C THR D 181 14.64 15.23 34.15
N TRP D 182 13.46 14.76 34.47
CA TRP D 182 12.31 15.63 34.61
C TRP D 182 12.58 16.72 35.64
N GLN D 183 11.88 17.85 35.52
CA GLN D 183 12.04 18.98 36.46
C GLN D 183 10.68 19.52 36.90
N VAL D 184 10.47 19.59 38.22
CA VAL D 184 9.20 20.07 38.77
C VAL D 184 9.27 21.44 39.44
N GLN D 185 8.54 22.39 38.87
CA GLN D 185 8.48 23.76 39.39
C GLN D 185 7.05 24.13 39.73
N ASP D 186 6.82 24.31 41.03
CA ASP D 186 5.52 24.64 41.55
C ASP D 186 5.58 26.00 42.22
N LYS D 187 4.60 26.85 41.93
CA LYS D 187 4.57 28.17 42.55
C LYS D 187 3.14 28.66 42.67
N ILE D 188 2.74 28.94 43.91
CA ILE D 188 1.41 29.47 44.21
C ILE D 188 1.47 30.56 45.28
N ASP D 189 0.97 31.73 44.94
CA ASP D 189 0.99 32.88 45.85
C ASP D 189 -0.23 33.72 45.52
N ALA D 190 -1.37 33.33 46.06
CA ALA D 190 -2.58 34.07 45.79
C ALA D 190 -3.45 34.22 47.02
N ASN D 191 -3.40 35.41 47.61
CA ASN D 191 -4.18 35.70 48.80
C ASN D 191 -5.58 36.15 48.41
N ASN D 192 -5.91 36.04 47.14
CA ASN D 192 -7.21 36.47 46.67
C ASN D 192 -8.10 35.35 46.15
N VAL D 193 -7.48 34.21 45.83
CA VAL D 193 -8.23 33.05 45.35
C VAL D 193 -8.24 32.02 46.47
N ALA D 194 -9.34 31.29 46.60
CA ALA D 194 -9.48 30.28 47.65
C ALA D 194 -9.06 28.89 47.17
N TYR D 195 -7.83 28.51 47.50
CA TYR D 195 -7.28 27.21 47.09
C TYR D 195 -6.91 26.33 48.27
N THR D 196 -7.25 25.06 48.17
CA THR D 196 -6.94 24.11 49.22
C THR D 196 -6.15 22.95 48.61
N THR D 197 -5.19 22.45 49.38
CA THR D 197 -4.34 21.35 48.93
C THR D 197 -4.60 20.09 49.76
N GLY D 198 -3.91 19.01 49.43
CA GLY D 198 -4.10 17.78 50.17
C GLY D 198 -2.76 17.19 50.59
N LYS D 199 -2.72 15.87 50.71
CA LYS D 199 -1.50 15.18 51.10
C LYS D 199 -1.30 14.00 50.15
N LEU D 200 -0.07 13.48 50.11
CA LEU D 200 0.26 12.34 49.24
C LEU D 200 0.35 11.03 50.02
N SER D 201 -0.51 10.07 49.74
CA SER D 201 -0.47 8.77 50.44
C SER D 201 0.79 7.98 50.08
N PHE D 202 1.22 7.12 51.00
CA PHE D 202 2.42 6.32 50.75
C PHE D 202 2.36 5.52 49.45
N HIS D 203 3.39 5.67 48.62
CA HIS D 203 3.43 4.98 47.33
C HIS D 203 4.85 4.82 46.79
N THR D 204 4.98 3.94 45.80
CA THR D 204 6.26 3.72 45.14
C THR D 204 6.06 4.36 43.79
N ASP D 205 7.12 4.54 43.02
CA ASP D 205 6.97 5.13 41.71
C ASP D 205 6.93 4.15 40.55
N TYR D 206 6.10 4.49 39.57
CA TYR D 206 5.96 3.74 38.33
C TYR D 206 5.66 2.24 38.39
N PRO D 207 4.80 1.81 39.33
CA PRO D 207 4.45 0.39 39.44
C PRO D 207 3.77 -0.08 38.16
N ALA D 208 3.39 0.87 37.31
CA ALA D 208 2.73 0.52 36.06
C ALA D 208 3.73 0.01 35.05
N LEU D 209 5.01 0.09 35.38
CA LEU D 209 6.06 -0.44 34.51
C LEU D 209 6.38 -1.83 35.02
N HIS D 210 6.67 -2.74 34.08
CA HIS D 210 6.99 -4.10 34.44
C HIS D 210 8.26 -4.09 35.26
N HIS D 211 9.09 -3.11 34.93
CA HIS D 211 10.35 -2.93 35.63
C HIS D 211 10.47 -1.52 36.21
N PRO D 212 9.87 -1.29 37.39
CA PRO D 212 9.90 0.01 38.06
C PRO D 212 11.33 0.46 38.28
N PRO D 213 11.57 1.79 38.27
CA PRO D 213 12.88 2.42 38.47
C PRO D 213 13.41 2.00 39.82
N GLY D 214 14.69 1.60 39.88
CA GLY D 214 15.24 1.16 41.14
C GLY D 214 15.54 2.27 42.15
N VAL D 215 16.30 3.25 41.71
CA VAL D 215 16.72 4.35 42.57
C VAL D 215 16.24 5.71 42.10
N GLN D 216 15.78 6.52 43.05
CA GLN D 216 15.31 7.85 42.73
C GLN D 216 16.24 8.87 43.31
N LEU D 217 16.64 9.83 42.47
CA LEU D 217 17.51 10.90 42.90
C LEU D 217 16.67 12.14 42.76
N LEU D 218 16.59 12.92 43.84
CA LEU D 218 15.81 14.14 43.86
C LEU D 218 16.59 15.30 44.46
N HIS D 219 16.88 16.30 43.65
CA HIS D 219 17.61 17.49 44.08
C HIS D 219 16.68 18.69 44.29
N CYS D 220 16.74 19.27 45.48
CA CYS D 220 15.94 20.44 45.86
C CYS D 220 16.72 21.74 45.65
N ILE D 221 16.58 22.33 44.47
CA ILE D 221 17.28 23.59 44.13
C ILE D 221 16.82 24.80 44.96
N LYS D 222 15.51 24.94 45.10
CA LYS D 222 14.90 26.04 45.84
C LYS D 222 13.52 25.62 46.33
N GLN D 223 13.29 25.71 47.64
CA GLN D 223 12.00 25.32 48.18
C GLN D 223 11.61 26.22 49.36
N THR D 224 10.45 26.87 49.26
CA THR D 224 9.98 27.75 50.32
C THR D 224 8.50 27.47 50.63
N VAL D 225 8.26 26.56 51.58
CA VAL D 225 6.90 26.19 51.98
C VAL D 225 6.80 26.00 53.50
N THR D 226 5.58 25.90 54.00
CA THR D 226 5.36 25.69 55.43
C THR D 226 4.61 24.36 55.53
N GLY D 227 5.24 23.40 56.21
CA GLY D 227 4.66 22.08 56.34
C GLY D 227 5.02 21.31 55.09
N GLY D 228 4.15 20.38 54.68
CA GLY D 228 4.39 19.60 53.48
C GLY D 228 5.68 18.81 53.56
N ASP D 229 6.02 18.39 54.77
CA ASP D 229 7.24 17.63 55.01
C ASP D 229 7.16 16.24 54.37
N SER D 230 8.31 15.74 53.92
CA SER D 230 8.40 14.43 53.30
C SER D 230 8.42 13.35 54.37
N GLU D 231 7.60 12.32 54.17
CA GLU D 231 7.55 11.18 55.09
C GLU D 231 7.82 9.88 54.31
N ILE D 232 8.63 9.02 54.89
CA ILE D 232 9.01 7.77 54.26
C ILE D 232 8.82 6.61 55.20
N VAL D 233 8.86 5.40 54.65
CA VAL D 233 8.68 4.19 55.44
C VAL D 233 9.46 2.99 54.84
N ASP D 234 10.03 2.15 55.71
CA ASP D 234 10.78 1.00 55.27
C ASP D 234 9.90 -0.18 54.87
N GLY D 235 9.53 -0.24 53.58
CA GLY D 235 8.68 -1.32 53.10
C GLY D 235 9.10 -2.74 53.46
N PHE D 236 10.41 -2.98 53.48
CA PHE D 236 10.87 -4.32 53.83
C PHE D 236 10.61 -4.60 55.30
N ASN D 237 10.74 -3.58 56.15
CA ASN D 237 10.52 -3.74 57.57
C ASN D 237 9.03 -3.94 57.81
N VAL D 238 8.23 -3.18 57.08
CA VAL D 238 6.78 -3.28 57.23
C VAL D 238 6.33 -4.68 56.87
N CYS D 239 6.91 -5.28 55.84
CA CYS D 239 6.52 -6.64 55.47
C CYS D 239 6.84 -7.63 56.57
N GLN D 240 8.02 -7.46 57.17
CA GLN D 240 8.44 -8.32 58.28
C GLN D 240 7.35 -8.24 59.37
N LYS D 241 7.00 -7.02 59.78
CA LYS D 241 5.96 -6.82 60.80
C LYS D 241 4.66 -7.48 60.35
N LEU D 242 4.27 -7.21 59.10
CA LEU D 242 3.04 -7.75 58.55
C LEU D 242 3.02 -9.28 58.49
N LYS D 243 4.18 -9.88 58.25
CA LYS D 243 4.28 -11.34 58.18
C LYS D 243 4.10 -11.98 59.55
N LYS D 244 4.59 -11.32 60.59
CA LYS D 244 4.49 -11.83 61.95
C LYS D 244 3.12 -11.57 62.58
N ASN D 245 2.51 -10.42 62.26
CA ASN D 245 1.23 -10.06 62.84
C ASN D 245 0.02 -10.33 61.96
N ASN D 246 0.26 -10.60 60.68
CA ASN D 246 -0.81 -10.85 59.71
C ASN D 246 -0.35 -11.79 58.60
N PRO D 247 -0.13 -13.05 58.94
CA PRO D 247 0.30 -14.05 57.96
C PRO D 247 -0.66 -14.24 56.80
N GLN D 248 -1.94 -14.40 57.10
CA GLN D 248 -2.93 -14.60 56.04
C GLN D 248 -2.82 -13.44 55.05
N ALA D 249 -2.77 -12.22 55.57
CA ALA D 249 -2.64 -11.03 54.74
C ALA D 249 -1.36 -11.11 53.89
N PHE D 250 -0.24 -11.43 54.55
CA PHE D 250 1.04 -11.53 53.86
C PHE D 250 0.94 -12.43 52.63
N GLN D 251 0.42 -13.63 52.81
CA GLN D 251 0.28 -14.56 51.70
C GLN D 251 -0.54 -13.93 50.58
N ILE D 252 -1.65 -13.30 50.93
CA ILE D 252 -2.50 -12.69 49.94
C ILE D 252 -1.76 -11.67 49.08
N LEU D 253 -1.20 -10.66 49.75
CA LEU D 253 -0.46 -9.58 49.08
C LEU D 253 0.82 -10.06 48.38
N SER D 254 1.30 -11.25 48.72
CA SER D 254 2.50 -11.75 48.08
C SER D 254 2.19 -12.89 47.11
N SER D 255 0.90 -13.13 46.87
CA SER D 255 0.51 -14.19 45.94
C SER D 255 -0.54 -13.70 44.95
N THR D 256 -1.07 -12.50 45.16
CA THR D 256 -2.09 -11.96 44.28
C THR D 256 -1.50 -11.00 43.25
N PHE D 257 -1.98 -11.08 42.01
CA PHE D 257 -1.47 -10.20 40.98
C PHE D 257 -2.40 -9.02 40.74
N VAL D 258 -1.90 -7.81 41.02
CA VAL D 258 -2.68 -6.59 40.85
C VAL D 258 -2.31 -5.86 39.55
N ASP D 259 -3.32 -5.33 38.88
CA ASP D 259 -3.11 -4.62 37.62
C ASP D 259 -2.89 -3.13 37.84
N PHE D 260 -1.83 -2.59 37.23
CA PHE D 260 -1.51 -1.18 37.34
C PHE D 260 -1.65 -0.53 36.01
N THR D 261 -2.33 0.60 35.96
CA THR D 261 -2.48 1.26 34.67
C THR D 261 -2.04 2.73 34.72
N ASP D 262 -1.78 3.30 33.56
CA ASP D 262 -1.37 4.71 33.50
C ASP D 262 -1.44 5.28 32.08
N ILE D 263 -2.24 6.33 31.92
CA ILE D 263 -2.44 6.97 30.63
C ILE D 263 -2.10 8.45 30.76
N GLY D 264 -1.47 9.01 29.74
CA GLY D 264 -1.11 10.42 29.76
C GLY D 264 -0.04 10.76 28.74
N VAL D 265 0.37 12.02 28.73
CA VAL D 265 1.40 12.51 27.80
C VAL D 265 2.46 13.36 28.49
N ASP D 266 3.72 12.99 28.37
CA ASP D 266 4.79 13.75 29.01
C ASP D 266 6.04 13.94 28.15
N TYR D 267 6.87 12.88 28.10
CA TYR D 267 8.02 12.91 27.22
C TYR D 267 7.37 12.74 25.85
N CYS D 268 6.33 11.89 25.81
CA CYS D 268 5.55 11.62 24.61
C CYS D 268 4.32 10.83 25.06
N ASP D 269 3.28 10.82 24.24
CA ASP D 269 2.07 10.08 24.56
C ASP D 269 2.41 8.66 25.00
N PHE D 270 1.68 8.14 25.98
CA PHE D 270 1.92 6.79 26.49
C PHE D 270 0.68 6.17 27.13
N SER D 271 0.61 4.85 27.14
CA SER D 271 -0.50 4.10 27.75
C SER D 271 0.06 2.78 28.29
N VAL D 272 0.29 2.73 29.59
CA VAL D 272 0.88 1.54 30.19
C VAL D 272 -0.03 0.69 31.07
N GLN D 273 0.31 -0.60 31.10
CA GLN D 273 -0.40 -1.61 31.88
C GLN D 273 0.61 -2.61 32.42
N SER D 274 0.25 -3.29 33.51
CA SER D 274 1.13 -4.29 34.08
C SER D 274 0.53 -5.04 35.26
N LYS D 275 1.12 -6.18 35.56
CA LYS D 275 0.71 -7.02 36.68
C LYS D 275 1.90 -7.24 37.62
N HIS D 276 1.66 -6.96 38.89
CA HIS D 276 2.66 -7.10 39.94
C HIS D 276 1.98 -7.66 41.18
N LYS D 277 2.80 -8.03 42.16
CA LYS D 277 2.27 -8.47 43.43
C LYS D 277 2.75 -7.32 44.32
N ILE D 278 1.90 -6.84 45.22
CA ILE D 278 2.31 -5.72 46.07
C ILE D 278 3.60 -6.08 46.79
N ILE D 279 3.66 -7.29 47.32
CA ILE D 279 4.85 -7.78 48.02
C ILE D 279 5.47 -8.88 47.16
N GLU D 280 6.50 -8.53 46.42
CA GLU D 280 7.15 -9.49 45.57
C GLU D 280 8.23 -10.30 46.31
N LEU D 281 7.99 -11.60 46.44
CA LEU D 281 8.95 -12.48 47.12
C LEU D 281 9.84 -13.22 46.12
N ASP D 282 11.07 -13.52 46.53
CA ASP D 282 12.02 -14.25 45.69
C ASP D 282 11.83 -15.73 45.97
N ASP D 283 12.56 -16.58 45.28
CA ASP D 283 12.43 -18.01 45.47
C ASP D 283 12.70 -18.47 46.90
N LYS D 284 13.61 -17.78 47.58
CA LYS D 284 13.95 -18.13 48.96
C LYS D 284 12.94 -17.62 49.98
N GLY D 285 11.99 -16.83 49.50
CA GLY D 285 10.95 -16.28 50.36
C GLY D 285 11.12 -14.83 50.77
N GLN D 286 12.32 -14.29 50.64
CA GLN D 286 12.59 -12.92 51.02
C GLN D 286 11.95 -11.90 50.09
N VAL D 287 11.67 -10.73 50.65
CA VAL D 287 11.05 -9.62 49.90
C VAL D 287 12.11 -8.90 49.09
N VAL D 288 11.87 -8.73 47.78
CA VAL D 288 12.84 -8.06 46.90
C VAL D 288 12.28 -6.77 46.29
N ARG D 289 10.98 -6.56 46.42
CA ARG D 289 10.36 -5.35 45.86
C ARG D 289 8.92 -5.15 46.30
N ILE D 290 8.54 -3.89 46.37
CA ILE D 290 7.20 -3.45 46.75
C ILE D 290 6.65 -2.64 45.58
N ASN D 291 5.48 -3.00 45.10
CA ASN D 291 4.88 -2.28 43.97
C ASN D 291 3.52 -1.80 44.46
N PHE D 292 3.45 -0.57 44.97
CA PHE D 292 2.18 -0.05 45.46
C PHE D 292 1.97 1.43 45.32
N ASN D 293 0.92 1.79 44.59
CA ASN D 293 0.52 3.17 44.35
C ASN D 293 -0.98 3.10 44.04
N ASN D 294 -1.79 3.21 45.08
CA ASN D 294 -3.24 3.10 44.94
C ASN D 294 -3.86 3.93 43.82
N ALA D 295 -3.25 5.08 43.55
CA ALA D 295 -3.75 5.94 42.50
C ALA D 295 -3.66 5.23 41.13
N THR D 296 -2.54 4.53 40.91
CA THR D 296 -2.22 3.81 39.67
C THR D 296 -2.84 2.42 39.53
N ARG D 297 -3.34 1.87 40.64
CA ARG D 297 -3.96 0.55 40.66
C ARG D 297 -5.24 0.62 39.83
N ASP D 298 -5.26 -0.12 38.73
CA ASP D 298 -6.40 -0.11 37.80
C ASP D 298 -7.75 -0.59 38.38
N THR D 299 -8.83 -0.27 37.65
CA THR D 299 -10.17 -0.68 38.05
C THR D 299 -10.35 -2.11 37.55
N ILE D 300 -9.38 -2.55 36.76
CA ILE D 300 -9.39 -3.91 36.23
C ILE D 300 -8.73 -4.80 37.30
N PHE D 301 -9.45 -5.86 37.71
CA PHE D 301 -8.95 -6.78 38.72
C PHE D 301 -9.03 -8.22 38.23
N ASP D 302 -7.93 -8.72 37.69
CA ASP D 302 -7.91 -10.09 37.18
C ASP D 302 -7.68 -11.11 38.29
N VAL D 303 -8.77 -11.47 38.97
CA VAL D 303 -8.73 -12.43 40.07
C VAL D 303 -10.17 -12.87 40.32
N PRO D 304 -10.37 -14.14 40.75
CA PRO D 304 -11.71 -14.65 41.01
C PRO D 304 -12.41 -13.91 42.17
N VAL D 305 -13.73 -13.75 42.03
CA VAL D 305 -14.56 -13.05 43.00
C VAL D 305 -14.28 -13.34 44.48
N GLU D 306 -14.09 -14.61 44.83
CA GLU D 306 -13.84 -14.97 46.22
C GLU D 306 -12.58 -14.33 46.81
N ARG D 307 -11.58 -14.04 45.98
CA ARG D 307 -10.34 -13.44 46.49
C ARG D 307 -10.41 -11.93 46.68
N VAL D 308 -11.35 -11.28 46.00
CA VAL D 308 -11.48 -9.83 46.07
C VAL D 308 -11.62 -9.21 47.45
N GLN D 309 -12.69 -9.52 48.16
CA GLN D 309 -12.85 -8.94 49.48
C GLN D 309 -11.68 -9.29 50.42
N PRO D 310 -11.24 -10.56 50.43
CA PRO D 310 -10.13 -10.90 51.33
C PRO D 310 -8.88 -10.07 51.00
N PHE D 311 -8.71 -9.79 49.71
CA PHE D 311 -7.61 -9.00 49.23
C PHE D 311 -7.71 -7.60 49.83
N TYR D 312 -8.79 -6.88 49.54
CA TYR D 312 -8.93 -5.54 50.08
C TYR D 312 -8.66 -5.50 51.57
N ALA D 313 -9.07 -6.53 52.30
CA ALA D 313 -8.82 -6.55 53.74
C ALA D 313 -7.30 -6.45 53.96
N ALA D 314 -6.56 -7.40 53.38
CA ALA D 314 -5.11 -7.43 53.50
C ALA D 314 -4.48 -6.10 53.12
N LEU D 315 -4.80 -5.57 51.95
CA LEU D 315 -4.23 -4.29 51.54
C LEU D 315 -4.48 -3.28 52.65
N LYS D 316 -5.70 -3.26 53.15
CA LYS D 316 -6.10 -2.34 54.23
C LYS D 316 -5.17 -2.43 55.44
N GLU D 317 -4.84 -3.65 55.85
CA GLU D 317 -3.98 -3.86 57.01
C GLU D 317 -2.54 -3.48 56.71
N PHE D 318 -2.16 -3.61 55.45
CA PHE D 318 -0.83 -3.26 55.02
C PHE D 318 -0.67 -1.74 55.12
N VAL D 319 -1.59 -1.00 54.51
CA VAL D 319 -1.55 0.45 54.52
C VAL D 319 -1.57 1.00 55.95
N ASP D 320 -2.53 0.56 56.76
CA ASP D 320 -2.61 1.02 58.14
C ASP D 320 -1.28 0.91 58.85
N LEU D 321 -0.63 -0.23 58.65
CA LEU D 321 0.66 -0.51 59.26
C LEU D 321 1.73 0.48 58.80
N MET D 322 1.68 0.91 57.55
CA MET D 322 2.66 1.86 57.03
C MET D 322 2.45 3.26 57.61
N ASN D 323 1.19 3.62 57.84
CA ASN D 323 0.83 4.92 58.38
C ASN D 323 1.15 5.05 59.87
N SER D 324 1.05 3.93 60.60
CA SER D 324 1.32 3.93 62.03
C SER D 324 2.67 4.58 62.33
N LYS D 325 2.70 5.33 63.43
CA LYS D 325 3.86 6.07 63.89
C LYS D 325 5.17 5.30 64.06
N GLU D 326 5.09 4.02 64.40
CA GLU D 326 6.29 3.21 64.60
C GLU D 326 7.04 3.01 63.28
N SER D 327 6.32 3.09 62.17
CA SER D 327 6.92 2.87 60.86
C SER D 327 7.48 4.07 60.15
N LYS D 328 6.65 5.08 59.99
CA LYS D 328 7.01 6.28 59.27
C LYS D 328 8.05 7.16 59.95
N PHE D 329 8.81 7.85 59.09
CA PHE D 329 9.86 8.76 59.49
C PHE D 329 9.68 10.05 58.72
N THR D 330 9.44 11.14 59.43
CA THR D 330 9.25 12.42 58.76
C THR D 330 10.54 13.21 58.71
N PHE D 331 10.69 14.02 57.67
CA PHE D 331 11.86 14.86 57.50
C PHE D 331 11.54 15.91 56.44
N LYS D 332 12.16 17.08 56.59
CA LYS D 332 11.97 18.20 55.66
C LYS D 332 13.20 18.39 54.79
N MET D 333 12.98 18.62 53.50
CA MET D 333 14.11 18.84 52.61
C MET D 333 14.45 20.32 52.56
N ASN D 334 15.75 20.58 52.59
CA ASN D 334 16.28 21.93 52.55
C ASN D 334 16.97 22.10 51.21
N PRO D 335 17.07 23.33 50.71
CA PRO D 335 17.74 23.56 49.43
C PRO D 335 19.18 23.09 49.46
N GLY D 336 19.66 22.63 48.31
CA GLY D 336 21.03 22.13 48.21
C GLY D 336 21.14 20.74 48.76
N ASP D 337 20.03 20.02 48.77
CA ASP D 337 19.99 18.67 49.28
C ASP D 337 19.45 17.70 48.22
N VAL D 338 20.22 16.65 47.93
CA VAL D 338 19.76 15.65 46.98
C VAL D 338 19.47 14.40 47.77
N ILE D 339 18.26 13.88 47.61
CA ILE D 339 17.84 12.68 48.31
C ILE D 339 17.91 11.47 47.40
N THR D 340 18.71 10.47 47.75
CA THR D 340 18.78 9.27 46.92
C THR D 340 18.12 8.09 47.66
N PHE D 341 17.18 7.40 47.04
CA PHE D 341 16.53 6.28 47.74
C PHE D 341 16.06 5.09 46.90
N ASP D 342 16.01 3.95 47.57
CA ASP D 342 15.59 2.71 46.94
C ASP D 342 14.08 2.71 46.71
N ASN D 343 13.68 3.00 45.49
CA ASN D 343 12.25 3.06 45.16
C ASN D 343 11.60 1.68 45.12
N TRP D 344 12.38 0.67 45.50
CA TRP D 344 11.95 -0.71 45.49
C TRP D 344 11.70 -1.20 46.91
N ARG D 345 12.27 -0.50 47.88
CA ARG D 345 12.14 -0.90 49.26
C ARG D 345 11.21 -0.01 50.08
N LEU D 346 11.31 1.31 49.91
CA LEU D 346 10.43 2.19 50.68
C LEU D 346 9.34 2.89 49.88
N LEU D 347 8.33 3.35 50.60
CA LEU D 347 7.26 4.07 49.96
C LEU D 347 7.29 5.46 50.56
N HIS D 348 7.21 6.48 49.70
CA HIS D 348 7.23 7.84 50.21
C HIS D 348 5.84 8.45 50.21
N GLY D 349 5.67 9.44 51.08
CA GLY D 349 4.41 10.15 51.19
C GLY D 349 4.70 11.61 51.41
N ARG D 350 3.66 12.42 51.63
CA ARG D 350 3.77 13.86 51.90
C ARG D 350 2.62 14.34 52.76
N ARG D 351 2.95 15.17 53.75
CA ARG D 351 1.95 15.75 54.65
C ARG D 351 1.41 17.03 54.01
N SER D 352 0.18 17.42 54.36
CA SER D 352 -0.41 18.64 53.82
C SER D 352 0.44 19.86 54.12
N TYR D 353 0.13 20.95 53.43
CA TYR D 353 0.84 22.20 53.65
C TYR D 353 0.06 23.07 54.61
N GLU D 354 0.75 23.95 55.30
CA GLU D 354 0.06 24.83 56.24
C GLU D 354 -1.01 25.49 55.39
N ALA D 355 -2.22 25.63 55.94
CA ALA D 355 -3.32 26.09 55.13
C ALA D 355 -3.12 27.49 54.58
N GLY D 356 -3.39 27.65 53.29
CA GLY D 356 -3.32 28.94 52.62
C GLY D 356 -2.00 29.65 52.80
N THR D 357 -0.88 28.94 52.71
CA THR D 357 0.40 29.60 52.89
C THR D 357 1.13 29.65 51.55
N GLU D 358 2.23 30.42 51.49
CA GLU D 358 2.98 30.53 50.24
C GLU D 358 3.68 29.21 49.91
N ILE D 359 3.68 28.86 48.62
CA ILE D 359 4.30 27.63 48.16
C ILE D 359 5.23 27.85 46.97
N SER D 360 6.52 27.62 47.19
CA SER D 360 7.54 27.74 46.15
C SER D 360 8.34 26.43 46.12
N ARG D 361 8.45 25.81 44.95
CA ARG D 361 9.18 24.56 44.84
C ARG D 361 9.86 24.33 43.50
N HIS D 362 11.19 24.23 43.51
CA HIS D 362 11.97 23.98 42.31
C HIS D 362 12.96 22.84 42.58
N LEU D 363 12.71 21.68 41.99
CA LEU D 363 13.58 20.53 42.21
C LEU D 363 13.88 19.83 40.91
N GLU D 364 15.03 19.17 40.83
CA GLU D 364 15.35 18.39 39.64
C GLU D 364 15.38 16.93 40.08
N GLY D 365 14.85 16.03 39.25
CA GLY D 365 14.84 14.62 39.60
C GLY D 365 15.28 13.68 38.49
N ALA D 366 15.42 12.40 38.83
CA ALA D 366 15.84 11.39 37.86
C ALA D 366 15.79 9.99 38.48
N TYR D 367 15.77 8.98 37.61
CA TYR D 367 15.72 7.62 38.08
C TYR D 367 16.96 6.87 37.63
N ALA D 368 17.24 5.76 38.31
CA ALA D 368 18.38 4.91 37.97
C ALA D 368 18.02 3.43 38.19
N ASP D 369 18.70 2.55 37.47
CA ASP D 369 18.43 1.13 37.60
C ASP D 369 19.45 0.48 38.53
N TRP D 370 18.96 -0.33 39.46
CA TRP D 370 19.85 -0.98 40.39
C TRP D 370 21.01 -1.71 39.73
N ASP D 371 20.81 -2.28 38.55
CA ASP D 371 21.91 -2.95 37.89
C ASP D 371 23.10 -2.03 37.65
N VAL D 372 22.87 -0.77 37.25
CA VAL D 372 23.99 0.13 37.00
C VAL D 372 24.68 0.65 38.26
N VAL D 373 23.94 0.77 39.36
CA VAL D 373 24.51 1.26 40.61
C VAL D 373 25.17 0.11 41.34
N MET D 374 24.70 -1.11 41.07
CA MET D 374 25.30 -2.29 41.69
C MET D 374 26.66 -2.49 41.05
N SER D 375 26.76 -2.15 39.77
CA SER D 375 28.00 -2.28 39.04
C SER D 375 29.03 -1.32 39.60
N ARG D 376 28.60 -0.08 39.77
CA ARG D 376 29.47 0.96 40.29
C ARG D 376 29.91 0.56 41.67
N LEU D 377 28.97 0.08 42.47
CA LEU D 377 29.30 -0.34 43.82
C LEU D 377 30.47 -1.34 43.79
N ARG D 378 30.39 -2.35 42.89
CA ARG D 378 31.44 -3.38 42.73
C ARG D 378 32.82 -2.82 42.39
N ILE D 379 32.86 -1.97 41.38
CA ILE D 379 34.09 -1.33 40.96
C ILE D 379 34.65 -0.52 42.15
N LEU D 380 33.86 0.41 42.68
CA LEU D 380 34.27 1.24 43.81
C LEU D 380 34.90 0.49 44.96
N ARG D 381 34.25 -0.60 45.37
CA ARG D 381 34.72 -1.43 46.48
C ARG D 381 36.06 -2.06 46.10
N GLN D 382 36.25 -2.30 44.81
CA GLN D 382 37.50 -2.88 44.34
C GLN D 382 38.56 -1.79 44.29
N ARG D 383 38.19 -0.57 44.66
CA ARG D 383 39.13 0.55 44.65
C ARG D 383 39.47 1.09 46.04
N VAL D 384 38.90 0.48 47.06
CA VAL D 384 39.13 0.91 48.44
C VAL D 384 39.60 -0.23 49.33
N GLU D 385 39.03 -1.42 49.11
CA GLU D 385 39.40 -2.60 49.89
C GLU D 385 40.75 -3.17 49.46
N MET E 2 12.61 24.58 -26.12
CA MET E 2 12.84 23.71 -24.92
C MET E 2 12.37 22.28 -25.18
N ALA E 3 11.11 21.99 -24.87
CA ALA E 3 10.54 20.65 -25.07
C ALA E 3 10.70 20.21 -26.53
N CYS E 4 10.33 18.96 -26.80
CA CYS E 4 10.40 18.37 -28.14
C CYS E 4 9.38 18.94 -29.12
N THR E 5 9.62 20.19 -29.54
CA THR E 5 8.73 20.86 -30.47
C THR E 5 9.52 21.26 -31.71
N ILE E 6 8.79 21.51 -32.80
CA ILE E 6 9.41 21.86 -34.07
C ILE E 6 10.07 23.24 -34.08
N GLN E 7 11.28 23.28 -34.64
CA GLN E 7 12.04 24.51 -34.75
C GLN E 7 12.07 24.89 -36.24
N LYS E 8 12.65 24.00 -37.05
CA LYS E 8 12.77 24.21 -38.51
C LYS E 8 12.63 22.90 -39.32
N ALA E 9 11.42 22.62 -39.78
CA ALA E 9 11.14 21.41 -40.58
C ALA E 9 11.44 21.64 -42.06
N GLU E 10 12.58 21.13 -42.51
CA GLU E 10 13.01 21.29 -43.89
C GLU E 10 13.13 19.96 -44.66
N ALA E 11 12.56 19.93 -45.87
CA ALA E 11 12.62 18.74 -46.70
C ALA E 11 13.91 18.84 -47.49
N LEU E 12 14.92 18.08 -47.10
CA LEU E 12 16.21 18.12 -47.80
C LEU E 12 16.13 17.77 -49.28
N ASP E 13 17.24 17.97 -49.99
CA ASP E 13 17.35 17.68 -51.43
C ASP E 13 17.01 16.23 -51.77
N GLY E 14 16.62 16.00 -53.01
CA GLY E 14 16.25 14.65 -53.42
C GLY E 14 14.90 14.30 -52.82
N ALA E 15 14.55 15.01 -51.74
CA ALA E 15 13.28 14.82 -51.03
C ALA E 15 13.08 13.40 -50.52
N HIS E 16 14.17 12.66 -50.36
CA HIS E 16 14.12 11.29 -49.87
C HIS E 16 14.21 11.24 -48.34
N LEU E 17 14.51 12.39 -47.73
CA LEU E 17 14.59 12.52 -46.26
C LEU E 17 13.95 13.81 -45.76
N MET E 18 13.89 13.96 -44.44
CA MET E 18 13.31 15.14 -43.83
C MET E 18 14.10 15.50 -42.57
N GLN E 19 14.83 16.61 -42.64
CA GLN E 19 15.63 17.07 -41.51
C GLN E 19 14.78 17.94 -40.59
N ILE E 20 14.26 17.37 -39.51
CA ILE E 20 13.44 18.11 -38.55
C ILE E 20 14.27 18.56 -37.36
N LEU E 21 14.31 19.87 -37.16
CA LEU E 21 15.08 20.48 -36.06
C LEU E 21 14.11 20.83 -34.92
N TRP E 22 14.43 20.35 -33.71
CA TRP E 22 13.58 20.60 -32.55
C TRP E 22 13.99 21.87 -31.83
N TYR E 23 13.16 22.34 -30.91
CA TYR E 23 13.48 23.55 -30.17
C TYR E 23 14.80 23.41 -29.43
N ASP E 24 15.02 22.24 -28.83
CA ASP E 24 16.27 21.99 -28.15
C ASP E 24 17.28 21.73 -29.26
N GLU E 25 18.57 21.71 -28.93
CA GLU E 25 19.58 21.48 -29.95
C GLU E 25 19.55 20.00 -30.29
N GLU E 26 18.84 19.66 -31.38
CA GLU E 26 18.72 18.29 -31.84
C GLU E 26 17.89 18.25 -33.11
N GLU E 27 18.22 17.34 -34.03
CA GLU E 27 17.49 17.19 -35.29
C GLU E 27 17.34 15.71 -35.65
N SER E 28 16.27 15.38 -36.36
CA SER E 28 16.00 13.99 -36.77
C SER E 28 15.80 13.89 -38.28
N LEU E 29 15.90 12.66 -38.81
CA LEU E 29 15.73 12.39 -40.23
C LEU E 29 14.65 11.33 -40.47
N TYR E 30 13.80 11.54 -41.46
CA TYR E 30 12.71 10.60 -41.75
C TYR E 30 12.60 10.28 -43.25
N PRO E 31 12.86 9.03 -43.64
CA PRO E 31 12.78 8.62 -45.05
C PRO E 31 11.41 8.93 -45.64
N ALA E 32 11.40 9.58 -46.79
CA ALA E 32 10.16 9.96 -47.47
C ALA E 32 9.18 8.81 -47.56
N VAL E 33 9.63 7.69 -48.12
CA VAL E 33 8.77 6.53 -48.30
C VAL E 33 8.15 6.07 -46.99
N TRP E 34 8.81 6.38 -45.88
CA TRP E 34 8.31 6.02 -44.55
C TRP E 34 7.12 6.89 -44.17
N LEU E 35 7.29 8.21 -44.36
CA LEU E 35 6.27 9.19 -44.06
C LEU E 35 4.96 8.86 -44.77
N ARG E 36 5.06 8.53 -46.06
CA ARG E 36 3.87 8.21 -46.82
C ARG E 36 3.31 6.87 -46.41
N ASP E 37 4.19 5.93 -46.08
CA ASP E 37 3.74 4.61 -45.68
C ASP E 37 2.90 4.60 -44.40
N ASN E 38 3.24 5.48 -43.46
CA ASN E 38 2.52 5.56 -42.20
C ASN E 38 1.67 6.82 -42.07
N CYS E 39 1.01 7.22 -43.16
CA CYS E 39 0.16 8.41 -43.17
C CYS E 39 -1.01 8.28 -42.18
N PRO E 40 -1.17 9.27 -41.28
CA PRO E 40 -2.23 9.27 -40.27
C PRO E 40 -3.61 9.56 -40.85
N CYS E 41 -3.62 10.02 -42.09
CA CYS E 41 -4.85 10.34 -42.81
C CYS E 41 -5.92 9.25 -42.75
N SER E 42 -7.19 9.64 -42.79
CA SER E 42 -8.30 8.69 -42.74
C SER E 42 -8.32 7.57 -43.79
N ASP E 43 -7.80 7.84 -44.98
CA ASP E 43 -7.76 6.84 -46.04
C ASP E 43 -6.55 5.93 -45.90
N CYS E 44 -5.80 6.09 -44.81
CA CYS E 44 -4.60 5.30 -44.59
C CYS E 44 -4.46 4.64 -43.22
N TYR E 45 -5.12 5.17 -42.20
CA TYR E 45 -5.00 4.61 -40.86
C TYR E 45 -6.30 4.62 -40.05
N LEU E 46 -6.28 3.90 -38.93
CA LEU E 46 -7.42 3.80 -38.04
C LEU E 46 -6.85 3.67 -36.64
N ASP E 47 -6.79 4.78 -35.90
CA ASP E 47 -6.24 4.78 -34.56
C ASP E 47 -7.05 4.00 -33.52
N SER E 48 -8.18 3.42 -33.94
CA SER E 48 -9.02 2.67 -33.02
C SER E 48 -8.49 1.24 -32.82
N ALA E 49 -7.72 0.76 -33.80
CA ALA E 49 -7.14 -0.58 -33.75
C ALA E 49 -5.69 -0.59 -34.22
N LYS E 50 -5.14 0.59 -34.49
CA LYS E 50 -3.76 0.71 -34.94
C LYS E 50 -3.55 -0.23 -36.12
N ALA E 51 -4.35 -0.02 -37.17
CA ALA E 51 -4.28 -0.84 -38.38
C ALA E 51 -4.11 0.04 -39.61
N ARG E 52 -3.01 -0.15 -40.34
CA ARG E 52 -2.75 0.62 -41.54
C ARG E 52 -3.70 0.19 -42.66
N LYS E 53 -4.26 1.16 -43.37
CA LYS E 53 -5.20 0.84 -44.45
C LYS E 53 -4.52 0.86 -45.83
N LEU E 54 -3.43 1.61 -45.94
CA LEU E 54 -2.67 1.73 -47.18
C LEU E 54 -2.11 0.38 -47.67
N LEU E 55 -2.22 0.11 -48.96
CA LEU E 55 -1.73 -1.14 -49.53
C LEU E 55 -0.32 -1.01 -50.09
N VAL E 56 0.50 -2.03 -49.86
CA VAL E 56 1.88 -2.03 -50.33
C VAL E 56 1.94 -1.87 -51.86
N GLU E 57 0.95 -2.44 -52.55
CA GLU E 57 0.88 -2.37 -54.00
C GLU E 57 0.81 -0.91 -54.49
N ALA E 58 0.21 -0.06 -53.67
CA ALA E 58 0.04 1.36 -53.99
C ALA E 58 1.00 2.26 -53.21
N LEU E 59 2.27 1.89 -53.16
CA LEU E 59 3.27 2.68 -52.44
C LEU E 59 4.52 2.90 -53.28
N ASP E 60 4.69 4.14 -53.73
CA ASP E 60 5.84 4.52 -54.53
C ASP E 60 7.06 4.43 -53.61
N VAL E 61 7.84 3.35 -53.72
CA VAL E 61 9.03 3.18 -52.87
C VAL E 61 10.12 4.18 -53.17
N ASN E 62 9.86 5.07 -54.12
CA ASN E 62 10.84 6.08 -54.52
C ASN E 62 10.28 7.48 -54.33
N ILE E 63 9.00 7.56 -53.96
CA ILE E 63 8.27 8.83 -53.77
C ILE E 63 9.08 9.85 -52.97
N GLY E 64 8.97 11.11 -53.37
CA GLY E 64 9.69 12.18 -52.70
C GLY E 64 8.74 13.27 -52.23
N ILE E 65 9.23 14.14 -51.35
CA ILE E 65 8.43 15.24 -50.83
C ILE E 65 8.34 16.38 -51.83
N LYS E 66 7.12 16.71 -52.22
CA LYS E 66 6.87 17.77 -53.18
C LYS E 66 6.59 19.10 -52.46
N GLY E 67 5.86 19.04 -51.35
CA GLY E 67 5.56 20.25 -50.61
C GLY E 67 5.59 20.01 -49.11
N LEU E 68 6.07 20.99 -48.35
CA LEU E 68 6.14 20.87 -46.89
C LEU E 68 6.01 22.22 -46.19
N ILE E 69 5.24 22.24 -45.11
CA ILE E 69 5.06 23.43 -44.30
C ILE E 69 5.00 22.91 -42.87
N PHE E 70 5.10 23.77 -41.87
CA PHE E 70 5.09 23.27 -40.50
C PHE E 70 4.71 24.28 -39.42
N ASP E 71 3.98 23.78 -38.42
CA ASP E 71 3.57 24.56 -37.26
C ASP E 71 4.48 24.15 -36.12
N ARG E 72 4.42 24.88 -35.02
CA ARG E 72 5.27 24.58 -33.88
C ARG E 72 5.26 23.10 -33.49
N LYS E 73 4.15 22.43 -33.76
CA LYS E 73 4.03 21.01 -33.42
C LYS E 73 3.29 20.17 -34.48
N LYS E 74 3.30 20.60 -35.73
CA LYS E 74 2.66 19.86 -36.80
C LYS E 74 3.36 20.08 -38.13
N VAL E 75 3.26 19.08 -39.01
CA VAL E 75 3.88 19.12 -40.33
C VAL E 75 2.85 18.66 -41.39
N TYR E 76 2.72 19.45 -42.45
CA TYR E 76 1.77 19.16 -43.53
C TYR E 76 2.53 18.89 -44.82
N ILE E 77 2.55 17.63 -45.25
CA ILE E 77 3.25 17.23 -46.46
C ILE E 77 2.31 17.00 -47.65
N THR E 78 2.76 17.39 -48.83
CA THR E 78 1.98 17.23 -50.05
C THR E 78 2.77 16.31 -50.98
N TRP E 79 2.09 15.33 -51.57
CA TRP E 79 2.75 14.36 -52.44
C TRP E 79 2.52 14.62 -53.92
N PRO E 80 3.44 14.10 -54.77
CA PRO E 80 3.36 14.24 -56.23
C PRO E 80 2.05 13.72 -56.81
N ASP E 81 1.22 13.10 -55.98
CA ASP E 81 -0.06 12.57 -56.42
C ASP E 81 -1.22 13.34 -55.80
N GLU E 82 -0.93 14.57 -55.37
CA GLU E 82 -1.91 15.45 -54.74
C GLU E 82 -2.50 14.89 -53.45
N HIS E 83 -1.72 14.05 -52.75
CA HIS E 83 -2.17 13.47 -51.49
C HIS E 83 -1.69 14.37 -50.36
N TYR E 84 -2.54 14.54 -49.35
CA TYR E 84 -2.23 15.40 -48.20
C TYR E 84 -2.03 14.56 -46.93
N SER E 85 -1.08 14.96 -46.10
CA SER E 85 -0.80 14.24 -44.85
C SER E 85 -0.26 15.16 -43.76
N GLU E 86 -0.86 15.08 -42.58
CA GLU E 86 -0.41 15.89 -41.46
C GLU E 86 0.12 15.02 -40.33
N PHE E 87 1.31 15.35 -39.83
CA PHE E 87 1.98 14.60 -38.77
C PHE E 87 2.13 15.42 -37.48
N GLN E 88 2.10 14.74 -36.34
CA GLN E 88 2.23 15.40 -35.04
C GLN E 88 3.70 15.44 -34.68
N ALA E 89 4.15 16.51 -34.03
CA ALA E 89 5.55 16.65 -33.66
C ALA E 89 5.97 15.50 -32.74
N ASP E 90 5.14 15.22 -31.74
CA ASP E 90 5.40 14.16 -30.78
C ASP E 90 5.41 12.80 -31.47
N TRP E 91 4.41 12.57 -32.31
CA TRP E 91 4.29 11.31 -33.03
C TRP E 91 5.61 11.02 -33.75
N LEU E 92 6.18 12.07 -34.34
CA LEU E 92 7.43 11.95 -35.06
C LEU E 92 8.62 11.78 -34.14
N LYS E 93 8.68 12.61 -33.11
CA LYS E 93 9.81 12.55 -32.17
C LYS E 93 10.03 11.13 -31.60
N LYS E 94 8.95 10.56 -31.05
CA LYS E 94 8.95 9.23 -30.44
C LYS E 94 9.46 8.15 -31.41
N ARG E 95 9.16 8.34 -32.68
CA ARG E 95 9.55 7.42 -33.73
C ARG E 95 10.82 7.86 -34.43
N CYS E 96 11.72 8.50 -33.70
CA CYS E 96 12.98 8.95 -34.29
C CYS E 96 13.87 7.74 -34.58
N PHE E 97 14.59 7.76 -35.69
CA PHE E 97 15.45 6.64 -36.08
C PHE E 97 16.83 6.67 -35.46
N SER E 98 16.99 7.49 -34.43
CA SER E 98 18.25 7.59 -33.72
C SER E 98 18.33 6.42 -32.75
N LYS E 99 19.48 5.76 -32.68
CA LYS E 99 19.63 4.63 -31.78
C LYS E 99 19.18 4.94 -30.35
N GLN E 100 19.27 6.22 -29.97
CA GLN E 100 18.89 6.70 -28.64
C GLN E 100 17.38 6.58 -28.42
N ALA E 101 16.61 7.20 -29.32
CA ALA E 101 15.15 7.20 -29.24
C ALA E 101 14.57 5.81 -29.46
N ARG E 102 15.16 5.06 -30.39
CA ARG E 102 14.67 3.73 -30.67
C ARG E 102 14.72 2.88 -29.41
N ALA E 103 15.88 2.89 -28.73
CA ALA E 103 16.08 2.10 -27.50
C ALA E 103 15.08 2.44 -26.42
N LYS E 104 14.82 3.74 -26.26
CA LYS E 104 13.90 4.23 -25.26
C LYS E 104 12.48 3.75 -25.56
N LEU E 105 12.18 3.56 -26.86
CA LEU E 105 10.86 3.10 -27.28
C LEU E 105 10.70 1.59 -27.12
N GLN E 106 11.81 0.87 -27.24
CA GLN E 106 11.77 -0.58 -27.08
C GLN E 106 11.49 -0.85 -25.59
N ARG E 107 12.16 -0.08 -24.72
CA ARG E 107 11.99 -0.20 -23.27
C ARG E 107 10.54 0.05 -22.86
N GLU E 108 9.90 1.03 -23.49
CA GLU E 108 8.51 1.41 -23.25
C GLU E 108 7.57 0.27 -23.64
N LEU E 109 7.98 -0.49 -24.65
CA LEU E 109 7.20 -1.60 -25.17
C LEU E 109 7.39 -2.96 -24.50
N PHE E 110 8.64 -3.40 -24.40
CA PHE E 110 8.91 -4.73 -23.83
C PHE E 110 9.42 -4.88 -22.41
N PHE E 111 9.59 -3.77 -21.67
CA PHE E 111 10.06 -3.88 -20.29
C PHE E 111 11.26 -4.82 -20.17
N PRO E 112 12.40 -4.45 -20.78
CA PRO E 112 13.64 -5.23 -20.75
C PRO E 112 14.37 -5.29 -19.41
N GLU E 113 14.36 -4.18 -18.68
CA GLU E 113 15.05 -4.11 -17.39
C GLU E 113 14.71 -5.33 -16.53
N CYS E 114 15.74 -5.84 -15.84
CA CYS E 114 15.58 -7.01 -14.97
C CYS E 114 16.69 -7.05 -13.92
N GLN E 115 16.44 -7.77 -12.84
CA GLN E 115 17.42 -7.90 -11.77
C GLN E 115 17.88 -9.33 -11.60
N TYR E 116 19.16 -9.58 -11.86
CA TYR E 116 19.70 -10.91 -11.71
C TYR E 116 19.85 -11.19 -10.22
N TRP E 117 19.83 -12.46 -9.84
CA TRP E 117 19.98 -12.81 -8.44
C TRP E 117 20.62 -14.18 -8.22
N GLY E 118 20.85 -14.46 -6.93
CA GLY E 118 21.46 -15.72 -6.50
C GLY E 118 20.96 -16.15 -5.13
N SER E 119 21.87 -16.55 -4.25
CA SER E 119 21.45 -16.99 -2.91
C SER E 119 20.87 -15.85 -2.07
N GLU E 120 21.36 -14.64 -2.31
CA GLU E 120 20.88 -13.48 -1.57
C GLU E 120 19.54 -12.93 -2.05
N LEU E 121 18.84 -13.70 -2.88
CA LEU E 121 17.54 -13.28 -3.39
C LEU E 121 16.51 -13.13 -2.29
N GLN E 122 15.78 -12.01 -2.33
CA GLN E 122 14.72 -11.77 -1.37
C GLN E 122 13.46 -12.06 -2.15
N LEU E 123 12.89 -13.24 -1.91
CA LEU E 123 11.68 -13.70 -2.58
C LEU E 123 10.49 -12.75 -2.48
N PRO E 124 10.20 -12.02 -3.56
CA PRO E 124 9.07 -11.06 -3.60
C PRO E 124 7.75 -11.71 -3.20
N THR E 125 6.98 -11.05 -2.33
CA THR E 125 5.71 -11.61 -1.89
C THR E 125 4.56 -10.58 -1.94
N LEU E 126 3.37 -11.06 -2.29
CA LEU E 126 2.16 -10.24 -2.37
C LEU E 126 0.96 -11.07 -1.94
N ASP E 127 -0.13 -10.41 -1.55
CA ASP E 127 -1.33 -11.12 -1.13
C ASP E 127 -2.09 -11.60 -2.34
N PHE E 128 -2.41 -12.89 -2.35
CA PHE E 128 -3.15 -13.49 -3.45
C PHE E 128 -4.43 -12.70 -3.74
N GLU E 129 -5.09 -12.19 -2.71
CA GLU E 129 -6.31 -11.44 -2.90
C GLU E 129 -6.11 -10.02 -3.43
N ASP E 130 -5.06 -9.35 -2.93
CA ASP E 130 -4.74 -8.00 -3.37
C ASP E 130 -4.52 -7.98 -4.87
N VAL E 131 -3.84 -9.01 -5.36
CA VAL E 131 -3.55 -9.14 -6.77
C VAL E 131 -4.84 -9.37 -7.55
N LEU E 132 -5.77 -10.13 -6.96
CA LEU E 132 -7.04 -10.46 -7.61
C LEU E 132 -8.09 -9.36 -7.58
N ARG E 133 -7.85 -8.31 -6.80
CA ARG E 133 -8.83 -7.22 -6.70
C ARG E 133 -8.28 -5.81 -6.87
N TYR E 134 -6.98 -5.62 -6.68
CA TYR E 134 -6.41 -4.28 -6.84
C TYR E 134 -5.37 -4.19 -7.94
N ASP E 135 -5.78 -3.59 -9.05
CA ASP E 135 -4.93 -3.43 -10.20
C ASP E 135 -3.50 -3.00 -9.91
N GLU E 136 -3.33 -2.04 -9.02
CA GLU E 136 -1.99 -1.56 -8.69
C GLU E 136 -1.11 -2.71 -8.21
N HIS E 137 -1.73 -3.67 -7.51
CA HIS E 137 -0.99 -4.83 -7.00
C HIS E 137 -0.74 -5.85 -8.12
N ALA E 138 -1.80 -6.17 -8.87
CA ALA E 138 -1.69 -7.09 -9.99
C ALA E 138 -0.57 -6.56 -10.89
N TYR E 139 -0.44 -5.24 -10.95
CA TYR E 139 0.60 -4.61 -11.76
C TYR E 139 1.95 -4.98 -11.19
N LYS E 140 2.10 -4.76 -9.88
CA LYS E 140 3.34 -5.06 -9.17
C LYS E 140 3.66 -6.54 -9.35
N TRP E 141 2.63 -7.37 -9.26
CA TRP E 141 2.78 -8.81 -9.44
C TRP E 141 3.49 -9.13 -10.75
N LEU E 142 2.94 -8.68 -11.86
CA LEU E 142 3.53 -8.97 -13.17
C LEU E 142 4.78 -8.19 -13.51
N SER E 143 4.85 -6.94 -13.04
CA SER E 143 6.01 -6.10 -13.33
C SER E 143 7.25 -6.65 -12.64
N THR E 144 7.03 -7.24 -11.47
CA THR E 144 8.09 -7.81 -10.69
C THR E 144 8.43 -9.18 -11.27
N LEU E 145 7.41 -9.91 -11.65
CA LEU E 145 7.60 -11.24 -12.25
C LEU E 145 8.44 -11.11 -13.52
N LYS E 146 8.33 -9.96 -14.17
CA LYS E 146 9.07 -9.66 -15.40
C LYS E 146 10.50 -9.29 -15.06
N LYS E 147 10.65 -8.58 -13.94
CA LYS E 147 11.95 -8.11 -13.50
C LYS E 147 12.79 -9.22 -12.84
N VAL E 148 12.27 -9.78 -11.76
CA VAL E 148 12.98 -10.81 -11.04
C VAL E 148 12.72 -12.19 -11.63
N GLY E 149 11.53 -12.38 -12.18
CA GLY E 149 11.20 -13.65 -12.77
C GLY E 149 10.55 -14.61 -11.78
N ILE E 150 10.29 -14.11 -10.58
CA ILE E 150 9.68 -14.94 -9.54
C ILE E 150 8.94 -14.06 -8.51
N VAL E 151 7.71 -14.43 -8.20
CA VAL E 151 6.91 -13.69 -7.23
C VAL E 151 6.06 -14.69 -6.42
N ARG E 152 6.08 -14.58 -5.09
CA ARG E 152 5.31 -15.50 -4.24
C ARG E 152 4.00 -14.94 -3.76
N LEU E 153 2.92 -15.71 -3.89
CA LEU E 153 1.60 -15.27 -3.43
C LEU E 153 1.19 -16.06 -2.20
N THR E 154 0.58 -15.36 -1.24
CA THR E 154 0.15 -15.99 0.00
C THR E 154 -1.31 -15.69 0.24
N GLY E 155 -1.99 -16.61 0.91
CA GLY E 155 -3.40 -16.40 1.21
C GLY E 155 -4.36 -17.05 0.26
N ALA E 156 -3.86 -17.99 -0.53
CA ALA E 156 -4.66 -18.73 -1.50
C ALA E 156 -5.38 -19.87 -0.80
N SER E 157 -6.65 -20.05 -1.11
CA SER E 157 -7.43 -21.11 -0.50
C SER E 157 -6.69 -22.43 -0.52
N ASP E 158 -6.99 -23.29 0.45
CA ASP E 158 -6.37 -24.60 0.54
C ASP E 158 -7.10 -25.56 -0.39
N LYS E 159 -7.96 -25.00 -1.24
CA LYS E 159 -8.72 -25.80 -2.20
C LYS E 159 -8.19 -25.48 -3.59
N PRO E 160 -8.38 -26.41 -4.55
CA PRO E 160 -7.90 -26.17 -5.91
C PRO E 160 -8.78 -25.15 -6.63
N GLY E 161 -8.21 -24.49 -7.64
CA GLY E 161 -8.96 -23.51 -8.39
C GLY E 161 -8.43 -22.10 -8.27
N GLU E 162 -7.28 -21.95 -7.63
CA GLU E 162 -6.66 -20.65 -7.44
C GLU E 162 -5.86 -20.21 -8.66
N VAL E 163 -5.13 -21.15 -9.25
CA VAL E 163 -4.33 -20.83 -10.43
C VAL E 163 -5.24 -20.37 -11.54
N SER E 164 -6.45 -20.90 -11.59
CA SER E 164 -7.38 -20.50 -12.62
C SER E 164 -7.80 -19.04 -12.45
N LYS E 165 -8.21 -18.66 -11.25
CA LYS E 165 -8.61 -17.27 -11.01
C LYS E 165 -7.43 -16.36 -11.39
N LEU E 166 -6.23 -16.84 -11.09
CA LEU E 166 -5.02 -16.09 -11.38
C LEU E 166 -4.81 -16.10 -12.89
N GLY E 167 -5.37 -17.11 -13.54
CA GLY E 167 -5.25 -17.20 -14.98
C GLY E 167 -6.12 -16.13 -15.59
N LYS E 168 -7.40 -16.12 -15.23
CA LYS E 168 -8.33 -15.13 -15.76
C LYS E 168 -7.92 -13.71 -15.41
N ARG E 169 -7.10 -13.56 -14.38
CA ARG E 169 -6.65 -12.25 -13.98
C ARG E 169 -5.70 -11.72 -15.06
N MET E 170 -5.06 -12.63 -15.79
CA MET E 170 -4.13 -12.26 -16.86
C MET E 170 -4.77 -12.40 -18.25
N GLY E 171 -5.89 -13.12 -18.28
CA GLY E 171 -6.59 -13.39 -19.52
C GLY E 171 -6.98 -14.86 -19.62
N PHE E 172 -6.01 -15.72 -19.92
CA PHE E 172 -6.27 -17.14 -20.03
C PHE E 172 -4.95 -17.91 -19.93
N LEU E 173 -5.07 -19.18 -19.59
CA LEU E 173 -3.90 -20.03 -19.44
C LEU E 173 -3.40 -20.60 -20.75
N TYR E 174 -2.14 -21.04 -20.77
CA TYR E 174 -1.54 -21.61 -21.98
C TYR E 174 -1.84 -23.10 -21.95
N LEU E 175 -2.86 -23.53 -22.70
CA LEU E 175 -3.24 -24.95 -22.71
C LEU E 175 -2.16 -25.84 -23.30
N THR E 176 -2.09 -27.05 -22.77
CA THR E 176 -1.10 -28.01 -23.21
C THR E 176 -1.60 -29.45 -23.01
N PHE E 177 -0.82 -30.41 -23.48
CA PHE E 177 -1.17 -31.83 -23.37
C PHE E 177 -1.38 -32.29 -21.93
N TYR E 178 -1.19 -31.37 -20.99
CA TYR E 178 -1.40 -31.73 -19.61
C TYR E 178 -2.61 -31.00 -19.06
N GLY E 179 -3.47 -30.55 -19.98
CA GLY E 179 -4.68 -29.85 -19.60
C GLY E 179 -4.46 -28.39 -19.24
N HIS E 180 -5.54 -27.70 -18.87
CA HIS E 180 -5.45 -26.30 -18.50
C HIS E 180 -4.68 -26.19 -17.21
N THR E 181 -4.85 -27.18 -16.36
CA THR E 181 -4.12 -27.20 -15.10
C THR E 181 -3.82 -28.64 -14.75
N TRP E 182 -2.70 -28.87 -14.10
CA TRP E 182 -2.34 -30.21 -13.69
C TRP E 182 -2.32 -30.24 -12.17
N GLN E 183 -2.19 -31.44 -11.60
CA GLN E 183 -2.15 -31.63 -10.16
C GLN E 183 -1.15 -32.71 -9.75
N VAL E 184 -0.20 -32.32 -8.91
CA VAL E 184 0.81 -33.25 -8.40
C VAL E 184 0.25 -33.77 -7.10
N GLN E 185 0.48 -35.05 -6.80
CA GLN E 185 -0.06 -35.59 -5.56
C GLN E 185 0.79 -36.73 -5.02
N ASP E 186 1.35 -36.54 -3.83
CA ASP E 186 2.17 -37.57 -3.20
C ASP E 186 1.58 -38.00 -1.86
N LYS E 187 1.85 -39.23 -1.46
CA LYS E 187 1.34 -39.71 -0.18
C LYS E 187 2.13 -40.95 0.22
N ILE E 188 3.15 -40.75 1.04
CA ILE E 188 4.00 -41.82 1.50
C ILE E 188 4.06 -41.85 3.03
N ASP E 189 3.84 -43.03 3.61
CA ASP E 189 3.88 -43.21 5.07
C ASP E 189 5.31 -43.28 5.58
N ALA E 190 5.55 -42.81 6.80
CA ALA E 190 6.89 -42.83 7.36
C ALA E 190 7.33 -44.23 7.78
N ASN E 191 8.59 -44.36 8.18
CA ASN E 191 9.15 -45.64 8.61
C ASN E 191 9.24 -46.65 7.46
N ASN E 192 8.68 -46.32 6.31
CA ASN E 192 8.70 -47.24 5.16
C ASN E 192 10.12 -47.49 4.68
N VAL E 193 10.48 -48.76 4.55
CA VAL E 193 11.83 -49.14 4.16
C VAL E 193 12.05 -49.43 2.68
N ALA E 194 10.95 -49.57 1.94
CA ALA E 194 11.02 -49.87 0.52
C ALA E 194 11.32 -48.65 -0.35
N TYR E 195 10.50 -47.62 -0.23
CA TYR E 195 10.66 -46.40 -1.00
C TYR E 195 11.94 -45.64 -0.70
N THR E 196 12.44 -44.91 -1.71
CA THR E 196 13.64 -44.10 -1.54
C THR E 196 13.55 -42.91 -2.49
N THR E 197 13.49 -41.71 -1.93
CA THR E 197 13.39 -40.50 -2.74
C THR E 197 14.70 -39.73 -2.87
N GLY E 198 15.06 -39.39 -4.10
CA GLY E 198 16.27 -38.65 -4.33
C GLY E 198 15.93 -37.21 -4.67
N LYS E 199 16.94 -36.46 -5.10
CA LYS E 199 16.78 -35.07 -5.47
C LYS E 199 16.21 -34.90 -6.89
N LEU E 200 15.73 -33.71 -7.19
CA LEU E 200 15.20 -33.42 -8.52
C LEU E 200 16.04 -32.27 -9.07
N SER E 201 16.99 -32.57 -9.96
CA SER E 201 17.85 -31.52 -10.50
C SER E 201 17.17 -30.39 -11.25
N PHE E 202 17.89 -29.25 -11.30
CA PHE E 202 17.42 -28.05 -11.95
C PHE E 202 17.01 -28.31 -13.40
N HIS E 203 15.93 -27.66 -13.81
CA HIS E 203 15.41 -27.84 -15.15
C HIS E 203 14.35 -26.78 -15.45
N THR E 204 13.99 -26.70 -16.72
CA THR E 204 12.95 -25.81 -17.20
C THR E 204 11.86 -26.78 -17.61
N ASP E 205 10.60 -26.34 -17.57
CA ASP E 205 9.49 -27.21 -17.96
C ASP E 205 9.17 -27.28 -19.44
N TYR E 206 8.71 -28.47 -19.82
CA TYR E 206 8.26 -28.77 -21.17
C TYR E 206 9.10 -28.27 -22.34
N PRO E 207 10.38 -28.68 -22.42
CA PRO E 207 11.22 -28.22 -23.53
C PRO E 207 10.86 -29.00 -24.81
N ALA E 208 10.02 -30.02 -24.64
CA ALA E 208 9.59 -30.85 -25.75
C ALA E 208 8.68 -30.08 -26.72
N LEU E 209 8.29 -28.87 -26.34
CA LEU E 209 7.44 -28.05 -27.20
C LEU E 209 8.32 -26.99 -27.83
N HIS E 210 8.15 -26.72 -29.12
CA HIS E 210 8.98 -25.70 -29.73
C HIS E 210 8.74 -24.35 -29.03
N HIS E 211 7.54 -24.21 -28.48
CA HIS E 211 7.21 -22.99 -27.74
C HIS E 211 6.82 -23.35 -26.31
N PRO E 212 7.83 -23.51 -25.43
CA PRO E 212 7.62 -23.87 -24.03
C PRO E 212 6.82 -22.81 -23.28
N PRO E 213 6.24 -23.19 -22.16
CA PRO E 213 5.47 -22.21 -21.39
C PRO E 213 6.39 -21.06 -20.97
N GLY E 214 5.85 -19.83 -20.94
CA GLY E 214 6.66 -18.70 -20.54
C GLY E 214 6.58 -18.49 -19.04
N VAL E 215 5.39 -18.74 -18.48
CA VAL E 215 5.17 -18.57 -17.05
C VAL E 215 4.50 -19.81 -16.41
N GLN E 216 4.87 -20.08 -15.18
CA GLN E 216 4.34 -21.23 -14.46
C GLN E 216 3.67 -20.76 -13.18
N LEU E 217 2.57 -21.42 -12.83
CA LEU E 217 1.81 -21.09 -11.62
C LEU E 217 1.77 -22.34 -10.76
N LEU E 218 2.49 -22.30 -9.64
CA LEU E 218 2.55 -23.44 -8.73
C LEU E 218 1.86 -23.11 -7.41
N HIS E 219 0.72 -23.74 -7.20
CA HIS E 219 -0.07 -23.52 -5.99
C HIS E 219 0.01 -24.72 -5.07
N CYS E 220 0.30 -24.46 -3.80
CA CYS E 220 0.41 -25.51 -2.81
C CYS E 220 -0.88 -25.62 -2.00
N ILE E 221 -1.63 -26.70 -2.21
CA ILE E 221 -2.89 -26.93 -1.49
C ILE E 221 -2.64 -27.43 -0.06
N LYS E 222 -2.05 -28.61 0.06
CA LYS E 222 -1.79 -29.17 1.38
C LYS E 222 -0.41 -29.83 1.37
N GLN E 223 0.51 -29.34 2.18
CA GLN E 223 1.85 -29.93 2.22
C GLN E 223 2.29 -30.23 3.64
N THR E 224 2.78 -31.46 3.83
CA THR E 224 3.27 -31.96 5.11
C THR E 224 4.50 -32.79 4.79
N VAL E 225 5.68 -32.18 4.79
CA VAL E 225 6.91 -32.94 4.51
C VAL E 225 8.10 -32.49 5.35
N THR E 226 9.17 -33.28 5.28
CA THR E 226 10.40 -32.99 5.99
C THR E 226 11.51 -32.98 4.97
N GLY E 227 12.35 -31.95 5.02
CA GLY E 227 13.42 -31.82 4.06
C GLY E 227 12.79 -31.49 2.73
N GLY E 228 13.44 -31.88 1.65
CA GLY E 228 12.89 -31.62 0.33
C GLY E 228 12.46 -30.18 0.07
N ASP E 229 13.40 -29.26 0.26
CA ASP E 229 13.14 -27.84 0.06
C ASP E 229 13.12 -27.53 -1.42
N SER E 230 12.58 -26.37 -1.79
CA SER E 230 12.53 -25.98 -3.18
C SER E 230 13.79 -25.17 -3.47
N GLU E 231 14.34 -25.34 -4.67
CA GLU E 231 15.54 -24.62 -5.10
C GLU E 231 15.35 -24.13 -6.52
N ILE E 232 15.55 -22.83 -6.71
CA ILE E 232 15.43 -22.21 -8.02
C ILE E 232 16.74 -21.51 -8.28
N VAL E 233 17.04 -21.30 -9.55
CA VAL E 233 18.27 -20.62 -9.93
C VAL E 233 17.91 -19.66 -11.07
N ASP E 234 18.66 -18.56 -11.15
CA ASP E 234 18.45 -17.56 -12.19
C ASP E 234 19.30 -17.93 -13.39
N GLY E 235 18.66 -18.52 -14.39
CA GLY E 235 19.36 -18.96 -15.58
C GLY E 235 20.07 -17.88 -16.36
N PHE E 236 19.56 -16.66 -16.25
CA PHE E 236 20.17 -15.55 -16.96
C PHE E 236 21.47 -15.14 -16.28
N ASN E 237 21.49 -15.35 -14.97
CA ASN E 237 22.67 -15.03 -14.16
C ASN E 237 23.72 -16.13 -14.28
N VAL E 238 23.25 -17.38 -14.36
CA VAL E 238 24.14 -18.53 -14.49
C VAL E 238 24.84 -18.46 -15.84
N CYS E 239 24.09 -18.13 -16.89
CA CYS E 239 24.63 -18.05 -18.23
C CYS E 239 25.69 -16.97 -18.37
N GLN E 240 25.44 -15.85 -17.73
CA GLN E 240 26.38 -14.74 -17.77
C GLN E 240 27.68 -15.21 -17.13
N LYS E 241 27.58 -15.78 -15.94
CA LYS E 241 28.75 -16.25 -15.23
C LYS E 241 29.46 -17.33 -16.04
N LEU E 242 28.70 -18.15 -16.76
CA LEU E 242 29.31 -19.19 -17.57
C LEU E 242 30.18 -18.58 -18.66
N LYS E 243 29.57 -17.79 -19.54
CA LYS E 243 30.28 -17.16 -20.65
C LYS E 243 31.59 -16.50 -20.20
N LYS E 244 31.55 -15.94 -18.99
CA LYS E 244 32.69 -15.24 -18.39
C LYS E 244 33.78 -16.19 -17.92
N ASN E 245 33.43 -17.06 -16.98
CA ASN E 245 34.37 -18.02 -16.42
C ASN E 245 34.78 -19.12 -17.41
N ASN E 246 33.80 -19.85 -17.96
CA ASN E 246 34.07 -20.93 -18.94
C ASN E 246 33.46 -20.62 -20.31
N PRO E 247 34.11 -19.72 -21.07
CA PRO E 247 33.70 -19.28 -22.41
C PRO E 247 33.51 -20.38 -23.42
N GLN E 248 34.19 -21.51 -23.21
CA GLN E 248 34.05 -22.58 -24.16
C GLN E 248 32.74 -23.34 -24.01
N ALA E 249 32.37 -23.66 -22.78
CA ALA E 249 31.14 -24.40 -22.51
C ALA E 249 29.93 -23.60 -22.96
N PHE E 250 29.92 -22.33 -22.56
CA PHE E 250 28.85 -21.43 -22.91
C PHE E 250 28.73 -21.37 -24.43
N GLN E 251 29.87 -21.48 -25.11
CA GLN E 251 29.89 -21.45 -26.56
C GLN E 251 29.15 -22.62 -27.19
N ILE E 252 29.50 -23.85 -26.82
CA ILE E 252 28.83 -25.00 -27.42
C ILE E 252 27.39 -25.22 -26.97
N LEU E 253 27.06 -24.82 -25.74
CA LEU E 253 25.69 -24.99 -25.23
C LEU E 253 24.68 -24.06 -25.90
N SER E 254 25.21 -22.98 -26.49
CA SER E 254 24.41 -21.96 -27.18
C SER E 254 24.52 -22.10 -28.70
N SER E 255 25.21 -23.14 -29.15
CA SER E 255 25.37 -23.40 -30.58
C SER E 255 25.03 -24.84 -30.94
N THR E 256 24.74 -25.68 -29.94
CA THR E 256 24.41 -27.08 -30.17
C THR E 256 22.89 -27.32 -30.14
N PHE E 257 22.39 -28.09 -31.10
CA PHE E 257 20.97 -28.40 -31.14
C PHE E 257 20.70 -29.71 -30.45
N VAL E 258 19.95 -29.65 -29.35
CA VAL E 258 19.61 -30.84 -28.58
C VAL E 258 18.15 -31.21 -28.78
N ASP E 259 17.88 -32.49 -28.99
CA ASP E 259 16.52 -32.99 -29.15
C ASP E 259 15.91 -33.30 -27.79
N PHE E 260 14.61 -33.00 -27.66
CA PHE E 260 13.80 -33.26 -26.46
C PHE E 260 12.56 -34.03 -26.88
N THR E 261 12.09 -34.90 -26.01
CA THR E 261 10.93 -35.68 -26.38
C THR E 261 10.03 -35.93 -25.18
N ASP E 262 8.78 -36.27 -25.45
CA ASP E 262 7.80 -36.55 -24.41
C ASP E 262 6.66 -37.32 -25.05
N ILE E 263 6.40 -38.52 -24.53
CA ILE E 263 5.35 -39.34 -25.07
C ILE E 263 4.43 -39.79 -23.94
N GLY E 264 3.20 -40.13 -24.30
CA GLY E 264 2.25 -40.57 -23.30
C GLY E 264 0.82 -40.17 -23.58
N VAL E 265 -0.01 -40.19 -22.54
CA VAL E 265 -1.42 -39.84 -22.68
C VAL E 265 -1.98 -39.19 -21.43
N ASP E 266 -2.52 -37.98 -21.59
CA ASP E 266 -3.11 -37.24 -20.48
C ASP E 266 -4.39 -36.45 -20.81
N TYR E 267 -4.20 -35.34 -21.54
CA TYR E 267 -5.33 -34.51 -21.95
C TYR E 267 -5.84 -35.25 -23.18
N CYS E 268 -4.95 -36.08 -23.73
CA CYS E 268 -5.19 -36.93 -24.90
C CYS E 268 -3.84 -37.57 -25.22
N ASP E 269 -3.83 -38.58 -26.08
CA ASP E 269 -2.57 -39.25 -26.44
C ASP E 269 -1.70 -38.25 -27.18
N PHE E 270 -0.38 -38.42 -27.13
CA PHE E 270 0.52 -37.49 -27.79
C PHE E 270 1.92 -38.04 -27.92
N SER E 271 2.70 -37.43 -28.79
CA SER E 271 4.08 -37.84 -29.03
C SER E 271 4.80 -36.61 -29.54
N VAL E 272 5.28 -35.81 -28.60
CA VAL E 272 5.95 -34.55 -28.93
C VAL E 272 7.46 -34.65 -29.10
N GLN E 273 7.97 -33.91 -30.08
CA GLN E 273 9.40 -33.86 -30.38
C GLN E 273 9.81 -32.43 -30.69
N SER E 274 11.03 -32.07 -30.30
CA SER E 274 11.55 -30.73 -30.59
C SER E 274 13.06 -30.68 -30.63
N LYS E 275 13.61 -29.52 -30.96
CA LYS E 275 15.05 -29.34 -31.02
C LYS E 275 15.36 -27.93 -30.55
N HIS E 276 16.13 -27.81 -29.49
CA HIS E 276 16.49 -26.50 -28.96
C HIS E 276 17.98 -26.40 -28.71
N LYS E 277 18.40 -25.25 -28.22
CA LYS E 277 19.79 -25.01 -27.82
C LYS E 277 19.56 -24.85 -26.32
N ILE E 278 20.38 -25.50 -25.50
CA ILE E 278 20.23 -25.41 -24.06
C ILE E 278 20.13 -23.93 -23.68
N ILE E 279 20.84 -23.10 -24.42
CA ILE E 279 20.86 -21.66 -24.20
C ILE E 279 20.53 -20.98 -25.51
N GLU E 280 19.36 -20.33 -25.57
CA GLU E 280 18.95 -19.65 -26.79
C GLU E 280 19.29 -18.18 -26.73
N LEU E 281 20.03 -17.76 -27.75
CA LEU E 281 20.47 -16.39 -27.89
C LEU E 281 19.69 -15.67 -28.98
N ASP E 282 19.73 -14.34 -28.96
CA ASP E 282 19.06 -13.56 -29.99
C ASP E 282 20.18 -13.13 -30.91
N ASP E 283 19.94 -12.07 -31.68
CA ASP E 283 20.93 -11.55 -32.63
C ASP E 283 22.06 -10.73 -31.98
N LYS E 284 21.78 -10.14 -30.83
CA LYS E 284 22.77 -9.34 -30.09
C LYS E 284 23.54 -10.23 -29.13
N GLY E 285 23.24 -11.53 -29.18
CA GLY E 285 23.91 -12.48 -28.32
C GLY E 285 23.34 -12.55 -26.93
N GLN E 286 22.33 -11.74 -26.63
CA GLN E 286 21.71 -11.75 -25.29
C GLN E 286 20.97 -13.07 -25.04
N VAL E 287 20.99 -13.56 -23.81
CA VAL E 287 20.29 -14.81 -23.49
C VAL E 287 18.81 -14.52 -23.37
N VAL E 288 18.03 -15.15 -24.24
CA VAL E 288 16.59 -14.93 -24.24
C VAL E 288 15.83 -16.03 -23.51
N ARG E 289 16.33 -17.27 -23.62
CA ARG E 289 15.69 -18.41 -22.97
C ARG E 289 16.65 -19.56 -22.61
N ILE E 290 16.16 -20.47 -21.77
CA ILE E 290 16.92 -21.64 -21.35
C ILE E 290 15.99 -22.84 -21.51
N ASN E 291 16.43 -23.78 -22.34
CA ASN E 291 15.69 -25.00 -22.63
C ASN E 291 16.45 -26.23 -22.17
N PHE E 292 16.09 -26.77 -21.01
CA PHE E 292 16.80 -27.93 -20.51
C PHE E 292 16.09 -28.69 -19.41
N ASN E 293 15.78 -29.95 -19.71
CA ASN E 293 15.17 -30.87 -18.78
C ASN E 293 15.79 -32.22 -19.14
N ASN E 294 16.86 -32.54 -18.45
CA ASN E 294 17.60 -33.77 -18.68
C ASN E 294 16.73 -35.01 -18.77
N ALA E 295 15.70 -35.05 -17.94
CA ALA E 295 14.84 -36.21 -17.95
C ALA E 295 14.19 -36.35 -19.33
N THR E 296 13.80 -35.23 -19.94
CA THR E 296 13.18 -35.31 -21.26
C THR E 296 14.13 -35.04 -22.42
N ARG E 297 15.43 -35.14 -22.18
CA ARG E 297 16.40 -34.93 -23.24
C ARG E 297 16.51 -36.29 -23.92
N ASP E 298 16.02 -36.36 -25.16
CA ASP E 298 16.02 -37.61 -25.95
C ASP E 298 17.36 -38.37 -25.99
N THR E 299 17.29 -39.64 -26.39
CA THR E 299 18.47 -40.48 -26.49
C THR E 299 19.14 -40.24 -27.84
N ILE E 300 18.37 -39.66 -28.74
CA ILE E 300 18.85 -39.33 -30.07
C ILE E 300 19.67 -38.06 -29.98
N PHE E 301 20.81 -38.04 -30.65
CA PHE E 301 21.70 -36.90 -30.64
C PHE E 301 22.13 -36.60 -32.07
N ASP E 302 21.38 -35.72 -32.73
CA ASP E 302 21.64 -35.34 -34.12
C ASP E 302 22.82 -34.36 -34.18
N VAL E 303 24.03 -34.90 -34.17
CA VAL E 303 25.24 -34.09 -34.22
C VAL E 303 26.43 -35.02 -34.46
N PRO E 304 27.45 -34.56 -35.21
CA PRO E 304 28.64 -35.38 -35.49
C PRO E 304 29.29 -35.93 -34.23
N VAL E 305 29.57 -37.23 -34.28
CA VAL E 305 30.19 -37.94 -33.17
C VAL E 305 31.39 -37.18 -32.56
N GLU E 306 32.11 -36.43 -33.40
CA GLU E 306 33.26 -35.68 -32.92
C GLU E 306 32.83 -34.51 -32.04
N ARG E 307 31.54 -34.40 -31.79
CA ARG E 307 31.06 -33.29 -30.99
C ARG E 307 30.36 -33.64 -29.69
N VAL E 308 29.81 -34.84 -29.64
CA VAL E 308 29.07 -35.29 -28.46
C VAL E 308 29.80 -35.20 -27.12
N GLN E 309 31.00 -35.78 -27.01
CA GLN E 309 31.75 -35.75 -25.75
C GLN E 309 31.95 -34.30 -25.24
N PRO E 310 32.53 -33.40 -26.06
CA PRO E 310 32.73 -32.02 -25.58
C PRO E 310 31.41 -31.34 -25.11
N PHE E 311 30.28 -31.84 -25.63
CA PHE E 311 28.93 -31.35 -25.27
C PHE E 311 28.62 -31.73 -23.86
N TYR E 312 28.86 -33.00 -23.54
CA TYR E 312 28.58 -33.48 -22.18
C TYR E 312 29.49 -32.76 -21.20
N ALA E 313 30.71 -32.49 -21.63
CA ALA E 313 31.67 -31.78 -20.79
C ALA E 313 31.06 -30.42 -20.41
N ALA E 314 30.54 -29.70 -21.40
CA ALA E 314 29.91 -28.38 -21.20
C ALA E 314 28.63 -28.49 -20.38
N LEU E 315 27.78 -29.42 -20.77
CA LEU E 315 26.53 -29.62 -20.07
C LEU E 315 26.84 -29.84 -18.59
N LYS E 316 27.84 -30.68 -18.31
CA LYS E 316 28.26 -30.96 -16.95
C LYS E 316 28.60 -29.65 -16.25
N GLU E 317 29.58 -28.94 -16.81
CA GLU E 317 30.02 -27.65 -16.29
C GLU E 317 28.87 -26.71 -15.97
N PHE E 318 27.95 -26.55 -16.91
CA PHE E 318 26.80 -25.67 -16.74
C PHE E 318 26.00 -26.07 -15.52
N VAL E 319 25.69 -27.36 -15.43
CA VAL E 319 24.91 -27.88 -14.30
C VAL E 319 25.65 -27.66 -12.99
N ASP E 320 26.97 -27.84 -12.97
CA ASP E 320 27.72 -27.65 -11.75
C ASP E 320 27.54 -26.20 -11.27
N LEU E 321 27.61 -25.26 -12.21
CA LEU E 321 27.47 -23.84 -11.90
C LEU E 321 26.11 -23.60 -11.26
N MET E 322 25.14 -24.36 -11.74
CA MET E 322 23.78 -24.25 -11.25
C MET E 322 23.69 -24.72 -9.81
N ASN E 323 24.45 -25.77 -9.49
CA ASN E 323 24.45 -26.35 -8.15
C ASN E 323 25.34 -25.66 -7.14
N SER E 324 26.14 -24.71 -7.62
CA SER E 324 27.00 -23.95 -6.75
C SER E 324 26.13 -23.39 -5.65
N LYS E 325 26.70 -23.22 -4.45
CA LYS E 325 25.94 -22.70 -3.32
C LYS E 325 25.73 -21.18 -3.48
N GLU E 326 26.51 -20.57 -4.35
CA GLU E 326 26.44 -19.13 -4.59
C GLU E 326 25.35 -18.80 -5.59
N SER E 327 24.96 -19.80 -6.38
CA SER E 327 23.94 -19.63 -7.43
C SER E 327 22.50 -19.92 -7.01
N LYS E 328 22.26 -21.09 -6.43
CA LYS E 328 20.91 -21.46 -6.04
C LYS E 328 20.36 -20.71 -4.83
N PHE E 329 19.04 -20.64 -4.77
CA PHE E 329 18.34 -19.99 -3.66
C PHE E 329 17.36 -21.03 -3.15
N THR E 330 17.41 -21.36 -1.87
CA THR E 330 16.48 -22.38 -1.38
C THR E 330 15.35 -21.77 -0.57
N PHE E 331 14.24 -22.50 -0.50
CA PHE E 331 13.07 -22.06 0.24
C PHE E 331 12.03 -23.18 0.41
N LYS E 332 11.10 -22.95 1.33
CA LYS E 332 10.03 -23.89 1.62
C LYS E 332 8.68 -23.37 1.15
N MET E 333 7.78 -24.27 0.77
CA MET E 333 6.47 -23.85 0.34
C MET E 333 5.49 -24.12 1.48
N ASN E 334 4.50 -23.26 1.64
CA ASN E 334 3.53 -23.46 2.70
C ASN E 334 2.13 -23.44 2.14
N PRO E 335 1.24 -24.29 2.69
CA PRO E 335 -0.15 -24.36 2.22
C PRO E 335 -0.79 -22.98 2.09
N GLY E 336 -1.27 -22.67 0.89
CA GLY E 336 -1.88 -21.37 0.63
C GLY E 336 -1.02 -20.47 -0.24
N ASP E 337 0.21 -20.92 -0.52
CA ASP E 337 1.16 -20.16 -1.33
C ASP E 337 1.00 -20.53 -2.82
N VAL E 338 1.36 -19.60 -3.69
CA VAL E 338 1.26 -19.81 -5.13
C VAL E 338 2.48 -19.13 -5.72
N ILE E 339 3.45 -19.93 -6.15
CA ILE E 339 4.68 -19.40 -6.74
C ILE E 339 4.50 -19.23 -8.25
N THR E 340 4.77 -18.03 -8.75
CA THR E 340 4.65 -17.77 -10.16
C THR E 340 6.05 -17.37 -10.59
N PHE E 341 6.50 -17.84 -11.74
CA PHE E 341 7.85 -17.53 -12.13
C PHE E 341 8.09 -17.76 -13.61
N ASP E 342 9.17 -17.16 -14.12
CA ASP E 342 9.56 -17.26 -15.52
C ASP E 342 10.13 -18.65 -15.83
N ASN E 343 9.53 -19.40 -16.75
CA ASN E 343 10.04 -20.73 -17.08
C ASN E 343 11.11 -20.73 -18.18
N TRP E 344 11.38 -19.55 -18.72
CA TRP E 344 12.39 -19.36 -19.78
C TRP E 344 13.69 -18.84 -19.16
N ARG E 345 13.61 -18.38 -17.92
CA ARG E 345 14.76 -17.82 -17.21
C ARG E 345 15.16 -18.64 -15.97
N LEU E 346 14.24 -18.84 -15.04
CA LEU E 346 14.54 -19.61 -13.83
C LEU E 346 14.56 -21.10 -14.09
N LEU E 347 15.37 -21.82 -13.33
CA LEU E 347 15.44 -23.27 -13.44
C LEU E 347 15.21 -23.73 -12.03
N HIS E 348 14.19 -24.56 -11.81
CA HIS E 348 13.89 -25.00 -10.47
C HIS E 348 14.24 -26.48 -10.21
N GLY E 349 14.41 -26.80 -8.94
CA GLY E 349 14.73 -28.15 -8.55
C GLY E 349 14.18 -28.43 -7.18
N ARG E 350 14.70 -29.45 -6.53
CA ARG E 350 14.21 -29.81 -5.22
C ARG E 350 15.22 -30.67 -4.50
N ARG E 351 15.24 -30.58 -3.18
CA ARG E 351 16.16 -31.37 -2.37
C ARG E 351 15.45 -32.67 -2.00
N SER E 352 16.22 -33.70 -1.66
CA SER E 352 15.64 -34.98 -1.27
C SER E 352 14.97 -34.88 0.09
N TYR E 353 14.02 -35.76 0.35
CA TYR E 353 13.32 -35.73 1.62
C TYR E 353 14.11 -36.50 2.69
N GLU E 354 13.93 -36.12 3.94
CA GLU E 354 14.62 -36.72 5.10
C GLU E 354 14.30 -38.13 5.58
N ALA E 355 15.24 -39.04 5.37
CA ALA E 355 15.16 -40.45 5.76
C ALA E 355 13.80 -41.07 5.50
N GLY E 356 13.22 -41.71 6.52
CA GLY E 356 11.93 -42.36 6.36
C GLY E 356 10.77 -41.53 6.89
N THR E 357 10.77 -40.25 6.54
CA THR E 357 9.73 -39.30 6.96
C THR E 357 8.56 -39.36 5.98
N GLU E 358 7.33 -39.20 6.47
CA GLU E 358 6.19 -39.25 5.58
C GLU E 358 6.14 -38.04 4.66
N ILE E 359 5.58 -38.24 3.47
CA ILE E 359 5.46 -37.20 2.46
C ILE E 359 4.00 -37.08 2.03
N SER E 360 3.34 -35.99 2.40
CA SER E 360 1.95 -35.79 1.99
C SER E 360 1.74 -34.41 1.41
N ARG E 361 1.78 -34.30 0.09
CA ARG E 361 1.57 -33.01 -0.53
C ARG E 361 0.63 -33.06 -1.73
N HIS E 362 -0.18 -32.01 -1.87
CA HIS E 362 -1.14 -31.87 -2.96
C HIS E 362 -0.95 -30.51 -3.64
N LEU E 363 -0.49 -30.54 -4.88
CA LEU E 363 -0.22 -29.33 -5.66
C LEU E 363 -1.10 -29.17 -6.91
N GLU E 364 -1.20 -27.94 -7.40
CA GLU E 364 -1.97 -27.67 -8.62
C GLU E 364 -1.25 -26.60 -9.40
N GLY E 365 -0.88 -26.91 -10.63
CA GLY E 365 -0.16 -25.96 -11.46
C GLY E 365 -0.85 -25.61 -12.77
N ALA E 366 -0.32 -24.60 -13.45
CA ALA E 366 -0.89 -24.16 -14.71
C ALA E 366 0.19 -23.42 -15.48
N TYR E 367 -0.04 -23.19 -16.77
CA TYR E 367 0.94 -22.48 -17.60
C TYR E 367 0.31 -21.24 -18.23
N ALA E 368 1.19 -20.32 -18.66
CA ALA E 368 0.77 -19.05 -19.28
C ALA E 368 1.77 -18.61 -20.34
N ASP E 369 1.28 -17.87 -21.35
CA ASP E 369 2.14 -17.36 -22.43
C ASP E 369 2.65 -15.97 -22.07
N TRP E 370 3.87 -15.64 -22.48
CA TRP E 370 4.44 -14.35 -22.17
C TRP E 370 3.72 -13.21 -22.87
N ASP E 371 3.12 -13.48 -24.03
CA ASP E 371 2.40 -12.46 -24.78
C ASP E 371 1.13 -12.09 -24.04
N VAL E 372 0.50 -13.09 -23.43
CA VAL E 372 -0.74 -12.90 -22.67
C VAL E 372 -0.45 -12.16 -21.39
N VAL E 373 0.75 -12.36 -20.87
CA VAL E 373 1.15 -11.69 -19.64
C VAL E 373 1.76 -10.34 -19.99
N MET E 374 2.44 -10.25 -21.12
CA MET E 374 3.02 -8.98 -21.50
C MET E 374 1.93 -7.96 -21.86
N SER E 375 0.80 -8.47 -22.35
CA SER E 375 -0.32 -7.62 -22.73
C SER E 375 -0.94 -7.00 -21.47
N ARG E 376 -1.35 -7.86 -20.55
CA ARG E 376 -1.95 -7.39 -19.33
C ARG E 376 -0.96 -6.45 -18.64
N LEU E 377 0.33 -6.67 -18.86
CA LEU E 377 1.33 -5.81 -18.23
C LEU E 377 1.22 -4.39 -18.77
N ARG E 378 1.02 -4.27 -20.08
CA ARG E 378 0.88 -2.96 -20.73
C ARG E 378 -0.43 -2.27 -20.36
N ILE E 379 -1.48 -3.06 -20.25
CA ILE E 379 -2.79 -2.53 -19.91
C ILE E 379 -2.83 -2.09 -18.45
N LEU E 380 -2.25 -2.89 -17.56
CA LEU E 380 -2.26 -2.54 -16.14
C LEU E 380 -1.40 -1.32 -15.83
N ARG E 381 -0.44 -1.01 -16.70
CA ARG E 381 0.43 0.14 -16.48
C ARG E 381 -0.28 1.44 -16.86
N GLN E 382 -1.24 1.36 -17.76
CA GLN E 382 -1.96 2.55 -18.18
C GLN E 382 -3.19 2.77 -17.30
N ARG E 383 -3.39 1.88 -16.33
CA ARG E 383 -4.51 2.01 -15.41
C ARG E 383 -3.99 2.21 -14.00
N VAL E 384 -2.72 2.54 -13.90
CA VAL E 384 -2.09 2.78 -12.61
C VAL E 384 -1.24 4.04 -12.68
N GLU E 385 -0.48 4.20 -13.77
CA GLU E 385 0.34 5.40 -13.92
C GLU E 385 0.13 6.07 -15.27
N MET F 2 20.23 -58.22 -41.74
CA MET F 2 21.71 -58.41 -41.85
C MET F 2 22.47 -57.16 -41.40
N ALA F 3 22.06 -55.98 -41.86
CA ALA F 3 22.72 -54.73 -41.47
C ALA F 3 22.30 -54.35 -40.06
N CYS F 4 21.09 -54.78 -39.70
CA CYS F 4 20.54 -54.52 -38.37
C CYS F 4 21.19 -55.46 -37.34
N THR F 5 21.91 -56.46 -37.84
CA THR F 5 22.59 -57.43 -36.98
C THR F 5 24.10 -57.21 -36.90
N ILE F 6 24.64 -57.44 -35.71
CA ILE F 6 26.06 -57.24 -35.41
C ILE F 6 26.97 -58.37 -35.83
N GLN F 7 28.14 -58.01 -36.30
CA GLN F 7 29.14 -58.99 -36.70
C GLN F 7 30.31 -58.95 -35.73
N LYS F 8 30.75 -57.75 -35.38
CA LYS F 8 31.89 -57.56 -34.47
C LYS F 8 31.91 -56.18 -33.80
N ALA F 9 31.73 -56.15 -32.48
CA ALA F 9 31.77 -54.90 -31.70
C ALA F 9 33.04 -54.92 -30.87
N GLU F 10 33.58 -53.75 -30.56
CA GLU F 10 34.80 -53.71 -29.76
C GLU F 10 35.07 -52.30 -29.29
N ALA F 11 35.72 -52.17 -28.13
CA ALA F 11 36.05 -50.86 -27.59
C ALA F 11 37.41 -50.44 -28.14
N LEU F 12 37.42 -49.40 -28.97
CA LEU F 12 38.68 -48.93 -29.56
C LEU F 12 39.74 -48.52 -28.55
N ASP F 13 40.90 -48.10 -29.07
CA ASP F 13 42.02 -47.66 -28.24
C ASP F 13 41.65 -46.41 -27.46
N GLY F 14 41.69 -46.52 -26.13
CA GLY F 14 41.35 -45.40 -25.26
C GLY F 14 40.11 -45.74 -24.44
N ALA F 15 39.29 -46.63 -25.00
CA ALA F 15 38.05 -47.07 -24.37
C ALA F 15 36.99 -45.98 -24.37
N HIS F 16 37.29 -44.89 -25.07
CA HIS F 16 36.39 -43.75 -25.16
C HIS F 16 35.45 -43.88 -26.34
N LEU F 17 35.67 -44.90 -27.14
CA LEU F 17 34.84 -45.11 -28.30
C LEU F 17 34.46 -46.57 -28.40
N MET F 18 33.27 -46.84 -28.93
CA MET F 18 32.80 -48.20 -29.09
C MET F 18 32.45 -48.41 -30.55
N GLN F 19 33.35 -49.03 -31.32
CA GLN F 19 33.12 -49.28 -32.75
C GLN F 19 32.41 -50.60 -32.98
N ILE F 20 31.56 -50.66 -34.00
CA ILE F 20 30.82 -51.88 -34.33
C ILE F 20 30.69 -52.06 -35.84
N LEU F 21 30.94 -53.29 -36.30
CA LEU F 21 30.87 -53.63 -37.72
C LEU F 21 29.62 -54.46 -37.96
N TRP F 22 28.87 -54.12 -39.01
CA TRP F 22 27.65 -54.86 -39.31
C TRP F 22 27.86 -55.83 -40.46
N TYR F 23 26.89 -56.72 -40.61
CA TYR F 23 26.92 -57.77 -41.59
C TYR F 23 26.92 -57.11 -42.90
N ASP F 24 26.27 -55.96 -42.92
CA ASP F 24 26.28 -55.08 -44.06
C ASP F 24 27.72 -54.55 -44.26
N GLU F 25 28.55 -54.66 -43.22
CA GLU F 25 29.96 -54.32 -43.35
C GLU F 25 30.26 -52.85 -43.17
N GLU F 26 29.27 -52.11 -42.69
CA GLU F 26 29.42 -50.70 -42.38
C GLU F 26 30.09 -50.52 -41.01
N GLU F 27 30.68 -49.35 -40.80
CA GLU F 27 31.31 -49.05 -39.52
C GLU F 27 30.55 -47.96 -38.76
N SER F 28 30.17 -48.26 -37.52
CA SER F 28 29.43 -47.32 -36.68
C SER F 28 30.17 -47.06 -35.37
N LEU F 29 30.27 -45.80 -34.99
CA LEU F 29 30.96 -45.44 -33.76
C LEU F 29 30.02 -44.93 -32.70
N TYR F 30 30.35 -45.16 -31.44
CA TYR F 30 29.50 -44.73 -30.35
C TYR F 30 30.32 -44.24 -29.18
N PRO F 31 30.15 -42.98 -28.82
CA PRO F 31 30.90 -42.45 -27.69
C PRO F 31 30.52 -43.16 -26.39
N ALA F 32 31.51 -43.37 -25.53
CA ALA F 32 31.27 -44.05 -24.27
C ALA F 32 30.37 -43.21 -23.38
N VAL F 33 30.68 -41.91 -23.27
CA VAL F 33 29.90 -41.03 -22.43
C VAL F 33 28.43 -41.04 -22.83
N TRP F 34 28.18 -41.23 -24.12
CA TRP F 34 26.83 -41.27 -24.63
C TRP F 34 26.16 -42.57 -24.17
N LEU F 35 26.84 -43.68 -24.40
CA LEU F 35 26.36 -45.01 -24.01
C LEU F 35 26.01 -45.06 -22.53
N ARG F 36 26.87 -44.48 -21.70
CA ARG F 36 26.62 -44.48 -20.26
C ARG F 36 25.41 -43.59 -19.95
N ASP F 37 25.35 -42.42 -20.58
CA ASP F 37 24.23 -41.51 -20.36
C ASP F 37 22.90 -42.11 -20.81
N ASN F 38 22.92 -42.94 -21.85
CA ASN F 38 21.71 -43.56 -22.37
C ASN F 38 21.49 -45.06 -22.05
N CYS F 39 21.92 -45.45 -20.85
CA CYS F 39 21.78 -46.81 -20.37
C CYS F 39 20.30 -47.20 -20.15
N PRO F 40 19.84 -48.23 -20.86
CA PRO F 40 18.46 -48.73 -20.78
C PRO F 40 18.10 -49.44 -19.48
N CYS F 41 19.02 -49.49 -18.54
CA CYS F 41 18.75 -50.19 -17.28
C CYS F 41 17.72 -49.40 -16.47
N SER F 42 17.16 -50.03 -15.43
CA SER F 42 16.14 -49.42 -14.57
C SER F 42 16.61 -48.23 -13.74
N ASP F 43 17.85 -48.31 -13.27
CA ASP F 43 18.44 -47.27 -12.45
C ASP F 43 18.81 -46.05 -13.26
N CYS F 44 18.66 -46.14 -14.58
CA CYS F 44 19.02 -45.01 -15.45
C CYS F 44 17.89 -44.54 -16.38
N TYR F 45 16.99 -45.43 -16.77
CA TYR F 45 15.93 -45.05 -17.69
C TYR F 45 14.54 -45.62 -17.37
N LEU F 46 13.51 -45.00 -17.95
CA LEU F 46 12.14 -45.46 -17.75
C LEU F 46 11.55 -45.56 -19.16
N ASP F 47 11.81 -46.67 -19.85
CA ASP F 47 11.33 -46.88 -21.22
C ASP F 47 9.93 -46.35 -21.53
N SER F 48 8.98 -46.75 -20.69
CA SER F 48 7.59 -46.33 -20.87
C SER F 48 7.55 -44.81 -21.03
N ALA F 49 7.85 -44.08 -19.96
CA ALA F 49 7.83 -42.63 -19.97
C ALA F 49 8.82 -42.02 -20.96
N LYS F 50 9.82 -42.80 -21.37
CA LYS F 50 10.82 -42.32 -22.31
C LYS F 50 11.64 -41.20 -21.64
N ALA F 51 11.80 -41.31 -20.32
CA ALA F 51 12.50 -40.32 -19.52
C ALA F 51 13.76 -40.87 -18.86
N ARG F 52 14.87 -40.13 -18.94
CA ARG F 52 16.15 -40.55 -18.34
C ARG F 52 16.20 -40.19 -16.86
N LYS F 53 16.23 -41.19 -15.97
CA LYS F 53 16.28 -40.84 -14.57
C LYS F 53 17.71 -40.69 -14.01
N LEU F 54 18.68 -40.96 -14.86
CA LEU F 54 20.11 -40.83 -14.52
C LEU F 54 20.48 -39.36 -14.39
N LEU F 55 21.02 -38.93 -13.25
CA LEU F 55 21.42 -37.54 -13.08
C LEU F 55 22.67 -37.21 -13.87
N VAL F 56 22.84 -35.92 -14.17
CA VAL F 56 23.99 -35.42 -14.91
C VAL F 56 25.16 -35.28 -13.94
N GLU F 57 24.82 -35.05 -12.67
CA GLU F 57 25.81 -34.91 -11.62
C GLU F 57 26.50 -36.24 -11.35
N ALA F 58 25.81 -37.32 -11.69
CA ALA F 58 26.33 -38.67 -11.50
C ALA F 58 27.03 -39.22 -12.75
N LEU F 59 27.17 -38.39 -13.77
CA LEU F 59 27.82 -38.78 -15.02
C LEU F 59 29.27 -38.34 -15.11
N ASP F 60 30.16 -39.29 -15.40
CA ASP F 60 31.59 -39.01 -15.54
C ASP F 60 31.79 -38.74 -17.02
N VAL F 61 32.06 -37.50 -17.38
CA VAL F 61 32.25 -37.16 -18.79
C VAL F 61 33.50 -37.81 -19.40
N ASN F 62 34.43 -38.22 -18.55
CA ASN F 62 35.68 -38.83 -19.02
C ASN F 62 35.72 -40.35 -18.84
N ILE F 63 34.52 -40.92 -18.81
CA ILE F 63 34.31 -42.35 -18.64
C ILE F 63 34.63 -43.13 -19.92
N GLY F 64 35.12 -44.35 -19.74
CA GLY F 64 35.44 -45.22 -20.86
C GLY F 64 34.94 -46.62 -20.59
N ILE F 65 34.91 -47.46 -21.61
CA ILE F 65 34.44 -48.84 -21.45
C ILE F 65 35.55 -49.72 -20.86
N LYS F 66 35.23 -50.52 -19.86
CA LYS F 66 36.25 -51.41 -19.30
C LYS F 66 35.98 -52.82 -19.81
N GLY F 67 34.70 -53.19 -19.92
CA GLY F 67 34.34 -54.51 -20.39
C GLY F 67 33.31 -54.49 -21.49
N LEU F 68 33.34 -55.50 -22.35
CA LEU F 68 32.40 -55.57 -23.47
C LEU F 68 32.38 -56.91 -24.23
N ILE F 69 31.19 -57.46 -24.46
CA ILE F 69 31.01 -58.69 -25.22
C ILE F 69 29.77 -58.52 -26.08
N PHE F 70 29.49 -59.46 -26.97
CA PHE F 70 28.32 -59.27 -27.81
C PHE F 70 27.88 -60.51 -28.56
N ASP F 71 26.70 -60.39 -29.17
CA ASP F 71 26.15 -61.45 -29.99
C ASP F 71 25.48 -60.83 -31.22
N ARG F 72 24.72 -61.64 -31.96
CA ARG F 72 24.05 -61.14 -33.15
C ARG F 72 23.11 -59.94 -32.91
N LYS F 73 22.38 -59.95 -31.80
CA LYS F 73 21.45 -58.85 -31.53
C LYS F 73 21.54 -58.07 -30.20
N LYS F 74 22.74 -58.01 -29.61
CA LYS F 74 22.98 -57.27 -28.36
C LYS F 74 24.45 -57.02 -28.07
N VAL F 75 24.70 -56.08 -27.19
CA VAL F 75 26.05 -55.70 -26.81
C VAL F 75 26.01 -55.44 -25.31
N TYR F 76 26.86 -56.15 -24.57
CA TYR F 76 26.91 -56.05 -23.12
C TYR F 76 28.19 -55.31 -22.73
N ILE F 77 28.03 -54.20 -22.00
CA ILE F 77 29.16 -53.37 -21.59
C ILE F 77 29.27 -53.16 -20.10
N THR F 78 30.51 -53.11 -19.62
CA THR F 78 30.80 -52.89 -18.20
C THR F 78 31.60 -51.60 -18.07
N TRP F 79 31.43 -50.91 -16.94
CA TRP F 79 32.14 -49.64 -16.67
C TRP F 79 32.96 -49.66 -15.37
N PRO F 80 33.87 -48.68 -15.23
CA PRO F 80 34.73 -48.58 -14.05
C PRO F 80 34.05 -48.84 -12.71
N ASP F 81 32.97 -48.11 -12.45
CA ASP F 81 32.22 -48.26 -11.22
C ASP F 81 31.40 -49.54 -11.20
N GLU F 82 31.81 -50.53 -11.97
CA GLU F 82 31.13 -51.84 -12.05
C GLU F 82 29.69 -51.81 -12.60
N HIS F 83 29.23 -50.65 -13.08
CA HIS F 83 27.89 -50.54 -13.64
C HIS F 83 27.83 -51.36 -14.93
N TYR F 84 26.74 -52.11 -15.08
CA TYR F 84 26.55 -52.97 -16.25
C TYR F 84 25.36 -52.54 -17.09
N SER F 85 25.48 -52.73 -18.41
CA SER F 85 24.41 -52.35 -19.32
C SER F 85 24.30 -53.19 -20.60
N GLU F 86 23.11 -53.19 -21.17
CA GLU F 86 22.81 -53.93 -22.39
C GLU F 86 22.24 -53.00 -23.48
N PHE F 87 22.75 -53.13 -24.70
CA PHE F 87 22.28 -52.31 -25.81
C PHE F 87 21.73 -53.19 -26.94
N GLN F 88 20.49 -52.95 -27.34
CA GLN F 88 19.86 -53.71 -28.43
C GLN F 88 20.48 -53.23 -29.73
N ALA F 89 20.92 -54.17 -30.56
CA ALA F 89 21.54 -53.85 -31.84
C ALA F 89 20.72 -52.81 -32.62
N ASP F 90 19.51 -53.19 -32.98
CA ASP F 90 18.64 -52.30 -33.73
C ASP F 90 18.54 -50.93 -33.06
N TRP F 91 18.41 -50.90 -31.74
CA TRP F 91 18.33 -49.63 -31.03
C TRP F 91 19.57 -48.77 -31.32
N LEU F 92 20.73 -49.41 -31.49
CA LEU F 92 21.96 -48.68 -31.79
C LEU F 92 22.01 -48.29 -33.24
N LYS F 93 21.57 -49.20 -34.10
CA LYS F 93 21.56 -48.99 -35.54
C LYS F 93 20.79 -47.71 -35.89
N LYS F 94 19.61 -47.54 -35.30
CA LYS F 94 18.76 -46.37 -35.53
C LYS F 94 19.39 -45.06 -35.07
N ARG F 95 20.10 -45.10 -33.95
CA ARG F 95 20.74 -43.90 -33.39
C ARG F 95 22.19 -43.72 -33.84
N CYS F 96 22.60 -44.45 -34.88
CA CYS F 96 23.96 -44.35 -35.43
C CYS F 96 24.32 -42.87 -35.59
N PHE F 97 25.53 -42.48 -35.22
CA PHE F 97 25.92 -41.07 -35.33
C PHE F 97 26.37 -40.62 -36.70
N SER F 98 26.20 -41.49 -37.68
CA SER F 98 26.55 -41.22 -39.06
C SER F 98 25.75 -40.03 -39.58
N LYS F 99 26.12 -39.54 -40.76
CA LYS F 99 25.41 -38.41 -41.34
C LYS F 99 24.06 -38.87 -41.94
N GLN F 100 24.10 -39.96 -42.71
CA GLN F 100 22.88 -40.50 -43.31
C GLN F 100 21.91 -41.12 -42.31
N ALA F 101 22.45 -41.80 -41.31
CA ALA F 101 21.60 -42.42 -40.30
C ALA F 101 20.82 -41.35 -39.52
N ARG F 102 21.48 -40.23 -39.22
CA ARG F 102 20.87 -39.11 -38.49
C ARG F 102 19.86 -38.35 -39.34
N ALA F 103 20.10 -38.31 -40.65
CA ALA F 103 19.25 -37.63 -41.63
C ALA F 103 17.96 -38.39 -41.79
N LYS F 104 18.08 -39.70 -41.95
CA LYS F 104 16.92 -40.55 -42.11
C LYS F 104 16.04 -40.52 -40.86
N LEU F 105 16.65 -40.32 -39.69
CA LEU F 105 15.90 -40.30 -38.43
C LEU F 105 15.12 -38.99 -38.25
N GLN F 106 15.77 -37.87 -38.52
CA GLN F 106 15.14 -36.56 -38.40
C GLN F 106 13.98 -36.50 -39.38
N ARG F 107 14.07 -37.32 -40.42
CA ARG F 107 13.02 -37.35 -41.42
C ARG F 107 11.83 -38.09 -40.85
N GLU F 108 12.09 -39.20 -40.17
CA GLU F 108 11.03 -40.02 -39.55
C GLU F 108 10.30 -39.22 -38.47
N LEU F 109 11.02 -38.33 -37.80
CA LEU F 109 10.46 -37.53 -36.71
C LEU F 109 9.79 -36.21 -37.07
N PHE F 110 10.27 -35.56 -38.13
CA PHE F 110 9.74 -34.26 -38.51
C PHE F 110 9.02 -34.13 -39.83
N PHE F 111 9.05 -35.18 -40.66
CA PHE F 111 8.37 -35.11 -41.95
C PHE F 111 8.79 -33.85 -42.72
N PRO F 112 10.10 -33.72 -43.04
CA PRO F 112 10.66 -32.57 -43.76
C PRO F 112 10.09 -32.30 -45.15
N GLU F 113 9.70 -33.37 -45.85
CA GLU F 113 9.21 -33.22 -47.20
C GLU F 113 7.91 -32.47 -47.41
N CYS F 114 7.96 -31.55 -48.36
CA CYS F 114 6.82 -30.75 -48.73
C CYS F 114 7.00 -30.32 -50.19
N GLN F 115 5.93 -30.40 -50.99
CA GLN F 115 6.02 -30.01 -52.39
C GLN F 115 5.59 -28.56 -52.65
N TYR F 116 6.44 -27.79 -53.30
CA TYR F 116 6.15 -26.40 -53.61
C TYR F 116 5.21 -26.29 -54.81
N TRP F 117 4.26 -25.36 -54.74
CA TRP F 117 3.32 -25.18 -55.83
C TRP F 117 3.10 -23.73 -56.18
N GLY F 118 2.55 -23.50 -57.37
CA GLY F 118 2.26 -22.16 -57.85
C GLY F 118 0.82 -22.09 -58.30
N SER F 119 0.56 -21.40 -59.40
CA SER F 119 -0.79 -21.28 -59.95
C SER F 119 -1.27 -22.61 -60.54
N GLU F 120 -0.34 -23.56 -60.69
CA GLU F 120 -0.66 -24.87 -61.24
C GLU F 120 -1.15 -25.83 -60.16
N LEU F 121 -1.19 -25.33 -58.93
CA LEU F 121 -1.65 -26.13 -57.80
C LEU F 121 -3.00 -26.81 -58.03
N GLN F 122 -3.13 -28.03 -57.54
CA GLN F 122 -4.39 -28.77 -57.62
C GLN F 122 -4.82 -28.93 -56.18
N LEU F 123 -5.77 -28.12 -55.74
CA LEU F 123 -6.22 -28.17 -54.34
C LEU F 123 -6.66 -29.54 -53.84
N PRO F 124 -5.96 -30.09 -52.83
CA PRO F 124 -6.28 -31.41 -52.24
C PRO F 124 -7.64 -31.32 -51.55
N THR F 125 -8.48 -32.34 -51.73
CA THR F 125 -9.78 -32.31 -51.07
C THR F 125 -10.05 -33.62 -50.33
N LEU F 126 -10.95 -33.57 -49.37
CA LEU F 126 -11.34 -34.73 -48.59
C LEU F 126 -12.70 -34.45 -47.97
N ASP F 127 -13.43 -35.52 -47.66
CA ASP F 127 -14.74 -35.36 -47.05
C ASP F 127 -14.54 -34.97 -45.57
N PHE F 128 -15.31 -34.01 -45.10
CA PHE F 128 -15.22 -33.53 -43.72
C PHE F 128 -15.50 -34.64 -42.71
N GLU F 129 -16.61 -35.34 -42.89
CA GLU F 129 -16.99 -36.41 -41.97
C GLU F 129 -16.09 -37.64 -42.07
N ASP F 130 -15.43 -37.82 -43.20
CA ASP F 130 -14.53 -38.95 -43.35
C ASP F 130 -13.29 -38.77 -42.48
N VAL F 131 -12.83 -37.54 -42.38
CA VAL F 131 -11.66 -37.22 -41.57
C VAL F 131 -12.00 -37.41 -40.10
N LEU F 132 -13.20 -36.99 -39.70
CA LEU F 132 -13.62 -37.13 -38.31
C LEU F 132 -13.84 -38.59 -37.90
N ARG F 133 -14.19 -39.45 -38.85
CA ARG F 133 -14.45 -40.86 -38.55
C ARG F 133 -13.27 -41.81 -38.73
N TYR F 134 -12.77 -41.93 -39.95
CA TYR F 134 -11.66 -42.85 -40.20
C TYR F 134 -10.26 -42.26 -40.06
N ASP F 135 -9.30 -43.08 -39.62
CA ASP F 135 -7.92 -42.61 -39.45
C ASP F 135 -7.19 -42.51 -40.76
N GLU F 136 -7.58 -43.37 -41.70
CA GLU F 136 -6.97 -43.38 -43.02
C GLU F 136 -7.06 -41.95 -43.57
N HIS F 137 -8.28 -41.42 -43.56
CA HIS F 137 -8.57 -40.07 -44.06
C HIS F 137 -8.02 -38.96 -43.13
N ALA F 138 -7.96 -39.22 -41.83
CA ALA F 138 -7.44 -38.24 -40.89
C ALA F 138 -5.93 -38.12 -41.12
N TYR F 139 -5.29 -39.25 -41.40
CA TYR F 139 -3.85 -39.30 -41.64
C TYR F 139 -3.48 -38.58 -42.93
N LYS F 140 -4.35 -38.69 -43.92
CA LYS F 140 -4.11 -38.06 -45.21
C LYS F 140 -4.27 -36.55 -45.06
N TRP F 141 -5.32 -36.15 -44.35
CA TRP F 141 -5.56 -34.74 -44.14
C TRP F 141 -4.31 -34.07 -43.55
N LEU F 142 -3.71 -34.70 -42.54
CA LEU F 142 -2.54 -34.13 -41.90
C LEU F 142 -1.24 -34.28 -42.69
N SER F 143 -1.01 -35.45 -43.27
CA SER F 143 0.21 -35.63 -44.03
C SER F 143 0.16 -34.71 -45.26
N THR F 144 -1.05 -34.47 -45.77
CA THR F 144 -1.17 -33.56 -46.92
C THR F 144 -1.02 -32.13 -46.42
N LEU F 145 -1.73 -31.80 -45.33
CA LEU F 145 -1.64 -30.46 -44.76
C LEU F 145 -0.18 -30.07 -44.50
N LYS F 146 0.60 -31.05 -44.09
CA LYS F 146 2.01 -30.80 -43.82
C LYS F 146 2.86 -30.74 -45.10
N LYS F 147 2.51 -31.57 -46.09
CA LYS F 147 3.27 -31.60 -47.34
C LYS F 147 2.97 -30.48 -48.32
N VAL F 148 1.69 -30.26 -48.62
CA VAL F 148 1.29 -29.21 -49.56
C VAL F 148 1.04 -27.89 -48.84
N GLY F 149 0.54 -27.95 -47.61
CA GLY F 149 0.31 -26.73 -46.87
C GLY F 149 -1.14 -26.27 -46.88
N ILE F 150 -2.01 -27.09 -47.46
CA ILE F 150 -3.41 -26.72 -47.54
C ILE F 150 -4.31 -27.87 -47.99
N VAL F 151 -5.48 -27.98 -47.39
CA VAL F 151 -6.43 -29.04 -47.74
C VAL F 151 -7.84 -28.51 -47.66
N ARG F 152 -8.68 -28.89 -48.63
CA ARG F 152 -10.07 -28.46 -48.61
C ARG F 152 -10.99 -29.62 -48.25
N LEU F 153 -11.67 -29.46 -47.12
CA LEU F 153 -12.62 -30.46 -46.63
C LEU F 153 -14.00 -30.05 -47.13
N THR F 154 -14.77 -31.02 -47.60
CA THR F 154 -16.10 -30.76 -48.12
C THR F 154 -17.14 -31.58 -47.36
N GLY F 155 -18.34 -31.04 -47.23
CA GLY F 155 -19.38 -31.77 -46.54
C GLY F 155 -19.57 -31.38 -45.09
N ALA F 156 -19.19 -30.15 -44.78
CA ALA F 156 -19.34 -29.67 -43.42
C ALA F 156 -20.73 -29.07 -43.26
N SER F 157 -21.26 -29.12 -42.06
CA SER F 157 -22.58 -28.59 -41.81
C SER F 157 -22.61 -27.07 -41.98
N ASP F 158 -23.82 -26.55 -42.12
CA ASP F 158 -24.05 -25.12 -42.28
C ASP F 158 -24.22 -24.53 -40.89
N LYS F 159 -23.87 -25.30 -39.88
CA LYS F 159 -23.97 -24.84 -38.50
C LYS F 159 -22.60 -24.65 -37.87
N PRO F 160 -22.45 -23.59 -37.05
CA PRO F 160 -21.19 -23.29 -36.36
C PRO F 160 -20.79 -24.44 -35.42
N GLY F 161 -19.49 -24.54 -35.15
CA GLY F 161 -19.02 -25.61 -34.27
C GLY F 161 -18.17 -26.66 -34.94
N GLU F 162 -18.27 -26.73 -36.27
CA GLU F 162 -17.52 -27.70 -37.07
C GLU F 162 -16.01 -27.62 -36.86
N VAL F 163 -15.47 -26.40 -36.83
CA VAL F 163 -14.03 -26.22 -36.62
C VAL F 163 -13.63 -26.73 -35.25
N SER F 164 -14.60 -26.81 -34.34
CA SER F 164 -14.34 -27.29 -32.99
C SER F 164 -14.08 -28.79 -33.06
N LYS F 165 -14.94 -29.48 -33.80
CA LYS F 165 -14.84 -30.93 -33.97
C LYS F 165 -13.49 -31.31 -34.61
N LEU F 166 -13.02 -30.48 -35.52
CA LEU F 166 -11.73 -30.73 -36.17
C LEU F 166 -10.63 -30.53 -35.16
N GLY F 167 -10.72 -29.43 -34.41
CA GLY F 167 -9.72 -29.15 -33.39
C GLY F 167 -9.64 -30.34 -32.47
N LYS F 168 -10.81 -30.85 -32.10
CA LYS F 168 -10.95 -32.00 -31.21
C LYS F 168 -10.35 -33.25 -31.85
N ARG F 169 -10.47 -33.36 -33.18
CA ARG F 169 -9.91 -34.51 -33.88
C ARG F 169 -8.40 -34.51 -33.61
N MET F 170 -7.71 -33.40 -33.90
CA MET F 170 -6.25 -33.26 -33.60
C MET F 170 -5.80 -33.33 -32.11
N GLY F 171 -6.32 -32.41 -31.30
CA GLY F 171 -6.16 -32.49 -29.85
C GLY F 171 -6.84 -31.33 -29.16
N PHE F 172 -6.57 -30.13 -29.63
CA PHE F 172 -7.16 -28.92 -29.08
C PHE F 172 -6.75 -27.65 -29.85
N LEU F 173 -7.70 -26.73 -29.99
CA LEU F 173 -7.45 -25.49 -30.71
C LEU F 173 -6.51 -24.56 -29.93
N TYR F 174 -5.81 -23.70 -30.65
CA TYR F 174 -4.85 -22.75 -30.08
C TYR F 174 -5.61 -21.50 -29.65
N LEU F 175 -5.95 -21.44 -28.36
CA LEU F 175 -6.70 -20.30 -27.83
C LEU F 175 -5.93 -19.00 -27.99
N THR F 176 -6.54 -18.05 -28.67
CA THR F 176 -5.92 -16.76 -28.92
C THR F 176 -6.76 -15.63 -28.32
N PHE F 177 -6.37 -14.39 -28.61
CA PHE F 177 -7.10 -13.23 -28.10
C PHE F 177 -8.46 -13.04 -28.76
N TYR F 178 -8.77 -13.88 -29.73
CA TYR F 178 -10.05 -13.80 -30.42
C TYR F 178 -10.90 -15.03 -30.09
N GLY F 179 -10.76 -15.51 -28.86
CA GLY F 179 -11.51 -16.68 -28.41
C GLY F 179 -10.97 -18.00 -28.96
N HIS F 180 -11.72 -19.07 -28.78
CA HIS F 180 -11.32 -20.39 -29.28
C HIS F 180 -11.53 -20.42 -30.79
N THR F 181 -12.65 -19.83 -31.22
CA THR F 181 -13.01 -19.77 -32.63
C THR F 181 -13.67 -18.43 -32.90
N TRP F 182 -13.21 -17.72 -33.92
CA TRP F 182 -13.78 -16.41 -34.27
C TRP F 182 -14.74 -16.51 -35.43
N GLN F 183 -15.59 -15.50 -35.56
CA GLN F 183 -16.57 -15.50 -36.64
C GLN F 183 -16.60 -14.22 -37.44
N VAL F 184 -16.81 -14.33 -38.74
CA VAL F 184 -16.89 -13.15 -39.58
C VAL F 184 -18.29 -13.09 -40.15
N GLN F 185 -18.84 -11.88 -40.20
CA GLN F 185 -20.19 -11.68 -40.71
C GLN F 185 -20.31 -10.39 -41.51
N ASP F 186 -20.17 -10.48 -42.82
CA ASP F 186 -20.28 -9.28 -43.64
C ASP F 186 -21.58 -9.22 -44.45
N LYS F 187 -22.28 -8.10 -44.37
CA LYS F 187 -23.53 -7.91 -45.11
C LYS F 187 -23.53 -6.56 -45.81
N ILE F 188 -23.68 -6.58 -47.14
CA ILE F 188 -23.72 -5.35 -47.92
C ILE F 188 -24.70 -5.48 -49.10
N ASP F 189 -25.92 -4.95 -48.93
CA ASP F 189 -26.94 -5.00 -49.97
C ASP F 189 -27.59 -3.62 -50.03
N ALA F 190 -26.77 -2.63 -50.36
CA ALA F 190 -27.24 -1.25 -50.43
C ALA F 190 -27.07 -0.55 -51.77
N ASN F 191 -28.15 -0.48 -52.53
CA ASN F 191 -28.13 0.23 -53.81
C ASN F 191 -28.44 1.67 -53.39
N ASN F 192 -28.34 2.63 -54.28
CA ASN F 192 -28.63 4.02 -53.92
C ASN F 192 -27.61 4.59 -52.92
N VAL F 193 -26.49 3.88 -52.76
CA VAL F 193 -25.40 4.28 -51.89
C VAL F 193 -24.12 3.94 -52.64
N ALA F 194 -23.29 4.95 -52.89
CA ALA F 194 -22.05 4.75 -53.62
C ALA F 194 -20.99 4.03 -52.81
N TYR F 195 -20.88 2.72 -52.96
CA TYR F 195 -19.87 1.97 -52.21
C TYR F 195 -18.97 1.17 -53.15
N THR F 196 -17.70 1.01 -52.76
CA THR F 196 -16.74 0.24 -53.55
C THR F 196 -15.92 -0.65 -52.61
N THR F 197 -15.84 -1.94 -52.91
CA THR F 197 -15.07 -2.87 -52.07
C THR F 197 -13.61 -2.95 -52.53
N GLY F 198 -12.73 -3.17 -51.56
CA GLY F 198 -11.32 -3.27 -51.86
C GLY F 198 -10.78 -4.64 -51.46
N LYS F 199 -9.89 -5.18 -52.28
CA LYS F 199 -9.25 -6.46 -52.02
C LYS F 199 -8.32 -6.32 -50.81
N LEU F 200 -7.75 -7.45 -50.38
CA LEU F 200 -6.79 -7.46 -49.27
C LEU F 200 -5.55 -8.20 -49.76
N SER F 201 -4.39 -7.62 -49.48
CA SER F 201 -3.13 -8.21 -49.90
C SER F 201 -2.81 -9.49 -49.14
N PHE F 202 -2.11 -10.39 -49.82
CA PHE F 202 -1.69 -11.65 -49.24
C PHE F 202 -1.11 -11.36 -47.86
N HIS F 203 -1.19 -12.34 -46.98
CA HIS F 203 -0.66 -12.13 -45.65
C HIS F 203 -0.83 -13.39 -44.81
N THR F 204 -0.06 -13.46 -43.73
CA THR F 204 -0.15 -14.57 -42.78
C THR F 204 -0.93 -13.96 -41.61
N ASP F 205 -1.56 -14.82 -40.81
CA ASP F 205 -2.35 -14.39 -39.67
C ASP F 205 -1.70 -14.32 -38.29
N TYR F 206 -1.88 -13.16 -37.65
CA TYR F 206 -1.38 -12.87 -36.31
C TYR F 206 0.12 -12.74 -36.15
N PRO F 207 0.77 -11.90 -36.94
CA PRO F 207 2.22 -11.80 -36.76
C PRO F 207 2.58 -11.01 -35.50
N ALA F 208 1.56 -10.59 -34.77
CA ALA F 208 1.75 -9.80 -33.54
C ALA F 208 2.19 -10.68 -32.35
N LEU F 209 1.78 -11.95 -32.37
CA LEU F 209 2.16 -12.85 -31.30
C LEU F 209 3.59 -13.27 -31.55
N HIS F 210 4.32 -13.56 -30.47
CA HIS F 210 5.67 -14.03 -30.72
C HIS F 210 5.64 -15.39 -31.38
N HIS F 211 4.58 -16.11 -31.06
CA HIS F 211 4.35 -17.43 -31.60
C HIS F 211 3.04 -17.39 -32.37
N PRO F 212 3.12 -17.10 -33.69
CA PRO F 212 1.96 -17.02 -34.58
C PRO F 212 1.28 -18.38 -34.72
N PRO F 213 -0.04 -18.38 -34.97
CA PRO F 213 -0.83 -19.60 -35.12
C PRO F 213 -0.23 -20.47 -36.23
N GLY F 214 0.14 -21.70 -35.91
CA GLY F 214 0.75 -22.57 -36.90
C GLY F 214 -0.17 -22.93 -38.06
N VAL F 215 -1.35 -23.42 -37.71
CA VAL F 215 -2.35 -23.86 -38.67
C VAL F 215 -3.63 -23.09 -38.52
N GLN F 216 -4.31 -22.82 -39.62
CA GLN F 216 -5.58 -22.11 -39.55
C GLN F 216 -6.70 -22.94 -40.17
N LEU F 217 -7.85 -22.98 -39.50
CA LEU F 217 -9.01 -23.71 -40.01
C LEU F 217 -10.12 -22.72 -40.25
N LEU F 218 -10.64 -22.66 -41.47
CA LEU F 218 -11.71 -21.73 -41.76
C LEU F 218 -12.95 -22.38 -42.34
N HIS F 219 -14.10 -22.16 -41.73
CA HIS F 219 -15.34 -22.76 -42.21
C HIS F 219 -16.27 -21.74 -42.86
N CYS F 220 -16.95 -22.20 -43.92
CA CYS F 220 -17.92 -21.40 -44.66
C CYS F 220 -19.31 -21.95 -44.36
N ILE F 221 -20.08 -21.17 -43.58
CA ILE F 221 -21.45 -21.52 -43.19
C ILE F 221 -22.41 -21.24 -44.36
N LYS F 222 -22.61 -19.97 -44.65
CA LYS F 222 -23.47 -19.54 -45.75
C LYS F 222 -22.78 -18.38 -46.43
N GLN F 223 -22.85 -18.33 -47.75
CA GLN F 223 -22.20 -17.24 -48.47
C GLN F 223 -22.96 -17.01 -49.77
N THR F 224 -23.30 -15.75 -50.00
CA THR F 224 -23.98 -15.37 -51.21
C THR F 224 -23.22 -14.14 -51.72
N VAL F 225 -22.28 -14.36 -52.64
CA VAL F 225 -21.50 -13.27 -53.20
C VAL F 225 -21.01 -13.64 -54.60
N THR F 226 -20.60 -12.63 -55.38
CA THR F 226 -20.06 -12.85 -56.73
C THR F 226 -18.70 -12.14 -56.83
N GLY F 227 -17.66 -12.90 -57.14
CA GLY F 227 -16.33 -12.32 -57.23
C GLY F 227 -15.65 -12.39 -55.86
N GLY F 228 -14.59 -11.61 -55.69
CA GLY F 228 -13.87 -11.60 -54.42
C GLY F 228 -13.44 -13.01 -54.05
N ASP F 229 -12.86 -13.72 -55.00
CA ASP F 229 -12.42 -15.09 -54.74
C ASP F 229 -11.17 -15.14 -53.86
N SER F 230 -10.99 -16.25 -53.16
CA SER F 230 -9.86 -16.45 -52.29
C SER F 230 -8.56 -16.64 -53.08
N GLU F 231 -7.47 -16.12 -52.54
CA GLU F 231 -6.18 -16.27 -53.18
C GLU F 231 -5.12 -16.71 -52.17
N ILE F 232 -4.30 -17.69 -52.57
CA ILE F 232 -3.24 -18.19 -51.72
C ILE F 232 -1.95 -18.32 -52.52
N VAL F 233 -0.82 -18.17 -51.83
CA VAL F 233 0.51 -18.31 -52.45
C VAL F 233 1.37 -19.16 -51.54
N ASP F 234 2.13 -20.07 -52.14
CA ASP F 234 3.03 -20.93 -51.38
C ASP F 234 4.23 -20.07 -51.00
N GLY F 235 4.14 -19.45 -49.83
CA GLY F 235 5.21 -18.61 -49.34
C GLY F 235 6.60 -19.19 -49.53
N PHE F 236 6.75 -20.48 -49.21
CA PHE F 236 8.02 -21.17 -49.33
C PHE F 236 8.57 -21.22 -50.74
N ASN F 237 7.67 -21.35 -51.73
CA ASN F 237 8.05 -21.40 -53.14
C ASN F 237 8.33 -19.97 -53.57
N VAL F 238 7.69 -19.03 -52.89
CA VAL F 238 7.92 -17.66 -53.26
C VAL F 238 9.30 -17.19 -52.82
N CYS F 239 9.65 -17.43 -51.56
CA CYS F 239 10.95 -17.02 -51.06
C CYS F 239 12.09 -17.68 -51.84
N GLN F 240 11.85 -18.87 -52.36
CA GLN F 240 12.85 -19.56 -53.17
C GLN F 240 13.05 -18.78 -54.48
N LYS F 241 11.94 -18.39 -55.12
CA LYS F 241 11.98 -17.60 -56.36
C LYS F 241 12.63 -16.24 -56.13
N LEU F 242 12.23 -15.57 -55.06
CA LEU F 242 12.79 -14.25 -54.74
C LEU F 242 14.30 -14.35 -54.52
N LYS F 243 14.74 -15.41 -53.85
CA LYS F 243 16.16 -15.60 -53.58
C LYS F 243 16.95 -15.71 -54.87
N LYS F 244 16.30 -16.18 -55.93
CA LYS F 244 16.95 -16.36 -57.21
C LYS F 244 17.07 -15.05 -58.01
N ASN F 245 15.94 -14.45 -58.36
CA ASN F 245 15.93 -13.21 -59.15
C ASN F 245 16.34 -11.93 -58.41
N ASN F 246 15.82 -11.75 -57.19
CA ASN F 246 16.13 -10.56 -56.40
C ASN F 246 16.76 -10.92 -55.05
N PRO F 247 18.01 -11.40 -55.08
CA PRO F 247 18.75 -11.82 -53.89
C PRO F 247 18.99 -10.72 -52.86
N GLN F 248 19.24 -9.51 -53.34
CA GLN F 248 19.47 -8.37 -52.46
C GLN F 248 18.27 -8.25 -51.53
N ALA F 249 17.08 -8.35 -52.13
CA ALA F 249 15.84 -8.26 -51.39
C ALA F 249 15.68 -9.43 -50.40
N PHE F 250 16.06 -10.62 -50.85
CA PHE F 250 15.96 -11.81 -50.03
C PHE F 250 16.78 -11.69 -48.74
N GLN F 251 17.88 -10.95 -48.82
CA GLN F 251 18.75 -10.72 -47.67
C GLN F 251 18.11 -9.73 -46.71
N ILE F 252 17.61 -8.64 -47.26
CA ILE F 252 16.96 -7.57 -46.49
C ILE F 252 15.71 -8.05 -45.74
N LEU F 253 14.92 -8.90 -46.42
CA LEU F 253 13.68 -9.45 -45.88
C LEU F 253 13.85 -10.57 -44.83
N SER F 254 15.09 -11.07 -44.72
CA SER F 254 15.40 -12.13 -43.75
C SER F 254 16.31 -11.64 -42.63
N SER F 255 16.81 -10.41 -42.76
CA SER F 255 17.70 -9.83 -41.75
C SER F 255 17.04 -8.72 -40.92
N THR F 256 16.17 -7.94 -41.56
CA THR F 256 15.48 -6.86 -40.87
C THR F 256 14.38 -7.37 -39.94
N PHE F 257 14.32 -6.78 -38.74
CA PHE F 257 13.33 -7.14 -37.71
C PHE F 257 12.18 -6.14 -37.67
N VAL F 258 11.11 -6.48 -38.36
CA VAL F 258 9.94 -5.62 -38.44
C VAL F 258 9.08 -5.71 -37.17
N ASP F 259 8.47 -4.60 -36.79
CA ASP F 259 7.64 -4.59 -35.61
C ASP F 259 6.19 -4.72 -36.03
N PHE F 260 5.41 -5.49 -35.26
CA PHE F 260 4.00 -5.71 -35.55
C PHE F 260 3.23 -5.42 -34.28
N THR F 261 1.95 -5.08 -34.41
CA THR F 261 1.11 -4.82 -33.25
C THR F 261 -0.36 -5.07 -33.51
N ASP F 262 -1.15 -5.13 -32.43
CA ASP F 262 -2.61 -5.33 -32.52
C ASP F 262 -3.28 -5.06 -31.18
N ILE F 263 -4.16 -4.06 -31.15
CA ILE F 263 -4.86 -3.68 -29.92
C ILE F 263 -6.36 -3.70 -30.09
N GLY F 264 -7.08 -4.06 -29.02
CA GLY F 264 -8.53 -4.12 -29.09
C GLY F 264 -9.14 -4.86 -27.93
N VAL F 265 -10.35 -5.39 -28.13
CA VAL F 265 -11.06 -6.14 -27.09
C VAL F 265 -11.95 -7.19 -27.76
N ASP F 266 -11.71 -8.46 -27.48
CA ASP F 266 -12.55 -9.53 -28.04
C ASP F 266 -12.95 -10.53 -26.96
N TYR F 267 -12.05 -11.48 -26.74
CA TYR F 267 -12.18 -12.41 -25.63
C TYR F 267 -11.96 -11.60 -24.36
N CYS F 268 -11.01 -10.67 -24.42
CA CYS F 268 -10.72 -9.80 -23.30
C CYS F 268 -9.87 -8.65 -23.84
N ASP F 269 -9.78 -7.57 -23.09
CA ASP F 269 -8.98 -6.43 -23.54
C ASP F 269 -7.51 -6.85 -23.68
N PHE F 270 -6.83 -6.27 -24.65
CA PHE F 270 -5.43 -6.61 -24.89
C PHE F 270 -4.65 -5.54 -25.63
N SER F 271 -3.39 -5.84 -25.89
CA SER F 271 -2.46 -4.98 -26.61
C SER F 271 -1.24 -5.87 -26.74
N VAL F 272 -0.78 -6.04 -27.97
CA VAL F 272 0.37 -6.90 -28.22
C VAL F 272 1.42 -6.19 -29.06
N GLN F 273 2.63 -6.73 -29.03
CA GLN F 273 3.77 -6.19 -29.76
C GLN F 273 4.75 -7.34 -30.03
N SER F 274 5.52 -7.26 -31.10
CA SER F 274 6.48 -8.32 -31.40
C SER F 274 7.44 -7.96 -32.53
N LYS F 275 8.63 -8.54 -32.50
CA LYS F 275 9.62 -8.30 -33.55
C LYS F 275 9.69 -9.60 -34.33
N HIS F 276 9.68 -9.49 -35.65
CA HIS F 276 9.73 -10.65 -36.50
C HIS F 276 10.41 -10.30 -37.79
N LYS F 277 10.90 -11.33 -38.47
CA LYS F 277 11.51 -11.16 -39.76
C LYS F 277 10.47 -11.72 -40.74
N ILE F 278 10.18 -10.99 -41.79
CA ILE F 278 9.19 -11.43 -42.78
C ILE F 278 9.51 -12.85 -43.22
N ILE F 279 10.78 -13.12 -43.48
CA ILE F 279 11.25 -14.43 -43.90
C ILE F 279 12.15 -15.05 -42.82
N GLU F 280 11.62 -16.00 -42.06
CA GLU F 280 12.37 -16.67 -41.00
C GLU F 280 13.15 -17.90 -41.47
N LEU F 281 14.48 -17.79 -41.48
CA LEU F 281 15.32 -18.91 -41.89
C LEU F 281 15.77 -19.66 -40.64
N ASP F 282 16.09 -20.94 -40.80
CA ASP F 282 16.58 -21.70 -39.66
C ASP F 282 18.08 -21.43 -39.65
N ASP F 283 18.82 -22.17 -38.84
CA ASP F 283 20.25 -21.98 -38.76
C ASP F 283 21.00 -22.74 -39.85
N LYS F 284 20.32 -23.09 -40.92
CA LYS F 284 20.94 -23.83 -42.02
C LYS F 284 20.69 -23.11 -43.35
N GLY F 285 19.81 -22.11 -43.32
CA GLY F 285 19.52 -21.35 -44.53
C GLY F 285 18.19 -21.69 -45.18
N GLN F 286 17.35 -22.45 -44.49
CA GLN F 286 16.03 -22.85 -45.00
C GLN F 286 14.89 -22.04 -44.37
N VAL F 287 13.99 -21.55 -45.22
CA VAL F 287 12.85 -20.76 -44.75
C VAL F 287 11.89 -21.64 -43.97
N VAL F 288 11.67 -21.31 -42.70
CA VAL F 288 10.76 -22.10 -41.87
C VAL F 288 9.44 -21.43 -41.56
N ARG F 289 9.42 -20.10 -41.64
CA ARG F 289 8.19 -19.37 -41.36
C ARG F 289 8.21 -18.00 -42.03
N ILE F 290 7.02 -17.49 -42.32
CA ILE F 290 6.89 -16.18 -42.92
C ILE F 290 5.97 -15.37 -42.03
N ASN F 291 6.44 -14.20 -41.60
CA ASN F 291 5.64 -13.34 -40.73
C ASN F 291 5.29 -12.07 -41.48
N PHE F 292 4.04 -11.96 -41.92
CA PHE F 292 3.64 -10.78 -42.68
C PHE F 292 2.16 -10.46 -42.68
N ASN F 293 1.84 -9.22 -42.35
CA ASN F 293 0.48 -8.72 -42.31
C ASN F 293 0.60 -7.20 -42.31
N ASN F 294 0.66 -6.62 -43.52
CA ASN F 294 0.82 -5.19 -43.69
C ASN F 294 -0.12 -4.39 -42.81
N ALA F 295 -1.31 -4.93 -42.59
CA ALA F 295 -2.29 -4.24 -41.77
C ALA F 295 -1.81 -4.06 -40.32
N THR F 296 -1.24 -5.09 -39.72
CA THR F 296 -0.79 -5.00 -38.32
C THR F 296 0.67 -4.59 -38.10
N ARG F 297 1.37 -4.25 -39.17
CA ARG F 297 2.75 -3.82 -39.06
C ARG F 297 2.73 -2.49 -38.34
N ASP F 298 3.50 -2.36 -37.28
CA ASP F 298 3.49 -1.10 -36.54
C ASP F 298 4.17 0.05 -37.27
N THR F 299 3.77 1.28 -36.92
CA THR F 299 4.33 2.50 -37.51
C THR F 299 5.77 2.70 -37.02
N ILE F 300 6.10 2.18 -35.84
CA ILE F 300 7.48 2.30 -35.33
C ILE F 300 8.33 1.25 -36.03
N PHE F 301 9.53 1.65 -36.45
CA PHE F 301 10.36 0.71 -37.14
C PHE F 301 11.78 0.75 -36.63
N ASP F 302 12.09 -0.08 -35.64
CA ASP F 302 13.41 -0.12 -35.03
C ASP F 302 14.51 -0.58 -36.00
N VAL F 303 15.08 0.37 -36.72
CA VAL F 303 16.14 0.11 -37.68
C VAL F 303 16.75 1.43 -38.19
N PRO F 304 18.09 1.47 -38.32
CA PRO F 304 18.79 2.67 -38.81
C PRO F 304 18.14 3.27 -40.07
N VAL F 305 18.19 4.60 -40.19
CA VAL F 305 17.59 5.30 -41.33
C VAL F 305 18.07 4.75 -42.68
N GLU F 306 19.36 4.47 -42.78
CA GLU F 306 19.97 3.95 -44.01
C GLU F 306 19.46 2.56 -44.38
N ARG F 307 18.51 2.05 -43.62
CA ARG F 307 17.95 0.73 -43.91
C ARG F 307 16.45 0.81 -44.23
N VAL F 308 15.85 1.99 -44.04
CA VAL F 308 14.42 2.20 -44.31
C VAL F 308 14.07 2.16 -45.81
N GLN F 309 14.84 2.86 -46.63
CA GLN F 309 14.60 2.89 -48.07
C GLN F 309 14.82 1.50 -48.66
N PRO F 310 16.01 0.90 -48.43
CA PRO F 310 16.34 -0.44 -48.95
C PRO F 310 15.29 -1.50 -48.59
N PHE F 311 14.78 -1.43 -47.36
CA PHE F 311 13.77 -2.37 -46.89
C PHE F 311 12.52 -2.32 -47.74
N TYR F 312 11.87 -1.17 -47.78
CA TYR F 312 10.65 -1.01 -48.57
C TYR F 312 10.86 -1.48 -50.01
N ALA F 313 12.03 -1.23 -50.57
CA ALA F 313 12.31 -1.66 -51.93
C ALA F 313 12.14 -3.19 -51.96
N ALA F 314 12.71 -3.86 -50.94
CA ALA F 314 12.65 -5.32 -50.82
C ALA F 314 11.23 -5.81 -50.51
N LEU F 315 10.52 -5.04 -49.69
CA LEU F 315 9.17 -5.43 -49.33
C LEU F 315 8.26 -5.28 -50.54
N LYS F 316 8.53 -4.28 -51.37
CA LYS F 316 7.70 -4.08 -52.55
C LYS F 316 7.91 -5.19 -53.57
N GLU F 317 9.13 -5.71 -53.64
CA GLU F 317 9.50 -6.80 -54.55
C GLU F 317 8.80 -8.11 -54.15
N PHE F 318 8.92 -8.44 -52.87
CA PHE F 318 8.33 -9.63 -52.31
C PHE F 318 6.83 -9.68 -52.61
N VAL F 319 6.13 -8.57 -52.36
CA VAL F 319 4.69 -8.51 -52.59
C VAL F 319 4.35 -8.61 -54.07
N ASP F 320 5.27 -8.14 -54.91
CA ASP F 320 5.06 -8.20 -56.35
C ASP F 320 5.22 -9.63 -56.83
N LEU F 321 6.19 -10.35 -56.27
CA LEU F 321 6.39 -11.72 -56.69
C LEU F 321 5.14 -12.52 -56.38
N MET F 322 4.44 -12.16 -55.31
CA MET F 322 3.23 -12.90 -54.93
C MET F 322 2.02 -12.57 -55.80
N ASN F 323 1.90 -11.31 -56.20
CA ASN F 323 0.78 -10.89 -57.03
C ASN F 323 0.79 -11.48 -58.43
N SER F 324 1.98 -11.75 -58.96
CA SER F 324 2.07 -12.33 -60.29
C SER F 324 1.23 -13.59 -60.32
N LYS F 325 0.53 -13.80 -61.43
CA LYS F 325 -0.32 -14.96 -61.58
C LYS F 325 0.44 -16.29 -61.54
N GLU F 326 1.73 -16.24 -61.85
CA GLU F 326 2.54 -17.46 -61.87
C GLU F 326 2.72 -18.14 -60.51
N SER F 327 2.62 -17.38 -59.43
CA SER F 327 2.80 -17.95 -58.10
C SER F 327 1.57 -17.95 -57.20
N LYS F 328 0.45 -17.43 -57.69
CA LYS F 328 -0.73 -17.44 -56.84
C LYS F 328 -1.81 -18.37 -57.36
N PHE F 329 -2.55 -18.94 -56.43
CA PHE F 329 -3.63 -19.84 -56.77
C PHE F 329 -4.93 -19.21 -56.28
N THR F 330 -5.93 -19.23 -57.13
CA THR F 330 -7.21 -18.66 -56.79
C THR F 330 -8.28 -19.76 -56.71
N PHE F 331 -9.30 -19.54 -55.88
CA PHE F 331 -10.37 -20.52 -55.74
C PHE F 331 -11.58 -19.94 -55.02
N LYS F 332 -12.72 -20.59 -55.20
CA LYS F 332 -13.96 -20.14 -54.61
C LYS F 332 -14.40 -21.02 -53.45
N MET F 333 -14.81 -20.38 -52.35
CA MET F 333 -15.28 -21.12 -51.20
C MET F 333 -16.76 -21.35 -51.31
N ASN F 334 -17.17 -22.57 -51.03
CA ASN F 334 -18.58 -22.96 -51.09
C ASN F 334 -19.06 -23.36 -49.72
N PRO F 335 -20.31 -23.03 -49.36
CA PRO F 335 -20.82 -23.40 -48.06
C PRO F 335 -20.46 -24.85 -47.73
N GLY F 336 -20.07 -25.13 -46.49
CA GLY F 336 -19.72 -26.49 -46.11
C GLY F 336 -18.28 -26.89 -46.38
N ASP F 337 -17.50 -25.90 -46.78
CA ASP F 337 -16.09 -26.08 -47.09
C ASP F 337 -15.31 -25.57 -45.88
N VAL F 338 -14.38 -26.38 -45.39
CA VAL F 338 -13.53 -25.97 -44.28
C VAL F 338 -12.10 -26.02 -44.84
N ILE F 339 -11.55 -24.84 -45.13
CA ILE F 339 -10.20 -24.72 -45.66
C ILE F 339 -9.25 -24.79 -44.49
N THR F 340 -8.28 -25.68 -44.57
CA THR F 340 -7.33 -25.80 -43.48
C THR F 340 -5.96 -25.65 -44.12
N PHE F 341 -5.11 -24.79 -43.57
CA PHE F 341 -3.82 -24.61 -44.20
C PHE F 341 -2.67 -24.23 -43.27
N ASP F 342 -1.46 -24.25 -43.83
CA ASP F 342 -0.26 -23.90 -43.11
C ASP F 342 -0.20 -22.38 -43.02
N ASN F 343 -0.49 -21.82 -41.86
CA ASN F 343 -0.44 -20.35 -41.73
C ASN F 343 1.00 -19.87 -41.72
N TRP F 344 1.91 -20.73 -41.35
CA TRP F 344 3.31 -20.36 -41.32
C TRP F 344 3.91 -20.34 -42.73
N ARG F 345 3.34 -21.17 -43.60
CA ARG F 345 3.84 -21.28 -44.95
C ARG F 345 3.20 -20.40 -46.02
N LEU F 346 1.89 -20.52 -46.23
CA LEU F 346 1.30 -19.70 -47.26
C LEU F 346 0.65 -18.44 -46.75
N LEU F 347 0.53 -17.47 -47.64
CA LEU F 347 -0.12 -16.21 -47.31
C LEU F 347 -1.47 -16.25 -48.03
N HIS F 348 -2.49 -15.65 -47.43
CA HIS F 348 -3.79 -15.64 -48.06
C HIS F 348 -4.33 -14.22 -48.21
N GLY F 349 -5.21 -14.05 -49.19
CA GLY F 349 -5.81 -12.76 -49.45
C GLY F 349 -7.13 -12.99 -50.17
N ARG F 350 -7.63 -11.98 -50.88
CA ARG F 350 -8.91 -12.10 -51.60
C ARG F 350 -9.13 -11.02 -52.65
N ARG F 351 -9.66 -11.42 -53.80
CA ARG F 351 -9.95 -10.47 -54.89
C ARG F 351 -11.06 -9.50 -54.49
N SER F 352 -11.10 -8.34 -55.12
CA SER F 352 -12.15 -7.38 -54.80
C SER F 352 -13.45 -7.92 -55.35
N TYR F 353 -14.55 -7.59 -54.67
CA TYR F 353 -15.87 -8.02 -55.08
C TYR F 353 -16.38 -7.15 -56.21
N GLU F 354 -17.19 -7.73 -57.09
CA GLU F 354 -17.77 -7.01 -58.22
C GLU F 354 -18.45 -5.73 -57.71
N ALA F 355 -18.31 -4.66 -58.47
CA ALA F 355 -18.90 -3.38 -58.09
C ALA F 355 -20.41 -3.48 -57.92
N GLY F 356 -20.92 -2.82 -56.88
CA GLY F 356 -22.34 -2.79 -56.59
C GLY F 356 -23.11 -4.11 -56.56
N THR F 357 -22.51 -5.16 -56.03
CA THR F 357 -23.17 -6.47 -55.93
C THR F 357 -23.39 -6.88 -54.47
N GLU F 358 -24.46 -7.62 -54.21
CA GLU F 358 -24.76 -8.03 -52.85
C GLU F 358 -23.68 -8.99 -52.40
N ILE F 359 -23.25 -8.84 -51.16
CA ILE F 359 -22.23 -9.71 -50.61
C ILE F 359 -22.53 -10.06 -49.18
N SER F 360 -23.08 -11.26 -48.97
CA SER F 360 -23.42 -11.76 -47.65
C SER F 360 -22.40 -12.86 -47.33
N ARG F 361 -21.85 -12.83 -46.12
CA ARG F 361 -20.84 -13.81 -45.73
C ARG F 361 -20.87 -14.18 -44.24
N HIS F 362 -20.71 -15.47 -43.96
CA HIS F 362 -20.69 -15.93 -42.58
C HIS F 362 -19.64 -17.03 -42.48
N LEU F 363 -18.48 -16.70 -41.92
CA LEU F 363 -17.41 -17.69 -41.80
C LEU F 363 -16.96 -17.87 -40.35
N GLU F 364 -16.55 -19.09 -40.01
CA GLU F 364 -16.06 -19.34 -38.66
C GLU F 364 -14.65 -19.93 -38.70
N GLY F 365 -13.74 -19.28 -37.98
CA GLY F 365 -12.37 -19.73 -37.94
C GLY F 365 -11.83 -20.16 -36.58
N ALA F 366 -10.61 -20.70 -36.60
CA ALA F 366 -9.91 -21.18 -35.42
C ALA F 366 -8.47 -21.46 -35.81
N TYR F 367 -7.55 -21.30 -34.87
CA TYR F 367 -6.14 -21.59 -35.11
C TYR F 367 -5.77 -22.88 -34.39
N ALA F 368 -4.56 -23.37 -34.66
CA ALA F 368 -4.05 -24.58 -34.04
C ALA F 368 -2.53 -24.55 -34.07
N ASP F 369 -1.90 -25.10 -33.03
CA ASP F 369 -0.45 -25.13 -32.91
C ASP F 369 0.07 -26.31 -33.72
N TRP F 370 1.24 -26.10 -34.32
CA TRP F 370 1.91 -27.11 -35.13
C TRP F 370 2.37 -28.32 -34.33
N ASP F 371 2.72 -28.12 -33.07
CA ASP F 371 3.16 -29.23 -32.26
C ASP F 371 2.01 -30.17 -31.97
N VAL F 372 0.81 -29.65 -31.90
CA VAL F 372 -0.31 -30.53 -31.64
C VAL F 372 -0.61 -31.35 -32.89
N VAL F 373 -0.55 -30.70 -34.04
CA VAL F 373 -0.78 -31.35 -35.31
C VAL F 373 0.31 -32.38 -35.65
N MET F 374 1.56 -32.07 -35.31
CA MET F 374 2.67 -33.00 -35.56
C MET F 374 2.49 -34.18 -34.63
N SER F 375 2.10 -33.89 -33.39
CA SER F 375 1.88 -34.96 -32.41
C SER F 375 0.83 -35.95 -32.92
N ARG F 376 -0.27 -35.43 -33.47
CA ARG F 376 -1.33 -36.28 -34.00
C ARG F 376 -0.88 -37.00 -35.28
N LEU F 377 -0.04 -36.33 -36.06
CA LEU F 377 0.49 -36.91 -37.29
C LEU F 377 1.30 -38.16 -36.91
N ARG F 378 2.31 -37.95 -36.06
CA ARG F 378 3.18 -39.04 -35.61
C ARG F 378 2.38 -40.27 -35.18
N ILE F 379 1.38 -40.06 -34.34
CA ILE F 379 0.52 -41.12 -33.82
C ILE F 379 -0.24 -41.79 -34.97
N LEU F 380 -0.67 -40.99 -35.95
CA LEU F 380 -1.43 -41.54 -37.06
C LEU F 380 -0.59 -42.28 -38.09
N ARG F 381 0.67 -41.92 -38.28
CA ARG F 381 1.47 -42.62 -39.28
C ARG F 381 1.72 -44.03 -38.81
N GLN F 382 1.48 -44.26 -37.53
CA GLN F 382 1.69 -45.58 -36.97
C GLN F 382 0.41 -46.42 -36.98
N ARG F 383 -0.71 -45.79 -36.69
CA ARG F 383 -2.01 -46.48 -36.67
C ARG F 383 -2.52 -46.78 -38.08
N VAL F 384 -1.84 -46.24 -39.09
CA VAL F 384 -2.28 -46.46 -40.47
C VAL F 384 -1.24 -47.24 -41.26
N GLU F 385 0.02 -46.85 -41.12
CA GLU F 385 1.12 -47.50 -41.83
C GLU F 385 2.47 -47.08 -41.26
#